data_9IJB
#
_entry.id   9IJB
#
_cell.length_a   95.991
_cell.length_b   107.246
_cell.length_c   137.023
_cell.angle_alpha   90.000
_cell.angle_beta   90.000
_cell.angle_gamma   90.000
#
_symmetry.space_group_name_H-M   'P 21 21 21'
#
loop_
_entity.id
_entity.type
_entity.pdbx_description
1 polymer '6-phosphogluconate dehydrogenase, NAD(+)-dependent, decarboxylating'
2 water water
#
_entity_poly.entity_id   1
_entity_poly.type   'polypeptide(L)'
_entity_poly.pdbx_seq_one_letter_code
;MQLGMIGLGRMGANIVRRLAKGGHDCVVYDHDPDAVKAMAGEDRTTGVASLRELSQRLSAPRVVWVMVPAGNITTAVIEE
LANTLEAGDIVIDGGNTYYRDDLRHEKLLFKKGIHLLDCGTSGGVWGRERGYCLMIGGDGDAFARAEPIFATVAPGVAAA
PRTPGRDGEVAPSEQGYLHCGPCGSGHFVKMVHNGIEYGMMASLAEGLNILRNADVGTRVQHGDAETAPLPNPECYQYDF
DIPEVAEVWRRGSVIGSWLLDLTAIALRESPDLAEFSGRVSDSGEGRWTAIAAIDEGVPAPVLTTALQSRFASRDLDDFA
NKALSAMRKQFGGHAEKPAN
;
_entity_poly.pdbx_strand_id   A,B,C,D
#
# COMPACT_ATOMS: atom_id res chain seq x y z
N MET A 1 -40.68 26.97 -3.93
CA MET A 1 -41.77 26.01 -3.92
C MET A 1 -41.88 25.30 -2.56
N GLN A 2 -42.59 24.17 -2.53
CA GLN A 2 -43.06 23.55 -1.29
C GLN A 2 -42.46 22.17 -1.10
N LEU A 3 -42.01 21.88 0.12
CA LEU A 3 -41.14 20.74 0.38
C LEU A 3 -41.39 20.19 1.78
N GLY A 4 -41.22 18.88 1.91
CA GLY A 4 -41.34 18.21 3.20
C GLY A 4 -40.03 17.53 3.58
N MET A 5 -39.71 17.55 4.86
CA MET A 5 -38.45 16.98 5.34
C MET A 5 -38.72 16.02 6.49
N ILE A 6 -38.45 14.75 6.26
CA ILE A 6 -38.51 13.74 7.31
C ILE A 6 -37.13 13.59 7.93
N GLY A 7 -37.01 13.83 9.22
CA GLY A 7 -35.72 13.69 9.85
C GLY A 7 -35.10 15.05 9.98
N LEU A 8 -34.83 15.43 11.21
CA LEU A 8 -34.26 16.72 11.49
C LEU A 8 -33.07 16.57 12.39
N GLY A 9 -31.99 16.08 11.80
CA GLY A 9 -30.74 15.89 12.49
C GLY A 9 -29.92 17.10 12.15
N ARG A 10 -28.69 17.14 12.64
CA ARG A 10 -27.83 18.29 12.36
C ARG A 10 -27.84 18.66 10.88
N MET A 11 -28.11 17.70 10.00
CA MET A 11 -28.13 17.96 8.57
C MET A 11 -29.55 18.14 8.04
N GLY A 12 -30.48 17.27 8.43
CA GLY A 12 -31.87 17.48 8.04
C GLY A 12 -32.32 18.90 8.34
N ALA A 13 -31.97 19.39 9.53
CA ALA A 13 -32.41 20.71 9.97
C ALA A 13 -31.76 21.83 9.16
N ASN A 14 -30.44 21.78 8.96
CA ASN A 14 -29.80 22.92 8.32
C ASN A 14 -30.20 23.06 6.85
N ILE A 15 -30.79 22.02 6.25
CA ILE A 15 -31.29 22.17 4.89
C ILE A 15 -32.64 22.87 4.88
N VAL A 16 -33.53 22.52 5.80
CA VAL A 16 -34.82 23.22 5.85
C VAL A 16 -34.62 24.69 6.20
N ARG A 17 -33.59 25.03 7.01
CA ARG A 17 -33.34 26.45 7.28
C ARG A 17 -32.74 27.14 6.06
N ARG A 18 -31.71 26.56 5.45
CA ARG A 18 -31.16 27.11 4.22
C ARG A 18 -32.23 27.23 3.14
N LEU A 19 -33.23 26.34 3.14
CA LEU A 19 -34.33 26.40 2.17
C LEU A 19 -35.36 27.47 2.53
N ALA A 20 -35.72 27.55 3.82
CA ALA A 20 -36.68 28.56 4.24
C ALA A 20 -36.07 29.93 3.97
N LYS A 21 -34.76 30.06 4.19
CA LYS A 21 -34.09 31.31 3.84
C LYS A 21 -34.12 31.55 2.33
N GLY A 22 -34.02 30.50 1.52
CA GLY A 22 -34.15 30.59 0.08
C GLY A 22 -35.54 30.73 -0.50
N GLY A 23 -36.55 30.94 0.33
CA GLY A 23 -37.91 31.17 -0.12
C GLY A 23 -38.76 29.96 -0.44
N HIS A 24 -38.59 28.85 0.28
CA HIS A 24 -39.40 27.66 0.07
C HIS A 24 -40.21 27.31 1.31
N ASP A 25 -41.36 26.68 1.09
CA ASP A 25 -42.25 26.27 2.15
C ASP A 25 -41.90 24.86 2.62
N CYS A 26 -41.50 24.74 3.88
CA CYS A 26 -41.00 23.50 4.45
C CYS A 26 -42.00 22.91 5.44
N VAL A 27 -42.09 21.59 5.48
CA VAL A 27 -42.95 20.86 6.42
C VAL A 27 -42.00 19.86 7.03
N VAL A 28 -42.14 19.52 8.31
CA VAL A 28 -41.15 18.62 8.87
C VAL A 28 -41.56 17.67 10.00
N TYR A 29 -40.84 16.54 10.15
CA TYR A 29 -41.07 15.57 11.23
C TYR A 29 -39.82 14.78 11.62
N ASP A 30 -39.60 14.55 12.90
CA ASP A 30 -38.55 13.71 13.42
C ASP A 30 -39.30 12.98 14.50
N HIS A 31 -38.96 11.74 14.81
CA HIS A 31 -39.72 11.03 15.82
C HIS A 31 -39.78 11.78 17.13
N ASP A 32 -38.66 12.35 17.54
CA ASP A 32 -38.55 13.11 18.77
C ASP A 32 -39.20 14.48 18.65
N PRO A 33 -40.32 14.75 19.33
CA PRO A 33 -41.07 15.97 19.04
C PRO A 33 -40.46 17.16 19.78
N ASP A 34 -39.39 16.99 20.57
CA ASP A 34 -38.70 18.19 21.02
C ASP A 34 -37.85 18.77 19.89
N ALA A 35 -37.42 17.91 18.97
CA ALA A 35 -36.77 18.39 17.76
C ALA A 35 -37.75 18.83 16.67
N VAL A 36 -38.99 18.31 16.70
CA VAL A 36 -39.99 18.81 15.77
C VAL A 36 -40.49 20.18 16.17
N LYS A 37 -40.43 20.51 17.47
CA LYS A 37 -40.86 21.83 17.90
C LYS A 37 -39.73 22.83 17.81
N ALA A 38 -38.48 22.36 17.89
CA ALA A 38 -37.34 23.22 17.63
C ALA A 38 -37.55 24.05 16.36
N MET A 39 -37.79 23.42 15.24
CA MET A 39 -38.02 24.22 14.08
C MET A 39 -39.32 25.00 14.11
N ALA A 40 -40.40 24.38 14.58
CA ALA A 40 -41.68 25.07 14.52
C ALA A 40 -41.43 26.53 14.74
N GLY A 41 -40.44 26.88 15.55
CA GLY A 41 -40.16 28.28 15.76
C GLY A 41 -39.75 29.08 14.54
N GLU A 42 -38.93 28.53 13.67
CA GLU A 42 -38.44 29.27 12.50
C GLU A 42 -39.36 29.50 11.33
N ASP A 43 -38.88 30.29 10.40
CA ASP A 43 -39.62 30.64 9.20
C ASP A 43 -39.98 29.35 8.47
N ARG A 44 -41.24 29.21 8.12
CA ARG A 44 -41.76 28.05 7.41
C ARG A 44 -41.43 26.74 8.10
N THR A 45 -41.34 26.79 9.41
CA THR A 45 -41.04 25.59 10.11
C THR A 45 -42.17 24.66 9.77
N THR A 46 -43.40 25.11 9.93
CA THR A 46 -44.54 24.26 9.58
C THR A 46 -44.39 22.86 10.19
N GLY A 47 -44.16 22.78 11.49
CA GLY A 47 -43.94 21.51 12.14
C GLY A 47 -45.13 20.60 11.98
N VAL A 48 -44.89 19.29 12.09
CA VAL A 48 -45.92 18.27 11.95
C VAL A 48 -45.49 16.96 12.61
N ALA A 49 -46.46 16.12 12.97
CA ALA A 49 -46.16 14.84 13.61
C ALA A 49 -46.71 13.58 12.92
N SER A 50 -47.03 13.64 11.63
CA SER A 50 -47.59 12.48 10.98
C SER A 50 -47.12 12.32 9.56
N LEU A 51 -46.93 11.08 9.17
CA LEU A 51 -46.56 10.79 7.81
C LEU A 51 -47.77 11.15 6.95
N ARG A 52 -48.94 10.86 7.46
CA ARG A 52 -50.18 11.12 6.78
C ARG A 52 -50.38 12.61 6.90
N GLU A 53 -50.15 13.11 8.10
CA GLU A 53 -50.26 14.53 8.39
C GLU A 53 -49.46 15.26 7.35
N LEU A 54 -48.20 14.86 7.25
CA LEU A 54 -47.27 15.46 6.31
C LEU A 54 -47.81 15.41 4.93
N SER A 55 -48.11 14.22 4.44
CA SER A 55 -48.64 14.11 3.09
C SER A 55 -49.83 15.00 2.97
N GLN A 56 -50.43 15.30 4.11
CA GLN A 56 -51.60 16.15 4.13
C GLN A 56 -51.20 17.59 3.94
N ARG A 57 -50.41 18.11 4.86
CA ARG A 57 -50.06 19.52 4.75
C ARG A 57 -49.20 19.87 3.54
N LEU A 58 -48.99 18.94 2.63
CA LEU A 58 -48.26 19.25 1.42
C LEU A 58 -49.17 18.91 0.27
N SER A 59 -49.11 19.70 -0.80
CA SER A 59 -49.99 19.45 -1.95
C SER A 59 -49.28 18.81 -3.14
N ALA A 60 -49.84 17.70 -3.61
CA ALA A 60 -49.29 16.97 -4.74
C ALA A 60 -49.47 17.73 -6.06
N PRO A 61 -48.52 17.61 -7.08
CA PRO A 61 -47.36 16.73 -6.79
C PRO A 61 -46.50 17.30 -5.66
N ARG A 62 -45.99 16.44 -4.79
CA ARG A 62 -45.15 16.89 -3.69
C ARG A 62 -43.77 16.27 -3.69
N VAL A 63 -42.83 16.93 -3.03
CA VAL A 63 -41.47 16.44 -2.94
C VAL A 63 -41.08 16.32 -1.48
N VAL A 64 -40.65 15.15 -1.06
CA VAL A 64 -40.23 14.97 0.32
C VAL A 64 -38.78 14.53 0.35
N TRP A 65 -38.05 15.09 1.32
CA TRP A 65 -36.64 14.84 1.51
C TRP A 65 -36.47 14.04 2.80
N VAL A 66 -35.66 12.98 2.74
CA VAL A 66 -35.46 12.05 3.86
C VAL A 66 -33.99 12.06 4.27
N MET A 67 -33.72 12.35 5.55
CA MET A 67 -32.33 12.21 6.09
C MET A 67 -32.38 11.60 7.49
N VAL A 68 -32.58 10.30 7.53
CA VAL A 68 -32.52 9.54 8.75
C VAL A 68 -31.37 8.54 8.61
N PRO A 69 -30.91 7.91 9.71
CA PRO A 69 -29.75 7.03 9.64
C PRO A 69 -29.90 5.96 8.57
N ALA A 70 -28.78 5.62 7.95
CA ALA A 70 -28.80 4.60 6.91
C ALA A 70 -29.07 3.23 7.50
N GLY A 71 -29.50 2.31 6.63
CA GLY A 71 -29.86 0.98 7.07
C GLY A 71 -31.35 0.85 7.29
N ASN A 72 -31.74 0.08 8.31
CA ASN A 72 -33.14 -0.31 8.47
C ASN A 72 -34.05 0.91 8.57
N ILE A 73 -33.62 1.93 9.30
CA ILE A 73 -34.51 3.06 9.59
C ILE A 73 -34.89 3.78 8.32
N THR A 74 -33.91 4.07 7.45
CA THR A 74 -34.24 4.66 6.15
C THR A 74 -35.29 3.81 5.44
N THR A 75 -34.94 2.61 4.97
CA THR A 75 -35.90 1.79 4.23
C THR A 75 -37.27 1.79 4.91
N ALA A 76 -37.28 1.64 6.24
CA ALA A 76 -38.52 1.68 7.01
C ALA A 76 -39.34 2.86 6.50
N VAL A 77 -38.72 4.04 6.43
CA VAL A 77 -39.45 5.26 6.05
C VAL A 77 -39.94 5.16 4.60
N ILE A 78 -39.09 4.70 3.69
CA ILE A 78 -39.53 4.60 2.29
C ILE A 78 -40.70 3.64 2.18
N GLU A 79 -40.69 2.62 3.01
CA GLU A 79 -41.77 1.69 3.06
C GLU A 79 -43.05 2.50 3.18
N GLU A 80 -43.18 3.19 4.31
CA GLU A 80 -44.35 3.99 4.56
C GLU A 80 -44.68 4.93 3.44
N LEU A 81 -43.75 5.80 3.09
CA LEU A 81 -44.00 6.74 2.02
C LEU A 81 -44.55 6.06 0.80
N ALA A 82 -44.43 4.75 0.74
CA ALA A 82 -44.97 4.03 -0.39
C ALA A 82 -46.49 4.13 -0.32
N ASN A 83 -46.98 4.31 0.90
CA ASN A 83 -48.37 4.47 1.17
C ASN A 83 -48.66 5.95 1.26
N THR A 84 -48.28 6.52 2.38
CA THR A 84 -48.47 7.93 2.64
C THR A 84 -48.41 8.88 1.46
N LEU A 85 -47.79 8.52 0.35
CA LEU A 85 -47.74 9.42 -0.78
C LEU A 85 -48.56 8.90 -1.97
N GLU A 86 -48.96 9.85 -2.81
CA GLU A 86 -49.66 9.60 -4.07
C GLU A 86 -48.68 9.33 -5.19
N ALA A 87 -49.21 9.04 -6.38
CA ALA A 87 -48.40 8.81 -7.56
C ALA A 87 -47.93 10.14 -8.17
N GLY A 88 -46.77 10.08 -8.82
CA GLY A 88 -46.16 11.25 -9.40
C GLY A 88 -45.44 12.14 -8.42
N ASP A 89 -45.52 11.84 -7.12
CA ASP A 89 -44.73 12.52 -6.10
C ASP A 89 -43.24 12.19 -6.28
N ILE A 90 -42.40 12.72 -5.38
CA ILE A 90 -40.96 12.55 -5.45
C ILE A 90 -40.40 12.35 -4.04
N VAL A 91 -39.42 11.45 -3.92
CA VAL A 91 -38.74 11.01 -2.70
C VAL A 91 -37.26 11.39 -2.81
N ILE A 92 -36.74 12.23 -1.94
CA ILE A 92 -35.31 12.50 -1.95
C ILE A 92 -34.72 11.95 -0.67
N ASP A 93 -33.91 10.93 -0.87
CA ASP A 93 -33.13 10.32 0.21
C ASP A 93 -31.72 10.91 0.12
N GLY A 94 -31.45 11.86 1.01
CA GLY A 94 -30.12 12.40 1.19
C GLY A 94 -29.30 11.70 2.26
N GLY A 95 -29.79 10.59 2.80
CA GLY A 95 -29.04 9.91 3.84
C GLY A 95 -27.78 9.33 3.28
N ASN A 96 -26.96 8.75 4.15
CA ASN A 96 -25.75 8.07 3.71
C ASN A 96 -26.06 6.62 3.35
N THR A 97 -27.01 6.48 2.40
CA THR A 97 -27.50 5.19 1.96
C THR A 97 -26.53 4.54 0.97
N TYR A 98 -26.41 3.21 1.05
CA TYR A 98 -25.62 2.46 0.08
C TYR A 98 -26.33 2.41 -1.25
N TYR A 99 -25.59 2.67 -2.33
CA TYR A 99 -26.24 2.83 -3.63
C TYR A 99 -26.97 1.56 -4.05
N ARG A 100 -26.48 0.40 -3.61
CA ARG A 100 -27.20 -0.82 -3.96
C ARG A 100 -28.55 -0.87 -3.27
N ASP A 101 -28.73 -0.16 -2.14
CA ASP A 101 -30.04 -0.12 -1.49
C ASP A 101 -31.00 0.78 -2.27
N ASP A 102 -30.48 1.85 -2.86
CA ASP A 102 -31.32 2.75 -3.65
C ASP A 102 -32.01 2.03 -4.80
N LEU A 103 -31.47 0.91 -5.24
CA LEU A 103 -32.08 0.18 -6.34
C LEU A 103 -33.28 -0.61 -5.87
N ARG A 104 -33.26 -1.12 -4.64
CA ARG A 104 -34.47 -1.76 -4.10
C ARG A 104 -35.55 -0.72 -3.84
N HIS A 105 -35.17 0.44 -3.30
CA HIS A 105 -36.16 1.47 -2.97
C HIS A 105 -36.81 2.04 -4.23
N GLU A 106 -36.01 2.26 -5.27
CA GLU A 106 -36.56 2.69 -6.55
C GLU A 106 -37.60 1.69 -7.05
N LYS A 107 -37.27 0.39 -7.02
CA LYS A 107 -38.19 -0.72 -7.28
C LYS A 107 -39.52 -0.49 -6.59
N LEU A 108 -39.46 -0.51 -5.25
CA LEU A 108 -40.65 -0.54 -4.43
C LEU A 108 -41.60 0.61 -4.77
N LEU A 109 -41.08 1.86 -4.67
CA LEU A 109 -41.93 3.03 -4.86
C LEU A 109 -42.30 3.30 -6.31
N PHE A 110 -41.59 2.71 -7.27
CA PHE A 110 -42.06 2.76 -8.64
C PHE A 110 -43.43 2.10 -8.76
N LYS A 111 -43.61 0.94 -8.10
CA LYS A 111 -44.90 0.26 -8.08
C LYS A 111 -46.02 1.19 -7.65
N LYS A 112 -45.76 2.01 -6.62
CA LYS A 112 -46.76 2.96 -6.18
C LYS A 112 -46.71 4.26 -6.97
N GLY A 113 -45.88 4.33 -8.02
CA GLY A 113 -45.89 5.45 -8.94
C GLY A 113 -45.13 6.64 -8.41
N ILE A 114 -44.32 6.46 -7.33
CA ILE A 114 -43.46 7.51 -6.81
C ILE A 114 -42.11 7.40 -7.50
N HIS A 115 -41.41 8.53 -7.57
CA HIS A 115 -40.06 8.61 -8.11
C HIS A 115 -39.10 8.75 -6.92
N LEU A 116 -37.96 8.09 -7.00
CA LEU A 116 -36.91 8.21 -5.99
C LEU A 116 -35.72 8.97 -6.57
N LEU A 117 -35.41 10.11 -5.98
CA LEU A 117 -34.19 10.85 -6.30
C LEU A 117 -33.19 10.61 -5.17
N ASP A 118 -32.04 10.04 -5.51
CA ASP A 118 -31.00 9.72 -4.53
C ASP A 118 -29.98 10.84 -4.49
N CYS A 119 -29.80 11.45 -3.32
CA CYS A 119 -28.98 12.66 -3.21
C CYS A 119 -27.80 12.40 -2.29
N GLY A 120 -26.59 12.38 -2.85
CA GLY A 120 -25.44 12.23 -2.01
C GLY A 120 -25.10 13.61 -1.47
N THR A 121 -25.14 13.78 -0.16
CA THR A 121 -24.97 15.08 0.47
C THR A 121 -23.66 15.15 1.24
N SER A 122 -22.91 16.20 1.02
CA SER A 122 -21.67 16.39 1.72
C SER A 122 -21.63 17.82 2.12
N GLY A 123 -20.80 18.16 3.08
CA GLY A 123 -20.70 19.54 3.49
C GLY A 123 -20.45 19.81 4.93
N GLY A 124 -21.03 18.99 5.81
CA GLY A 124 -20.82 19.19 7.23
C GLY A 124 -21.67 20.28 7.85
N VAL A 125 -21.21 20.81 8.96
CA VAL A 125 -21.92 21.84 9.71
C VAL A 125 -21.95 23.16 8.95
N TRP A 126 -20.92 23.43 8.14
CA TRP A 126 -20.78 24.72 7.47
C TRP A 126 -21.90 24.94 6.45
N GLY A 127 -22.44 23.86 5.89
CA GLY A 127 -23.42 23.91 4.81
C GLY A 127 -24.70 24.70 4.99
N ARG A 128 -25.13 24.96 6.24
CA ARG A 128 -26.33 25.77 6.40
C ARG A 128 -26.10 27.19 5.91
N GLU A 129 -24.90 27.74 6.13
CA GLU A 129 -24.47 29.01 5.54
C GLU A 129 -23.69 28.89 4.24
N ARG A 130 -22.73 27.96 4.16
CA ARG A 130 -21.97 27.75 2.93
C ARG A 130 -22.83 27.07 1.86
N GLY A 131 -23.55 26.03 2.24
CA GLY A 131 -24.19 25.18 1.27
C GLY A 131 -23.56 23.80 1.15
N TYR A 132 -24.33 22.86 0.63
CA TYR A 132 -23.93 21.48 0.51
C TYR A 132 -23.70 21.15 -0.96
N CYS A 133 -22.62 20.41 -1.23
CA CYS A 133 -22.45 19.76 -2.52
C CYS A 133 -23.39 18.56 -2.58
N LEU A 134 -24.27 18.57 -3.59
CA LEU A 134 -25.26 17.52 -3.80
C LEU A 134 -24.92 16.74 -5.06
N MET A 135 -24.95 15.42 -4.96
CA MET A 135 -24.75 14.55 -6.10
C MET A 135 -25.99 13.68 -6.21
N ILE A 136 -26.75 13.89 -7.27
CA ILE A 136 -28.09 13.34 -7.39
C ILE A 136 -28.14 12.38 -8.56
N GLY A 137 -28.84 11.26 -8.34
CA GLY A 137 -29.19 10.37 -9.42
C GLY A 137 -30.68 10.10 -9.41
N GLY A 138 -31.18 9.66 -10.55
CA GLY A 138 -32.57 9.28 -10.64
C GLY A 138 -33.13 9.68 -11.99
N ASP A 139 -34.47 9.57 -12.07
CA ASP A 139 -35.17 9.81 -13.32
C ASP A 139 -34.99 11.26 -13.76
N GLY A 140 -34.76 11.44 -15.06
CA GLY A 140 -34.45 12.78 -15.58
C GLY A 140 -35.53 13.81 -15.30
N ASP A 141 -36.80 13.46 -15.55
CA ASP A 141 -37.88 14.43 -15.38
C ASP A 141 -38.11 14.80 -13.93
N ALA A 142 -38.07 13.82 -13.01
CA ALA A 142 -38.21 14.12 -11.59
C ALA A 142 -37.05 14.93 -11.03
N PHE A 143 -35.88 14.88 -11.66
CA PHE A 143 -34.82 15.80 -11.28
C PHE A 143 -35.16 17.23 -11.69
N ALA A 144 -35.57 17.41 -12.95
CA ALA A 144 -36.04 18.72 -13.38
C ALA A 144 -37.04 19.30 -12.39
N ARG A 145 -37.99 18.47 -11.94
CA ARG A 145 -39.06 19.00 -11.09
C ARG A 145 -38.56 19.40 -9.71
N ALA A 146 -37.57 18.70 -9.15
CA ALA A 146 -37.06 19.04 -7.82
C ALA A 146 -35.82 19.94 -7.89
N GLU A 147 -35.26 20.17 -9.07
CA GLU A 147 -34.05 20.98 -9.22
C GLU A 147 -34.06 22.30 -8.43
N PRO A 148 -35.17 23.03 -8.31
CA PRO A 148 -35.16 24.22 -7.43
C PRO A 148 -34.67 24.00 -6.00
N ILE A 149 -34.95 22.84 -5.39
CA ILE A 149 -34.49 22.59 -4.03
C ILE A 149 -32.98 22.40 -3.99
N PHE A 150 -32.46 21.58 -4.92
CA PHE A 150 -31.01 21.38 -5.02
C PHE A 150 -30.30 22.71 -5.23
N ALA A 151 -30.74 23.49 -6.23
CA ALA A 151 -30.12 24.77 -6.53
C ALA A 151 -30.06 25.69 -5.29
N THR A 152 -31.09 25.64 -4.45
CA THR A 152 -31.11 26.50 -3.27
C THR A 152 -30.17 25.99 -2.16
N VAL A 153 -30.05 24.66 -1.98
CA VAL A 153 -29.24 24.15 -0.87
C VAL A 153 -27.80 23.89 -1.28
N ALA A 154 -27.49 23.88 -2.57
CA ALA A 154 -26.11 23.90 -3.01
C ALA A 154 -25.51 25.26 -2.71
N PRO A 155 -24.18 25.35 -2.62
CA PRO A 155 -23.55 26.66 -2.31
C PRO A 155 -23.73 27.72 -3.37
N GLY A 156 -23.90 27.34 -4.64
CA GLY A 156 -24.03 28.32 -5.69
C GLY A 156 -22.70 28.78 -6.27
N VAL A 157 -22.72 29.08 -7.57
CA VAL A 157 -21.50 29.44 -8.31
C VAL A 157 -20.68 30.51 -7.60
N ALA A 158 -21.37 31.44 -6.90
CA ALA A 158 -20.68 32.52 -6.19
C ALA A 158 -19.64 32.02 -5.21
N ALA A 159 -19.70 30.74 -4.82
CA ALA A 159 -18.85 30.21 -3.75
C ALA A 159 -17.40 30.06 -4.15
N ALA A 160 -17.10 30.04 -5.45
CA ALA A 160 -15.75 29.80 -5.95
C ALA A 160 -15.68 30.35 -7.37
N PRO A 161 -14.56 30.94 -7.79
CA PRO A 161 -14.48 31.50 -9.15
C PRO A 161 -14.81 30.45 -10.20
N ARG A 162 -15.21 30.89 -11.39
CA ARG A 162 -15.50 29.92 -12.44
C ARG A 162 -14.23 29.25 -12.92
N THR A 163 -14.35 27.97 -13.26
CA THR A 163 -13.17 27.32 -13.82
C THR A 163 -12.87 27.90 -15.19
N PRO A 164 -11.58 28.17 -15.44
CA PRO A 164 -11.19 28.63 -16.79
C PRO A 164 -11.60 27.60 -17.83
N GLY A 165 -12.17 28.11 -18.92
CA GLY A 165 -12.77 27.26 -19.93
C GLY A 165 -14.27 27.10 -19.80
N ARG A 166 -14.82 27.37 -18.61
CA ARG A 166 -16.27 27.46 -18.45
C ARG A 166 -16.83 28.63 -19.25
N ASP A 167 -17.86 28.33 -20.05
CA ASP A 167 -18.32 29.22 -21.09
C ASP A 167 -19.71 29.72 -20.75
N GLY A 168 -19.88 31.04 -20.77
CA GLY A 168 -21.19 31.66 -20.77
C GLY A 168 -22.09 31.28 -19.62
N GLU A 169 -23.17 30.54 -19.93
CA GLU A 169 -24.19 30.22 -18.94
C GLU A 169 -23.64 29.33 -17.85
N VAL A 170 -24.19 29.46 -16.64
CA VAL A 170 -23.74 28.65 -15.52
C VAL A 170 -24.46 27.30 -15.58
N ALA A 171 -23.67 26.22 -15.68
CA ALA A 171 -24.13 24.85 -15.63
C ALA A 171 -24.37 24.43 -14.18
N PRO A 172 -25.28 23.49 -13.93
CA PRO A 172 -25.54 23.03 -12.56
C PRO A 172 -24.28 22.64 -11.82
N SER A 173 -23.36 21.97 -12.48
CA SER A 173 -22.14 21.57 -11.79
C SER A 173 -21.47 22.78 -11.14
N GLU A 174 -21.51 23.92 -11.83
CA GLU A 174 -20.89 25.11 -11.27
C GLU A 174 -21.67 25.63 -10.07
N GLN A 175 -22.93 25.22 -9.89
CA GLN A 175 -23.70 25.64 -8.73
C GLN A 175 -23.42 24.80 -7.50
N GLY A 176 -22.90 23.60 -7.67
CA GLY A 176 -22.68 22.73 -6.53
C GLY A 176 -23.59 21.52 -6.48
N TYR A 177 -24.45 21.31 -7.50
CA TYR A 177 -25.29 20.11 -7.58
C TYR A 177 -25.20 19.51 -8.98
N LEU A 178 -25.49 18.21 -9.08
CA LEU A 178 -25.32 17.56 -10.36
C LEU A 178 -26.16 16.30 -10.44
N HIS A 179 -26.96 16.20 -11.50
CA HIS A 179 -27.59 14.92 -11.87
C HIS A 179 -26.48 14.01 -12.39
N CYS A 180 -26.03 13.08 -11.57
CA CYS A 180 -24.89 12.25 -11.92
C CYS A 180 -25.25 11.10 -12.85
N GLY A 181 -26.54 10.80 -12.98
CA GLY A 181 -26.99 9.72 -13.82
C GLY A 181 -28.27 9.10 -13.30
N PRO A 182 -28.53 7.85 -13.67
CA PRO A 182 -29.73 7.17 -13.18
C PRO A 182 -29.64 6.77 -11.71
N CYS A 183 -30.55 5.91 -11.27
CA CYS A 183 -30.75 5.66 -9.85
C CYS A 183 -29.51 5.07 -9.19
N GLY A 184 -29.18 5.60 -8.01
CA GLY A 184 -27.99 5.20 -7.27
C GLY A 184 -26.74 5.94 -7.63
N SER A 185 -26.67 6.56 -8.81
CA SER A 185 -25.46 7.22 -9.25
C SER A 185 -25.05 8.38 -8.35
N GLY A 186 -26.01 9.01 -7.66
CA GLY A 186 -25.65 10.10 -6.78
C GLY A 186 -24.93 9.61 -5.53
N HIS A 187 -25.50 8.59 -4.88
CA HIS A 187 -24.82 8.05 -3.71
C HIS A 187 -23.50 7.42 -4.09
N PHE A 188 -23.44 6.81 -5.27
CA PHE A 188 -22.21 6.21 -5.74
C PHE A 188 -21.10 7.24 -5.81
N VAL A 189 -21.40 8.40 -6.43
CA VAL A 189 -20.37 9.42 -6.60
C VAL A 189 -19.96 9.98 -5.24
N LYS A 190 -20.93 10.18 -4.33
CA LYS A 190 -20.61 10.67 -3.00
C LYS A 190 -19.77 9.66 -2.23
N MET A 191 -20.11 8.37 -2.35
CA MET A 191 -19.28 7.31 -1.79
C MET A 191 -17.80 7.49 -2.16
N VAL A 192 -17.51 7.55 -3.46
CA VAL A 192 -16.13 7.78 -3.91
C VAL A 192 -15.60 9.12 -3.42
N HIS A 193 -16.49 10.08 -3.15
CA HIS A 193 -16.02 11.38 -2.64
C HIS A 193 -15.43 11.22 -1.25
N ASN A 194 -16.01 10.33 -0.46
CA ASN A 194 -15.52 10.09 0.89
C ASN A 194 -14.25 9.26 0.84
N GLY A 195 -14.16 8.33 -0.09
CA GLY A 195 -12.91 7.62 -0.27
C GLY A 195 -11.76 8.56 -0.57
N ILE A 196 -11.99 9.54 -1.44
CA ILE A 196 -10.95 10.52 -1.73
C ILE A 196 -10.66 11.36 -0.48
N GLU A 197 -11.67 11.62 0.34
CA GLU A 197 -11.52 12.27 1.62
C GLU A 197 -10.45 11.59 2.45
N TYR A 198 -10.60 10.27 2.61
CA TYR A 198 -9.65 9.49 3.39
C TYR A 198 -8.25 9.61 2.82
N GLY A 199 -8.12 9.47 1.51
CA GLY A 199 -6.80 9.50 0.91
C GLY A 199 -6.12 10.84 1.12
N MET A 200 -6.89 11.92 1.07
CA MET A 200 -6.29 13.23 1.29
C MET A 200 -5.91 13.45 2.75
N MET A 201 -6.79 13.11 3.68
CA MET A 201 -6.40 13.29 5.07
C MET A 201 -5.18 12.43 5.43
N ALA A 202 -5.08 11.20 4.92
CA ALA A 202 -3.92 10.36 5.25
C ALA A 202 -2.64 10.96 4.69
N SER A 203 -2.72 11.53 3.50
CA SER A 203 -1.55 12.16 2.91
C SER A 203 -1.07 13.33 3.77
N LEU A 204 -2.01 14.15 4.25
CA LEU A 204 -1.67 15.20 5.21
C LEU A 204 -1.09 14.62 6.49
N ALA A 205 -1.73 13.58 7.02
CA ALA A 205 -1.35 13.07 8.33
C ALA A 205 0.03 12.42 8.28
N GLU A 206 0.25 11.59 7.26
CA GLU A 206 1.54 10.93 7.13
C GLU A 206 2.66 11.95 7.00
N GLY A 207 2.47 12.98 6.16
CA GLY A 207 3.45 14.04 6.00
C GLY A 207 3.78 14.74 7.30
N LEU A 208 2.76 15.29 7.97
CA LEU A 208 2.88 15.80 9.33
C LEU A 208 3.71 14.87 10.22
N ASN A 209 3.55 13.56 10.05
CA ASN A 209 4.25 12.61 10.94
C ASN A 209 5.74 12.49 10.55
N ILE A 210 6.03 12.54 9.25
CA ILE A 210 7.42 12.63 8.79
C ILE A 210 8.10 13.87 9.35
N LEU A 211 7.43 15.03 9.24
CA LEU A 211 7.98 16.25 9.85
C LEU A 211 8.16 16.05 11.34
N ARG A 212 7.18 15.43 11.98
CA ARG A 212 7.19 15.32 13.43
C ARG A 212 8.42 14.57 13.93
N ASN A 213 8.89 13.61 13.15
CA ASN A 213 9.96 12.74 13.60
C ASN A 213 11.24 12.99 12.83
N ALA A 214 11.39 14.19 12.25
CA ALA A 214 12.66 14.55 11.63
C ALA A 214 13.75 14.85 12.66
N ASP A 215 13.46 14.72 13.94
CA ASP A 215 14.44 14.89 15.00
C ASP A 215 15.02 13.56 15.48
N VAL A 216 14.79 12.49 14.71
CA VAL A 216 15.13 11.14 15.14
C VAL A 216 16.64 10.94 15.32
N GLY A 217 17.46 11.86 14.78
CA GLY A 217 18.91 11.73 14.93
C GLY A 217 19.44 12.32 16.23
N THR A 218 18.74 13.31 16.79
CA THR A 218 19.00 13.76 18.16
C THR A 218 18.87 12.61 19.16
N ARG A 219 17.69 11.98 19.15
CA ARG A 219 17.32 11.00 20.16
C ARG A 219 18.19 9.73 20.10
N THR A 227 15.73 -3.50 17.48
CA THR A 227 16.06 -2.11 17.17
C THR A 227 16.87 -2.01 15.86
N ALA A 228 16.78 -0.86 15.19
CA ALA A 228 17.44 -0.61 13.92
C ALA A 228 18.45 0.53 14.06
N PRO A 229 19.69 0.34 13.63
CA PRO A 229 20.64 1.47 13.63
C PRO A 229 20.28 2.48 12.54
N LEU A 230 20.44 3.77 12.89
CA LEU A 230 20.10 4.83 11.95
C LEU A 230 21.36 5.32 11.26
N PRO A 231 21.56 5.03 9.98
CA PRO A 231 22.71 5.62 9.28
C PRO A 231 22.46 7.09 9.03
N ASN A 232 23.53 7.88 9.09
CA ASN A 232 23.47 9.31 8.89
C ASN A 232 22.47 9.99 9.83
N PRO A 233 22.58 9.84 11.17
CA PRO A 233 21.70 10.60 12.06
C PRO A 233 22.01 12.09 12.10
N GLU A 234 23.19 12.50 11.61
CA GLU A 234 23.46 13.91 11.37
C GLU A 234 22.43 14.52 10.41
N CYS A 235 21.75 13.70 9.61
CA CYS A 235 20.81 14.22 8.62
C CYS A 235 19.47 14.60 9.24
N TYR A 236 18.96 13.75 10.10
CA TYR A 236 17.69 14.01 10.74
C TYR A 236 17.86 14.72 12.06
N GLN A 237 18.04 16.03 12.03
CA GLN A 237 18.19 16.77 13.26
C GLN A 237 17.30 17.98 13.33
N TYR A 238 16.12 17.90 12.76
CA TYR A 238 15.25 19.06 12.77
C TYR A 238 14.01 19.00 13.62
N ASP A 239 13.80 20.07 14.36
CA ASP A 239 12.57 20.27 15.14
C ASP A 239 11.68 21.29 14.43
N PHE A 240 10.73 20.82 13.64
CA PHE A 240 9.89 21.74 12.89
C PHE A 240 8.73 22.26 13.74
N ASP A 241 8.18 23.37 13.28
CA ASP A 241 6.99 24.01 13.84
C ASP A 241 5.82 23.54 12.98
N ILE A 242 5.19 22.42 13.37
CA ILE A 242 4.13 21.84 12.54
C ILE A 242 2.95 22.79 12.37
N PRO A 243 2.52 23.56 13.39
CA PRO A 243 1.44 24.53 13.13
C PRO A 243 1.80 25.61 12.11
N GLU A 244 3.07 26.03 12.05
CA GLU A 244 3.42 27.08 11.11
C GLU A 244 3.67 26.54 9.71
N VAL A 245 4.17 25.31 9.57
CA VAL A 245 4.30 24.73 8.24
C VAL A 245 2.92 24.48 7.64
N ALA A 246 1.98 24.03 8.48
CA ALA A 246 0.63 23.81 7.98
C ALA A 246 0.03 25.11 7.49
N GLU A 247 0.15 26.18 8.29
CA GLU A 247 -0.34 27.48 7.87
C GLU A 247 0.34 27.97 6.59
N VAL A 248 1.66 27.78 6.48
CA VAL A 248 2.39 28.38 5.36
C VAL A 248 1.91 27.77 4.06
N TRP A 249 1.66 26.46 4.07
CA TRP A 249 1.20 25.73 2.92
C TRP A 249 -0.18 26.17 2.43
N ARG A 250 -0.90 27.02 3.18
CA ARG A 250 -2.27 27.38 2.79
C ARG A 250 -2.31 28.33 1.61
N ARG A 251 -1.22 29.05 1.33
CA ARG A 251 -1.21 29.94 0.18
C ARG A 251 0.04 29.71 -0.65
N GLY A 252 -0.12 29.92 -1.95
CA GLY A 252 0.98 29.76 -2.87
C GLY A 252 1.52 28.35 -3.08
N SER A 253 1.02 27.33 -2.37
CA SER A 253 1.54 25.99 -2.63
C SER A 253 0.59 25.21 -3.55
N VAL A 254 0.93 23.94 -3.76
CA VAL A 254 0.12 23.04 -4.59
C VAL A 254 -0.92 22.25 -3.80
N ILE A 255 -0.74 22.12 -2.48
CA ILE A 255 -1.62 21.30 -1.66
C ILE A 255 -2.67 22.16 -0.93
N GLY A 256 -2.89 23.38 -1.38
CA GLY A 256 -3.99 24.16 -0.88
C GLY A 256 -5.27 23.35 -0.94
N SER A 257 -6.06 23.39 0.14
CA SER A 257 -7.26 22.58 0.28
C SER A 257 -8.00 22.97 1.55
N TRP A 258 -9.30 22.70 1.57
CA TRP A 258 -10.07 22.81 2.80
C TRP A 258 -9.46 21.99 3.92
N LEU A 259 -9.13 20.72 3.65
CA LEU A 259 -8.61 19.87 4.72
C LEU A 259 -7.34 20.45 5.35
N LEU A 260 -6.47 21.05 4.54
CA LEU A 260 -5.30 21.72 5.10
C LEU A 260 -5.71 22.91 5.98
N ASP A 261 -6.59 23.75 5.46
CA ASP A 261 -7.21 24.80 6.27
C ASP A 261 -7.66 24.27 7.64
N LEU A 262 -8.42 23.16 7.64
CA LEU A 262 -8.89 22.55 8.87
C LEU A 262 -7.74 22.08 9.74
N THR A 263 -6.75 21.43 9.13
CA THR A 263 -5.57 20.97 9.84
C THR A 263 -4.77 22.14 10.43
N ALA A 264 -4.70 23.26 9.70
CA ALA A 264 -4.02 24.45 10.23
C ALA A 264 -4.68 24.93 11.52
N ILE A 265 -6.02 25.06 11.49
CA ILE A 265 -6.77 25.43 12.69
C ILE A 265 -6.47 24.46 13.83
N ALA A 266 -6.61 23.15 13.57
CA ALA A 266 -6.44 22.18 14.64
C ALA A 266 -5.04 22.25 15.24
N LEU A 267 -4.02 22.32 14.39
CA LEU A 267 -2.64 22.45 14.88
C LEU A 267 -2.45 23.76 15.65
N ARG A 268 -3.21 24.80 15.33
CA ARG A 268 -2.95 25.99 16.09
C ARG A 268 -3.61 25.93 17.47
N GLU A 269 -4.76 25.28 17.62
CA GLU A 269 -5.32 25.07 18.94
C GLU A 269 -4.45 24.13 19.73
N SER A 270 -3.99 23.07 19.10
CA SER A 270 -3.16 22.11 19.78
C SER A 270 -1.96 21.75 18.96
N PRO A 271 -0.84 22.36 19.25
CA PRO A 271 0.37 22.12 18.50
C PRO A 271 0.89 20.72 18.55
N ASP A 272 0.61 19.98 19.60
CA ASP A 272 1.07 18.62 19.70
C ASP A 272 -0.02 17.58 19.54
N LEU A 273 -1.26 18.02 19.39
CA LEU A 273 -2.38 17.14 19.20
C LEU A 273 -2.37 16.14 20.31
N ALA A 274 -1.87 16.55 21.45
CA ALA A 274 -1.71 15.68 22.58
C ALA A 274 -2.91 15.05 23.17
N GLU A 275 -3.99 15.79 23.20
CA GLU A 275 -5.21 15.29 23.78
C GLU A 275 -6.08 14.47 22.83
N PHE A 276 -5.68 14.30 21.60
CA PHE A 276 -6.47 13.53 20.68
C PHE A 276 -6.22 12.05 20.68
N SER A 277 -7.26 11.32 20.37
CA SER A 277 -7.24 9.88 20.29
C SER A 277 -6.45 9.38 19.11
N GLY A 278 -5.75 8.29 19.30
CA GLY A 278 -4.97 7.70 18.24
C GLY A 278 -5.82 6.61 17.64
N ARG A 279 -7.11 6.64 17.93
CA ARG A 279 -8.04 5.66 17.43
C ARG A 279 -8.93 6.38 16.43
N VAL A 280 -8.90 5.95 15.19
CA VAL A 280 -9.63 6.55 14.08
C VAL A 280 -10.67 5.57 13.55
N SER A 281 -11.87 6.07 13.28
CA SER A 281 -12.95 5.28 12.71
C SER A 281 -13.13 5.55 11.23
N ASP A 282 -13.86 4.66 10.57
CA ASP A 282 -14.25 4.86 9.19
C ASP A 282 -15.77 4.73 9.09
N SER A 283 -16.33 5.54 8.20
CA SER A 283 -17.76 5.59 7.91
C SER A 283 -18.27 4.32 7.28
N GLY A 284 -17.43 3.72 6.45
CA GLY A 284 -17.76 2.52 5.71
C GLY A 284 -18.06 2.90 4.28
N GLU A 285 -18.31 4.17 4.00
CA GLU A 285 -18.52 4.54 2.62
C GLU A 285 -17.15 4.34 1.99
N GLY A 286 -16.10 4.59 2.74
CA GLY A 286 -14.74 4.32 2.32
C GLY A 286 -14.51 2.84 2.08
N ARG A 287 -15.24 2.00 2.81
CA ARG A 287 -15.19 0.56 2.57
C ARG A 287 -15.78 0.23 1.21
N TRP A 288 -16.95 0.80 0.92
CA TRP A 288 -17.60 0.54 -0.36
C TRP A 288 -16.78 1.04 -1.51
N THR A 289 -16.13 2.20 -1.33
CA THR A 289 -15.31 2.74 -2.41
C THR A 289 -14.19 1.78 -2.74
N ALA A 290 -13.55 1.22 -1.71
CA ALA A 290 -12.51 0.20 -1.94
C ALA A 290 -13.07 -1.05 -2.60
N ILE A 291 -14.29 -1.46 -2.22
CA ILE A 291 -14.81 -2.70 -2.78
C ILE A 291 -15.21 -2.49 -4.25
N ALA A 292 -15.80 -1.33 -4.57
CA ALA A 292 -16.05 -1.03 -5.98
C ALA A 292 -14.76 -1.12 -6.79
N ALA A 293 -13.68 -0.53 -6.27
CA ALA A 293 -12.43 -0.50 -7.01
C ALA A 293 -11.94 -1.90 -7.30
N ILE A 294 -12.00 -2.79 -6.31
CA ILE A 294 -11.62 -4.17 -6.53
C ILE A 294 -12.53 -4.81 -7.59
N ASP A 295 -13.86 -4.60 -7.47
CA ASP A 295 -14.79 -5.18 -8.43
C ASP A 295 -14.48 -4.74 -9.85
N GLU A 296 -14.03 -3.49 -10.03
CA GLU A 296 -13.76 -2.94 -11.35
C GLU A 296 -12.34 -3.18 -11.85
N GLY A 297 -11.49 -3.85 -11.09
CA GLY A 297 -10.12 -3.99 -11.55
C GLY A 297 -9.35 -2.70 -11.57
N VAL A 298 -9.80 -1.71 -10.82
CA VAL A 298 -9.12 -0.44 -10.75
C VAL A 298 -8.19 -0.48 -9.56
N PRO A 299 -6.84 -0.26 -9.85
CA PRO A 299 -5.98 -0.31 -8.68
C PRO A 299 -6.12 0.95 -7.88
N ALA A 300 -6.39 0.81 -6.60
CA ALA A 300 -6.52 1.94 -5.74
C ALA A 300 -5.75 1.73 -4.48
N PRO A 301 -4.38 1.65 -4.63
CA PRO A 301 -3.64 1.47 -3.39
C PRO A 301 -3.68 2.65 -2.47
N VAL A 302 -3.66 3.85 -2.99
CA VAL A 302 -3.61 5.04 -2.14
C VAL A 302 -4.87 5.15 -1.28
N LEU A 303 -6.05 4.95 -1.87
CA LEU A 303 -7.26 5.06 -1.06
C LEU A 303 -7.43 3.84 -0.15
N THR A 304 -7.08 2.65 -0.62
CA THR A 304 -7.31 1.45 0.18
C THR A 304 -6.33 1.35 1.34
N THR A 305 -5.12 1.84 1.17
CA THR A 305 -4.22 1.85 2.31
C THR A 305 -4.61 2.89 3.35
N ALA A 306 -5.05 4.09 2.92
CA ALA A 306 -5.53 5.09 3.87
C ALA A 306 -6.62 4.52 4.75
N LEU A 307 -7.54 3.79 4.13
CA LEU A 307 -8.55 3.08 4.90
C LEU A 307 -7.93 1.96 5.75
N GLN A 308 -6.92 1.26 5.24
CA GLN A 308 -6.32 0.21 6.02
C GLN A 308 -5.49 0.76 7.18
N SER A 309 -5.10 2.03 7.10
CA SER A 309 -4.37 2.65 8.20
C SER A 309 -5.33 2.95 9.35
N ARG A 310 -6.60 3.22 9.04
CA ARG A 310 -7.58 3.38 10.10
C ARG A 310 -7.84 2.06 10.82
N PHE A 311 -7.93 0.96 10.08
CA PHE A 311 -8.18 -0.32 10.74
C PHE A 311 -7.09 -0.62 11.74
N ALA A 312 -5.82 -0.44 11.32
CA ALA A 312 -4.70 -0.73 12.22
C ALA A 312 -4.71 0.20 13.42
N SER A 313 -5.22 1.43 13.25
CA SER A 313 -5.29 2.35 14.37
C SER A 313 -6.29 1.88 15.44
N ARG A 314 -7.17 0.96 15.09
CA ARG A 314 -8.09 0.35 16.05
C ARG A 314 -7.62 -1.05 16.49
N ASP A 315 -6.35 -1.38 16.27
CA ASP A 315 -5.70 -2.65 16.61
C ASP A 315 -6.35 -3.88 15.97
N LEU A 316 -7.06 -3.68 14.86
CA LEU A 316 -7.61 -4.76 14.05
C LEU A 316 -6.52 -5.63 13.40
N ASP A 317 -5.27 -5.16 13.38
CA ASP A 317 -4.11 -5.93 12.92
C ASP A 317 -3.55 -6.82 14.03
N ASP A 318 -4.28 -6.93 15.14
CA ASP A 318 -3.75 -7.64 16.28
C ASP A 318 -3.20 -9.03 15.95
N PHE A 319 -4.09 -9.91 15.49
CA PHE A 319 -3.70 -11.29 15.22
C PHE A 319 -2.55 -11.38 14.24
N ALA A 320 -2.62 -10.62 13.14
CA ALA A 320 -1.51 -10.64 12.19
C ALA A 320 -0.19 -10.26 12.86
N ASN A 321 -0.23 -9.27 13.77
CA ASN A 321 0.99 -8.89 14.49
C ASN A 321 1.53 -10.03 15.32
N LYS A 322 0.66 -10.71 16.06
CA LYS A 322 1.14 -11.83 16.86
C LYS A 322 1.72 -12.91 15.97
N ALA A 323 1.16 -13.11 14.78
CA ALA A 323 1.69 -14.11 13.87
C ALA A 323 3.11 -13.76 13.45
N LEU A 324 3.38 -12.46 13.20
CA LEU A 324 4.75 -12.04 12.90
C LEU A 324 5.67 -12.34 14.09
N SER A 325 5.25 -11.93 15.28
CA SER A 325 6.09 -12.19 16.44
C SER A 325 6.24 -13.67 16.67
N ALA A 326 5.22 -14.46 16.32
CA ALA A 326 5.34 -15.91 16.44
C ALA A 326 6.35 -16.46 15.43
N MET A 327 6.24 -16.04 14.16
CA MET A 327 7.23 -16.43 13.17
C MET A 327 8.62 -15.94 13.56
N ARG A 328 8.73 -14.65 13.91
CA ARG A 328 10.02 -14.04 14.24
C ARG A 328 10.66 -14.74 15.43
N LYS A 329 9.86 -15.30 16.33
CA LYS A 329 10.44 -16.01 17.46
C LYS A 329 11.04 -17.33 17.01
N GLN A 330 10.33 -18.08 16.16
CA GLN A 330 10.72 -19.46 15.95
C GLN A 330 11.88 -19.60 14.98
N PHE A 331 12.02 -18.69 14.02
CA PHE A 331 13.23 -18.81 13.22
C PHE A 331 14.42 -18.11 13.87
N GLY A 332 14.19 -17.04 14.63
CA GLY A 332 15.30 -16.21 15.03
C GLY A 332 15.47 -15.94 16.53
N GLY A 333 14.73 -16.65 17.38
CA GLY A 333 14.74 -16.37 18.80
C GLY A 333 14.49 -14.91 19.11
N HIS A 334 13.84 -14.20 18.17
CA HIS A 334 13.67 -12.77 18.29
C HIS A 334 12.72 -12.46 19.44
N ALA A 335 13.08 -11.44 20.21
CA ALA A 335 12.29 -11.03 21.37
C ALA A 335 11.35 -9.87 21.01
N GLU A 336 10.13 -9.96 21.53
CA GLU A 336 9.26 -8.80 21.58
C GLU A 336 9.78 -7.82 22.61
N LYS A 337 10.11 -6.60 22.18
CA LYS A 337 10.61 -5.53 23.04
C LYS A 337 9.50 -5.02 23.96
N PRO A 338 9.77 -4.65 25.22
CA PRO A 338 8.70 -4.14 26.10
C PRO A 338 8.14 -2.79 25.66
N ALA A 339 6.94 -2.51 26.17
CA ALA A 339 6.24 -1.26 25.88
C ALA A 339 6.97 -0.08 26.49
N ASN A 340 6.98 1.04 25.76
CA ASN A 340 7.73 2.25 26.12
C ASN A 340 7.48 2.74 27.56
N MET B 1 14.59 46.15 -3.62
CA MET B 1 16.03 46.23 -3.54
C MET B 1 16.76 45.51 -4.68
N GLN B 2 17.79 44.73 -4.36
CA GLN B 2 18.59 44.08 -5.38
C GLN B 2 19.00 42.67 -5.09
N LEU B 3 19.23 41.90 -6.14
CA LEU B 3 19.63 40.52 -5.98
C LEU B 3 20.01 39.92 -7.30
N GLY B 4 20.64 38.77 -7.25
CA GLY B 4 21.04 38.10 -8.45
C GLY B 4 20.15 36.93 -8.79
N MET B 5 20.17 36.46 -10.02
CA MET B 5 19.34 35.33 -10.35
C MET B 5 20.01 34.44 -11.39
N ILE B 6 20.56 33.32 -10.96
CA ILE B 6 21.18 32.40 -11.87
C ILE B 6 20.15 31.36 -12.23
N GLY B 7 19.87 31.21 -13.53
CA GLY B 7 18.88 30.30 -14.05
C GLY B 7 17.66 31.12 -14.41
N LEU B 8 17.12 30.94 -15.61
CA LEU B 8 15.96 31.68 -16.04
C LEU B 8 14.99 30.75 -16.75
N GLY B 9 14.52 29.77 -16.02
CA GLY B 9 13.59 28.78 -16.54
C GLY B 9 12.20 29.29 -16.32
N ARG B 10 11.25 28.36 -16.36
CA ARG B 10 9.86 28.68 -16.18
C ARG B 10 9.70 29.33 -14.83
N MET B 11 10.47 28.88 -13.86
CA MET B 11 10.42 29.46 -12.53
C MET B 11 11.26 30.68 -12.25
N GLY B 12 12.55 30.58 -12.50
CA GLY B 12 13.49 31.63 -12.16
C GLY B 12 13.16 32.94 -12.80
N ALA B 13 12.75 32.85 -14.04
CA ALA B 13 12.35 34.03 -14.79
C ALA B 13 11.13 34.69 -14.16
N ASN B 14 10.11 33.88 -13.84
CA ASN B 14 8.84 34.43 -13.37
C ASN B 14 8.94 35.01 -11.96
N ILE B 15 9.81 34.47 -11.12
CA ILE B 15 10.00 35.11 -9.82
C ILE B 15 10.73 36.43 -9.97
N VAL B 16 11.65 36.51 -10.95
CA VAL B 16 12.32 37.79 -11.24
C VAL B 16 11.28 38.86 -11.58
N ARG B 17 10.33 38.52 -12.46
CA ARG B 17 9.34 39.49 -12.91
C ARG B 17 8.35 39.84 -11.80
N ARG B 18 8.07 38.90 -10.89
CA ARG B 18 7.30 39.30 -9.71
C ARG B 18 8.19 40.06 -8.73
N LEU B 19 9.45 39.67 -8.60
CA LEU B 19 10.41 40.47 -7.85
C LEU B 19 10.49 41.90 -8.38
N ALA B 20 10.44 42.08 -9.71
CA ALA B 20 10.68 43.42 -10.26
C ALA B 20 9.48 44.35 -10.01
N LYS B 21 8.28 43.88 -10.32
CA LYS B 21 7.08 44.67 -10.09
C LYS B 21 6.94 44.97 -8.61
N GLY B 22 7.84 44.42 -7.82
CA GLY B 22 7.82 44.63 -6.40
C GLY B 22 8.82 45.67 -6.01
N GLY B 23 9.63 46.10 -6.98
CA GLY B 23 10.63 47.10 -6.75
C GLY B 23 11.95 46.55 -6.30
N HIS B 24 12.42 45.52 -6.96
CA HIS B 24 13.70 44.95 -6.59
C HIS B 24 14.61 44.99 -7.80
N ASP B 25 15.91 44.87 -7.59
CA ASP B 25 16.82 44.91 -8.71
C ASP B 25 17.43 43.57 -8.96
N CYS B 26 17.28 43.09 -10.19
CA CYS B 26 17.73 41.76 -10.59
C CYS B 26 18.81 41.74 -11.66
N VAL B 27 19.70 40.76 -11.55
CA VAL B 27 20.83 40.62 -12.47
C VAL B 27 20.80 39.24 -13.11
N VAL B 28 20.07 39.10 -14.21
CA VAL B 28 19.75 37.80 -14.76
C VAL B 28 20.94 37.19 -15.49
N TYR B 29 21.12 35.88 -15.34
CA TYR B 29 22.16 35.16 -16.06
C TYR B 29 21.74 33.70 -16.18
N ASP B 30 21.85 33.14 -17.36
CA ASP B 30 21.54 31.75 -17.54
C ASP B 30 22.62 31.33 -18.49
N HIS B 31 23.18 30.15 -18.31
CA HIS B 31 24.25 29.64 -19.14
C HIS B 31 23.96 29.74 -20.62
N ASP B 32 22.77 30.22 -20.94
CA ASP B 32 22.33 30.41 -22.29
C ASP B 32 22.02 31.87 -22.37
N PRO B 33 22.36 32.51 -23.45
CA PRO B 33 22.05 33.93 -23.57
C PRO B 33 20.64 33.94 -24.07
N ASP B 34 20.35 33.03 -24.99
CA ASP B 34 19.04 32.91 -25.59
C ASP B 34 17.97 33.03 -24.54
N ALA B 35 18.34 32.72 -23.31
CA ALA B 35 17.45 32.83 -22.18
C ALA B 35 17.61 34.20 -21.60
N VAL B 36 18.85 34.54 -21.27
CA VAL B 36 19.16 35.84 -20.72
C VAL B 36 18.77 36.81 -21.78
N LYS B 37 19.15 36.41 -22.97
CA LYS B 37 18.91 37.11 -24.20
C LYS B 37 17.40 37.21 -24.31
N ALA B 38 16.74 36.15 -23.87
CA ALA B 38 15.30 36.07 -23.92
C ALA B 38 14.70 37.21 -23.14
N MET B 39 15.33 37.59 -22.05
CA MET B 39 14.79 38.71 -21.29
C MET B 39 15.40 39.97 -21.82
N ALA B 40 14.59 40.68 -22.58
CA ALA B 40 15.03 41.90 -23.20
C ALA B 40 14.79 43.11 -22.33
N GLY B 41 15.74 43.40 -21.45
CA GLY B 41 15.60 44.55 -20.60
C GLY B 41 14.27 44.56 -19.92
N GLU B 42 13.88 43.44 -19.30
CA GLU B 42 12.62 43.41 -18.58
C GLU B 42 12.79 44.38 -17.44
N ASP B 43 11.76 45.15 -17.16
CA ASP B 43 11.94 46.13 -16.09
C ASP B 43 12.89 45.57 -15.03
N ARG B 44 13.84 46.41 -14.63
CA ARG B 44 14.78 46.09 -13.55
C ARG B 44 15.65 44.89 -13.88
N THR B 45 15.96 44.67 -15.15
CA THR B 45 16.56 43.42 -15.60
C THR B 45 17.77 43.74 -16.47
N THR B 46 18.93 43.21 -16.08
CA THR B 46 20.16 43.41 -16.81
C THR B 46 20.89 42.09 -17.02
N GLY B 47 21.35 41.83 -18.24
CA GLY B 47 22.03 40.58 -18.52
C GLY B 47 23.54 40.55 -18.64
N VAL B 48 24.14 39.62 -17.90
CA VAL B 48 25.56 39.43 -17.85
C VAL B 48 25.89 38.03 -18.27
N ALA B 49 27.12 37.80 -18.69
CA ALA B 49 27.57 36.47 -19.03
C ALA B 49 28.65 36.06 -18.04
N SER B 50 28.78 36.82 -16.95
CA SER B 50 29.82 36.58 -15.94
C SER B 50 29.37 36.36 -14.51
N LEU B 51 29.86 35.27 -13.91
CA LEU B 51 29.59 35.03 -12.51
C LEU B 51 30.35 36.16 -11.85
N ARG B 52 31.54 36.40 -12.41
CA ARG B 52 32.43 37.45 -11.95
C ARG B 52 31.77 38.75 -12.31
N GLU B 53 31.36 38.88 -13.57
CA GLU B 53 30.67 40.08 -13.98
C GLU B 53 29.49 40.27 -13.05
N LEU B 54 28.94 39.12 -12.70
CA LEU B 54 27.80 38.97 -11.81
C LEU B 54 28.08 39.40 -10.37
N SER B 55 29.09 38.82 -9.75
CA SER B 55 29.39 39.20 -8.38
C SER B 55 29.56 40.70 -8.26
N GLN B 56 30.69 41.18 -8.79
CA GLN B 56 31.13 42.55 -8.67
C GLN B 56 30.09 43.55 -9.12
N ARG B 57 29.13 43.09 -9.90
CA ARG B 57 28.10 43.98 -10.38
C ARG B 57 27.37 44.68 -9.21
N LEU B 58 27.17 44.02 -8.07
CA LEU B 58 26.49 44.70 -6.96
C LEU B 58 27.12 44.62 -5.56
N SER B 59 26.62 45.50 -4.70
CA SER B 59 27.07 45.72 -3.32
C SER B 59 27.00 44.62 -2.30
N ALA B 60 27.93 44.67 -1.37
CA ALA B 60 27.93 43.77 -0.25
C ALA B 60 26.72 44.27 0.51
N PRO B 61 25.95 43.40 1.29
CA PRO B 61 26.40 42.01 1.34
C PRO B 61 26.18 41.38 -0.02
N ARG B 62 27.08 40.56 -0.53
CA ARG B 62 26.76 40.03 -1.84
C ARG B 62 25.97 38.74 -1.68
N VAL B 63 24.72 38.78 -2.11
CA VAL B 63 23.84 37.64 -2.03
C VAL B 63 22.95 37.59 -3.27
N VAL B 64 22.50 36.39 -3.61
CA VAL B 64 21.62 36.23 -4.79
C VAL B 64 21.00 34.81 -4.94
N TRP B 65 20.06 34.66 -5.89
CA TRP B 65 19.28 33.45 -6.10
C TRP B 65 19.75 32.58 -7.24
N VAL B 66 19.77 31.28 -7.00
CA VAL B 66 20.16 30.32 -8.01
C VAL B 66 19.01 29.33 -8.27
N MET B 67 18.57 29.24 -9.52
CA MET B 67 17.50 28.35 -9.92
C MET B 67 17.95 27.55 -11.11
N VAL B 68 18.83 26.60 -10.85
CA VAL B 68 19.37 25.77 -11.88
C VAL B 68 19.00 24.35 -11.63
N PRO B 69 19.00 23.56 -12.67
CA PRO B 69 18.60 22.17 -12.50
C PRO B 69 19.37 21.49 -11.39
N ALA B 70 18.63 20.81 -10.51
CA ALA B 70 19.22 20.16 -9.35
C ALA B 70 20.22 19.09 -9.76
N GLY B 71 21.18 18.81 -8.87
CA GLY B 71 22.22 17.84 -9.13
C GLY B 71 23.59 18.50 -9.09
N ASN B 72 24.49 17.97 -9.95
CA ASN B 72 25.82 18.56 -9.99
C ASN B 72 25.81 19.95 -10.66
N ILE B 73 24.84 20.21 -11.54
CA ILE B 73 24.69 21.56 -12.08
C ILE B 73 24.54 22.57 -10.95
N THR B 74 23.70 22.24 -9.96
CA THR B 74 23.58 23.14 -8.81
C THR B 74 24.91 23.26 -8.09
N THR B 75 25.51 22.12 -7.75
CA THR B 75 26.83 22.11 -7.13
C THR B 75 27.86 22.86 -7.99
N ALA B 76 27.90 22.55 -9.29
CA ALA B 76 28.91 23.13 -10.17
C ALA B 76 28.80 24.65 -10.18
N VAL B 77 27.58 25.18 -10.09
CA VAL B 77 27.39 26.61 -9.83
C VAL B 77 27.92 26.98 -8.45
N ILE B 78 27.62 26.16 -7.44
CA ILE B 78 27.87 26.49 -6.03
C ILE B 78 29.36 26.36 -5.68
N GLU B 79 30.18 25.90 -6.63
CA GLU B 79 31.61 26.08 -6.45
C GLU B 79 32.10 27.38 -7.05
N GLU B 80 31.50 27.82 -8.14
CA GLU B 80 31.91 29.05 -8.78
C GLU B 80 31.68 30.22 -7.89
N LEU B 81 30.57 30.21 -7.19
CA LEU B 81 30.24 31.30 -6.31
C LEU B 81 31.26 31.33 -5.19
N ALA B 82 31.88 30.19 -4.95
CA ALA B 82 32.90 30.13 -3.93
C ALA B 82 33.99 31.08 -4.40
N ASN B 83 34.31 30.95 -5.68
CA ASN B 83 35.29 31.76 -6.32
C ASN B 83 34.56 32.99 -6.76
N THR B 84 34.18 33.80 -5.79
CA THR B 84 33.48 35.04 -6.02
C THR B 84 32.68 35.18 -4.77
N LEU B 85 31.89 36.24 -4.74
CA LEU B 85 30.96 36.54 -3.64
C LEU B 85 31.58 37.22 -2.43
N GLU B 86 32.90 37.45 -2.45
CA GLU B 86 33.54 38.10 -1.33
C GLU B 86 33.17 37.31 -0.06
N ALA B 87 32.75 38.01 0.98
CA ALA B 87 32.32 37.36 2.21
C ALA B 87 31.18 38.14 2.86
N GLY B 88 30.28 37.45 3.54
CA GLY B 88 29.18 38.13 4.22
C GLY B 88 27.98 38.22 3.30
N ASP B 89 28.07 37.53 2.17
CA ASP B 89 27.00 37.50 1.17
C ASP B 89 26.35 36.12 1.21
N ILE B 90 25.03 36.09 1.24
CA ILE B 90 24.32 34.82 1.32
C ILE B 90 23.62 34.38 0.04
N VAL B 91 23.92 33.13 -0.35
CA VAL B 91 23.35 32.49 -1.51
C VAL B 91 21.95 31.91 -1.24
N ILE B 92 20.96 32.30 -2.03
CA ILE B 92 19.59 31.80 -1.87
C ILE B 92 19.37 30.66 -2.84
N ASP B 93 19.37 29.43 -2.38
CA ASP B 93 19.15 28.30 -3.30
C ASP B 93 17.65 27.94 -3.24
N GLY B 94 16.90 28.46 -4.21
CA GLY B 94 15.48 28.20 -4.45
C GLY B 94 15.18 27.02 -5.34
N GLY B 95 16.21 26.29 -5.77
CA GLY B 95 16.00 25.12 -6.60
C GLY B 95 15.59 23.91 -5.81
N ASN B 96 15.35 22.83 -6.54
CA ASN B 96 14.90 21.57 -5.96
C ASN B 96 16.10 20.74 -5.48
N THR B 97 16.89 21.35 -4.58
CA THR B 97 18.09 20.77 -4.00
C THR B 97 17.73 19.72 -2.96
N TYR B 98 18.27 18.51 -3.05
CA TYR B 98 18.25 17.56 -1.93
C TYR B 98 18.86 18.17 -0.68
N TYR B 99 18.07 18.25 0.39
CA TYR B 99 18.52 18.93 1.60
C TYR B 99 19.85 18.38 2.12
N ARG B 100 20.13 17.09 1.92
CA ARG B 100 21.43 16.59 2.35
C ARG B 100 22.55 17.34 1.63
N ASP B 101 22.37 17.61 0.32
CA ASP B 101 23.37 18.36 -0.43
C ASP B 101 23.46 19.80 0.06
N ASP B 102 22.37 20.33 0.63
CA ASP B 102 22.41 21.65 1.25
C ASP B 102 23.47 21.73 2.34
N LEU B 103 23.62 20.66 3.13
CA LEU B 103 24.62 20.65 4.20
C LEU B 103 26.02 20.78 3.62
N ARG B 104 26.33 19.99 2.59
CA ARG B 104 27.66 20.15 1.99
C ARG B 104 27.80 21.52 1.33
N HIS B 105 26.74 22.07 0.71
CA HIS B 105 26.86 23.39 0.10
C HIS B 105 27.09 24.48 1.14
N GLU B 106 26.51 24.32 2.34
CA GLU B 106 26.65 25.40 3.31
C GLU B 106 28.05 25.43 3.90
N LYS B 107 28.59 24.26 4.24
CA LYS B 107 29.92 24.23 4.83
C LYS B 107 30.91 24.61 3.75
N LEU B 108 30.71 24.17 2.54
CA LEU B 108 31.71 24.53 1.58
C LEU B 108 31.78 26.04 1.60
N LEU B 109 30.65 26.71 1.70
CA LEU B 109 30.66 28.15 1.76
C LEU B 109 31.14 28.72 3.06
N PHE B 110 31.08 27.93 4.12
CA PHE B 110 31.51 28.41 5.41
C PHE B 110 32.99 28.68 5.33
N LYS B 111 33.66 27.98 4.42
CA LYS B 111 35.07 28.18 4.25
C LYS B 111 35.18 29.42 3.42
N LYS B 112 34.52 30.44 3.92
CA LYS B 112 34.50 31.74 3.32
C LYS B 112 33.47 32.39 4.18
N GLY B 113 33.16 33.63 3.90
CA GLY B 113 32.21 34.35 4.73
C GLY B 113 30.81 34.28 4.22
N ILE B 114 30.59 33.40 3.25
CA ILE B 114 29.29 33.24 2.61
C ILE B 114 28.22 32.45 3.34
N HIS B 115 27.08 33.10 3.51
CA HIS B 115 25.87 32.50 4.04
C HIS B 115 25.08 31.69 3.05
N LEU B 116 24.30 30.75 3.55
CA LEU B 116 23.47 29.96 2.66
C LEU B 116 22.06 29.76 3.10
N LEU B 117 21.13 30.36 2.40
CA LEU B 117 19.73 30.10 2.71
C LEU B 117 19.13 29.24 1.60
N ASP B 118 18.71 28.08 2.10
CA ASP B 118 18.06 27.04 1.28
C ASP B 118 16.56 27.28 1.27
N CYS B 119 16.00 27.59 0.10
CA CYS B 119 14.61 27.99 0.02
C CYS B 119 13.84 26.98 -0.83
N GLY B 120 12.92 26.24 -0.20
CA GLY B 120 12.04 25.37 -0.94
C GLY B 120 10.93 26.17 -1.59
N THR B 121 10.96 26.23 -2.91
CA THR B 121 10.09 27.10 -3.70
C THR B 121 8.91 26.34 -4.28
N SER B 122 7.69 26.79 -3.96
CA SER B 122 6.48 26.13 -4.45
C SER B 122 5.67 27.10 -5.28
N GLY B 123 4.61 26.60 -5.90
CA GLY B 123 3.69 27.42 -6.68
C GLY B 123 3.70 27.14 -8.16
N GLY B 124 4.75 26.48 -8.66
CA GLY B 124 4.79 26.12 -10.08
C GLY B 124 4.70 27.30 -11.03
N VAL B 125 3.94 27.10 -12.12
CA VAL B 125 3.87 28.06 -13.22
C VAL B 125 2.72 29.06 -13.06
N TRP B 126 2.02 29.03 -11.93
CA TRP B 126 1.02 30.03 -11.57
C TRP B 126 1.59 31.16 -10.71
N GLY B 127 2.91 31.18 -10.50
CA GLY B 127 3.51 31.94 -9.42
C GLY B 127 3.83 33.38 -9.75
N ARG B 128 3.88 33.75 -11.00
CA ARG B 128 4.19 35.09 -11.32
C ARG B 128 3.12 35.96 -10.73
N GLU B 129 1.87 35.56 -10.88
CA GLU B 129 0.79 36.36 -10.34
C GLU B 129 0.30 35.92 -8.98
N ARG B 130 0.08 34.62 -8.85
CA ARG B 130 -0.43 34.00 -7.64
C ARG B 130 0.46 34.09 -6.44
N GLY B 131 1.75 34.00 -6.67
CA GLY B 131 2.76 33.95 -5.63
C GLY B 131 3.29 32.55 -5.37
N TYR B 132 4.49 32.50 -4.79
CA TYR B 132 5.20 31.25 -4.50
C TYR B 132 5.25 31.03 -2.98
N CYS B 133 4.71 29.90 -2.52
CA CYS B 133 4.92 29.47 -1.14
C CYS B 133 6.37 29.07 -0.92
N LEU B 134 7.01 29.60 0.15
CA LEU B 134 8.45 29.44 0.35
C LEU B 134 8.78 29.00 1.77
N MET B 135 9.74 28.08 1.85
CA MET B 135 10.17 27.43 3.09
C MET B 135 11.68 27.46 3.10
N ILE B 136 12.26 28.31 3.95
CA ILE B 136 13.69 28.59 3.89
C ILE B 136 14.35 28.16 5.19
N GLY B 137 15.62 27.72 5.07
CA GLY B 137 16.44 27.41 6.22
C GLY B 137 17.78 28.11 6.12
N GLY B 138 18.62 27.86 7.12
CA GLY B 138 19.84 28.63 7.32
C GLY B 138 19.68 29.68 8.40
N ASP B 139 20.63 30.62 8.42
CA ASP B 139 20.80 31.50 9.58
C ASP B 139 19.73 32.57 9.68
N GLY B 140 19.28 32.82 10.92
CA GLY B 140 18.15 33.71 11.17
C GLY B 140 18.51 35.16 10.88
N ASP B 141 19.78 35.56 11.04
CA ASP B 141 20.17 36.92 10.69
C ASP B 141 20.42 37.04 9.19
N ALA B 142 20.98 35.99 8.59
CA ALA B 142 21.03 35.93 7.13
C ALA B 142 19.63 35.93 6.52
N PHE B 143 18.70 35.19 7.12
CA PHE B 143 17.31 35.23 6.66
C PHE B 143 16.72 36.62 6.86
N ALA B 144 16.98 37.24 8.01
CA ALA B 144 16.45 38.56 8.30
C ALA B 144 16.84 39.57 7.21
N ARG B 145 18.08 39.49 6.74
CA ARG B 145 18.62 40.39 5.72
C ARG B 145 17.87 40.26 4.39
N ALA B 146 17.62 39.01 3.99
CA ALA B 146 16.97 38.73 2.71
C ALA B 146 15.45 38.70 2.84
N GLU B 147 14.93 38.83 4.06
CA GLU B 147 13.48 38.76 4.28
C GLU B 147 12.65 39.62 3.33
N PRO B 148 13.02 40.88 3.03
CA PRO B 148 12.16 41.68 2.13
C PRO B 148 11.90 41.01 0.80
N ILE B 149 12.84 40.19 0.34
CA ILE B 149 12.65 39.46 -0.90
C ILE B 149 11.59 38.39 -0.70
N PHE B 150 11.79 37.56 0.32
CA PHE B 150 10.88 36.45 0.60
C PHE B 150 9.44 36.91 0.72
N ALA B 151 9.20 38.10 1.29
CA ALA B 151 7.83 38.59 1.39
C ALA B 151 7.26 38.93 0.03
N THR B 152 8.10 39.32 -0.92
CA THR B 152 7.61 39.83 -2.19
C THR B 152 7.26 38.71 -3.14
N VAL B 153 8.05 37.64 -3.10
CA VAL B 153 7.79 36.46 -3.92
C VAL B 153 6.56 35.71 -3.43
N ALA B 154 6.38 35.64 -2.10
CA ALA B 154 5.27 34.93 -1.46
C ALA B 154 3.91 35.49 -1.86
N PRO B 155 2.83 34.76 -1.58
CA PRO B 155 1.50 35.25 -1.99
C PRO B 155 0.93 36.37 -1.14
N GLY B 156 1.44 36.61 0.06
CA GLY B 156 0.88 37.63 0.94
C GLY B 156 -0.40 37.15 1.62
N VAL B 157 -0.62 37.57 2.88
CA VAL B 157 -1.74 37.03 3.66
C VAL B 157 -3.06 37.18 2.92
N ALA B 158 -3.19 38.21 2.09
CA ALA B 158 -4.44 38.47 1.38
C ALA B 158 -4.92 37.31 0.52
N ALA B 159 -4.05 36.32 0.23
CA ALA B 159 -4.42 35.24 -0.68
C ALA B 159 -5.40 34.24 -0.08
N ALA B 160 -5.67 34.32 1.22
CA ALA B 160 -6.62 33.39 1.83
C ALA B 160 -7.02 33.95 3.17
N PRO B 161 -8.30 33.86 3.53
CA PRO B 161 -8.73 34.35 4.84
C PRO B 161 -7.86 33.77 5.94
N ARG B 162 -7.60 34.58 6.97
CA ARG B 162 -6.69 34.17 8.03
C ARG B 162 -7.29 33.02 8.85
N THR B 163 -6.42 32.17 9.40
CA THR B 163 -6.90 31.04 10.18
C THR B 163 -7.75 31.54 11.35
N PRO B 164 -8.90 30.92 11.63
CA PRO B 164 -9.65 31.26 12.84
C PRO B 164 -8.78 31.14 14.08
N GLY B 165 -8.70 32.22 14.85
CA GLY B 165 -7.83 32.28 15.99
C GLY B 165 -6.56 33.05 15.75
N ARG B 166 -6.12 33.16 14.49
CA ARG B 166 -5.07 34.11 14.17
C ARG B 166 -5.59 35.49 14.49
N ASP B 167 -5.01 36.11 15.51
CA ASP B 167 -5.37 37.45 15.95
C ASP B 167 -4.12 38.32 15.87
N GLY B 168 -4.34 39.63 15.85
CA GLY B 168 -3.22 40.57 15.84
C GLY B 168 -2.56 40.69 14.48
N GLU B 169 -1.23 40.67 14.44
CA GLU B 169 -0.53 40.90 13.18
C GLU B 169 -0.19 39.59 12.49
N VAL B 170 -0.24 39.68 11.15
CA VAL B 170 0.22 38.68 10.21
C VAL B 170 1.59 38.16 10.60
N ALA B 171 1.75 36.85 10.68
CA ALA B 171 3.04 36.20 10.86
C ALA B 171 3.64 35.88 9.49
N PRO B 172 4.95 35.57 9.43
CA PRO B 172 5.51 35.09 8.15
C PRO B 172 4.70 33.94 7.54
N SER B 173 4.49 32.87 8.31
CA SER B 173 3.63 31.75 7.91
C SER B 173 2.37 32.19 7.19
N GLU B 174 1.74 33.26 7.68
CA GLU B 174 0.48 33.71 7.12
C GLU B 174 0.64 34.34 5.75
N GLN B 175 1.83 34.86 5.45
CA GLN B 175 2.03 35.60 4.21
C GLN B 175 2.49 34.70 3.07
N GLY B 176 2.72 33.41 3.33
CA GLY B 176 3.14 32.49 2.31
C GLY B 176 4.61 32.12 2.33
N TYR B 177 5.37 32.56 3.34
CA TYR B 177 6.76 32.18 3.50
C TYR B 177 7.05 31.89 4.97
N LEU B 178 8.07 31.06 5.22
CA LEU B 178 8.36 30.70 6.60
C LEU B 178 9.80 30.20 6.73
N HIS B 179 10.48 30.72 7.73
CA HIS B 179 11.82 30.26 8.11
C HIS B 179 11.65 28.99 8.94
N CYS B 180 12.17 27.88 8.44
CA CYS B 180 11.81 26.59 9.02
C CYS B 180 12.84 26.08 10.03
N GLY B 181 14.05 26.61 10.00
CA GLY B 181 15.09 26.16 10.88
C GLY B 181 16.45 26.27 10.23
N PRO B 182 17.41 25.45 10.68
CA PRO B 182 18.77 25.56 10.15
C PRO B 182 18.89 25.09 8.70
N CYS B 183 20.12 24.96 8.22
CA CYS B 183 20.30 24.68 6.80
C CYS B 183 19.69 23.35 6.45
N GLY B 184 19.07 23.27 5.27
CA GLY B 184 18.40 22.07 4.81
C GLY B 184 16.92 22.02 5.15
N SER B 185 16.54 22.56 6.31
CA SER B 185 15.15 22.51 6.76
C SER B 185 14.19 23.16 5.77
N GLY B 186 14.66 24.10 4.98
CA GLY B 186 13.79 24.70 3.99
C GLY B 186 13.42 23.65 2.97
N HIS B 187 14.43 23.09 2.32
CA HIS B 187 14.15 22.08 1.32
C HIS B 187 13.61 20.81 1.94
N PHE B 188 13.83 20.60 3.23
CA PHE B 188 13.25 19.42 3.85
C PHE B 188 11.72 19.54 3.91
N VAL B 189 11.21 20.69 4.38
CA VAL B 189 9.76 20.86 4.43
C VAL B 189 9.18 20.76 3.02
N LYS B 190 9.86 21.35 2.03
CA LYS B 190 9.20 21.32 0.73
C LYS B 190 9.28 19.93 0.11
N MET B 191 10.36 19.19 0.28
CA MET B 191 10.39 17.75 -0.02
C MET B 191 9.17 17.02 0.53
N VAL B 192 8.81 17.30 1.80
CA VAL B 192 7.63 16.65 2.34
C VAL B 192 6.37 17.22 1.70
N HIS B 193 6.42 18.50 1.28
CA HIS B 193 5.25 19.09 0.66
C HIS B 193 4.90 18.37 -0.64
N ASN B 194 5.91 17.98 -1.40
CA ASN B 194 5.71 17.21 -2.60
C ASN B 194 5.30 15.78 -2.31
N GLY B 195 5.77 15.19 -1.22
CA GLY B 195 5.24 13.90 -0.80
C GLY B 195 3.74 13.96 -0.58
N ILE B 196 3.30 14.91 0.24
CA ILE B 196 1.87 15.10 0.46
C ILE B 196 1.16 15.37 -0.87
N GLU B 197 1.82 16.08 -1.78
CA GLU B 197 1.22 16.44 -3.06
C GLU B 197 0.99 15.20 -3.91
N TYR B 198 1.95 14.27 -3.89
CA TYR B 198 1.75 13.03 -4.64
C TYR B 198 0.51 12.30 -4.16
N GLY B 199 0.29 12.32 -2.84
CA GLY B 199 -0.79 11.51 -2.27
C GLY B 199 -2.15 12.15 -2.45
N MET B 200 -2.20 13.48 -2.48
CA MET B 200 -3.46 14.13 -2.82
C MET B 200 -3.81 13.89 -4.29
N MET B 201 -2.86 14.12 -5.20
CA MET B 201 -3.07 13.84 -6.62
C MET B 201 -3.59 12.42 -6.82
N ALA B 202 -2.83 11.43 -6.34
CA ALA B 202 -3.24 10.04 -6.47
C ALA B 202 -4.59 9.77 -5.84
N SER B 203 -4.90 10.42 -4.71
CA SER B 203 -6.21 10.17 -4.09
C SER B 203 -7.32 10.53 -5.05
N LEU B 204 -7.16 11.63 -5.77
CA LEU B 204 -8.26 12.00 -6.64
C LEU B 204 -8.12 11.31 -7.99
N ALA B 205 -6.91 11.02 -8.44
CA ALA B 205 -6.71 10.21 -9.63
C ALA B 205 -7.39 8.85 -9.49
N GLU B 206 -7.11 8.13 -8.40
CA GLU B 206 -7.72 6.81 -8.25
C GLU B 206 -9.24 6.92 -8.20
N GLY B 207 -9.76 7.99 -7.58
CA GLY B 207 -11.19 8.13 -7.41
C GLY B 207 -11.85 8.30 -8.75
N LEU B 208 -11.34 9.25 -9.54
CA LEU B 208 -11.86 9.43 -10.89
C LEU B 208 -11.79 8.11 -11.67
N ASN B 209 -10.71 7.36 -11.51
CA ASN B 209 -10.61 6.06 -12.18
C ASN B 209 -11.74 5.11 -11.73
N ILE B 210 -12.03 5.05 -10.43
CA ILE B 210 -13.15 4.21 -9.97
C ILE B 210 -14.45 4.62 -10.66
N LEU B 211 -14.70 5.93 -10.71
CA LEU B 211 -15.90 6.42 -11.39
C LEU B 211 -15.88 6.05 -12.86
N ARG B 212 -14.75 6.28 -13.52
CA ARG B 212 -14.63 6.05 -14.96
C ARG B 212 -14.94 4.61 -15.38
N ASN B 213 -14.78 3.67 -14.47
CA ASN B 213 -15.02 2.28 -14.74
C ASN B 213 -16.21 1.69 -14.06
N ALA B 214 -17.11 2.53 -13.60
CA ALA B 214 -18.31 2.10 -12.93
C ALA B 214 -19.30 1.50 -13.90
N ASP B 215 -19.00 1.62 -15.17
CA ASP B 215 -19.83 1.09 -16.23
C ASP B 215 -19.35 -0.28 -16.62
N VAL B 216 -18.67 -0.96 -15.73
CA VAL B 216 -18.09 -2.26 -16.00
C VAL B 216 -19.09 -3.35 -16.40
N GLY B 217 -20.27 -3.33 -15.80
CA GLY B 217 -21.30 -4.31 -16.08
C GLY B 217 -21.73 -4.31 -17.52
N THR B 218 -21.80 -3.14 -18.10
CA THR B 218 -22.15 -3.00 -19.53
C THR B 218 -21.07 -3.59 -20.44
N ARG B 219 -19.80 -3.44 -20.09
CA ARG B 219 -18.95 -4.10 -21.09
C ARG B 219 -18.61 -5.53 -20.62
N ALA B 228 -11.42 -13.35 -12.46
CA ALA B 228 -11.94 -12.01 -12.57
C ALA B 228 -13.40 -11.88 -13.09
N PRO B 229 -14.30 -12.81 -12.73
CA PRO B 229 -15.70 -12.63 -13.15
C PRO B 229 -16.40 -11.64 -12.24
N LEU B 230 -17.40 -11.00 -12.81
CA LEU B 230 -18.13 -10.00 -12.08
C LEU B 230 -19.51 -10.45 -11.71
N PRO B 231 -19.74 -10.45 -10.36
CA PRO B 231 -21.10 -10.78 -9.99
C PRO B 231 -21.82 -9.45 -9.87
N ASN B 232 -23.14 -9.43 -9.94
CA ASN B 232 -23.84 -8.18 -9.81
C ASN B 232 -23.47 -7.19 -10.89
N PRO B 233 -23.53 -7.68 -12.18
CA PRO B 233 -23.21 -6.70 -13.22
C PRO B 233 -24.23 -5.57 -13.12
N GLU B 234 -25.39 -5.86 -12.56
CA GLU B 234 -26.44 -4.87 -12.36
C GLU B 234 -26.07 -3.77 -11.36
N CYS B 235 -24.94 -3.91 -10.66
CA CYS B 235 -24.48 -2.89 -9.72
C CYS B 235 -23.44 -1.95 -10.32
N TYR B 236 -23.02 -2.19 -11.57
CA TYR B 236 -21.98 -1.38 -12.22
C TYR B 236 -22.54 -1.03 -13.60
N GLN B 237 -23.45 -0.04 -13.61
CA GLN B 237 -24.14 0.37 -14.83
C GLN B 237 -24.06 1.87 -15.11
N TYR B 238 -23.07 2.57 -14.57
CA TYR B 238 -23.10 4.01 -14.61
C TYR B 238 -22.03 4.59 -15.52
N ASP B 239 -22.45 5.50 -16.39
CA ASP B 239 -21.53 6.22 -17.26
C ASP B 239 -21.42 7.67 -16.76
N PHE B 240 -20.50 7.89 -15.82
CA PHE B 240 -20.36 9.18 -15.18
C PHE B 240 -19.67 10.19 -16.08
N ASP B 241 -20.14 11.44 -16.01
CA ASP B 241 -19.56 12.56 -16.74
C ASP B 241 -18.50 13.19 -15.84
N ILE B 242 -17.32 12.57 -15.85
CA ILE B 242 -16.19 12.94 -14.99
C ILE B 242 -15.92 14.45 -15.02
N PRO B 243 -15.99 15.15 -16.17
CA PRO B 243 -15.75 16.60 -16.12
C PRO B 243 -16.70 17.33 -15.19
N GLU B 244 -17.94 16.88 -15.12
CA GLU B 244 -18.96 17.49 -14.27
C GLU B 244 -18.81 17.14 -12.80
N VAL B 245 -18.56 15.86 -12.48
CA VAL B 245 -18.25 15.50 -11.09
C VAL B 245 -17.07 16.34 -10.58
N ALA B 246 -16.02 16.50 -11.38
CA ALA B 246 -14.85 17.21 -10.88
C ALA B 246 -15.19 18.64 -10.51
N GLU B 247 -16.10 19.27 -11.28
CA GLU B 247 -16.41 20.66 -10.95
C GLU B 247 -17.52 20.74 -9.89
N VAL B 248 -18.37 19.72 -9.73
CA VAL B 248 -19.33 19.77 -8.62
C VAL B 248 -18.59 19.68 -7.30
N TRP B 249 -17.48 18.94 -7.28
CA TRP B 249 -16.75 18.78 -6.03
C TRP B 249 -16.05 20.06 -5.61
N ARG B 250 -16.00 21.08 -6.48
CA ARG B 250 -15.35 22.33 -6.11
C ARG B 250 -16.06 23.08 -5.00
N ARG B 251 -17.39 22.96 -4.92
CA ARG B 251 -18.17 23.83 -4.04
C ARG B 251 -18.97 23.01 -3.05
N GLY B 252 -18.85 23.36 -1.76
CA GLY B 252 -19.65 22.74 -0.72
C GLY B 252 -19.27 21.32 -0.34
N SER B 253 -18.07 20.86 -0.69
CA SER B 253 -17.69 19.49 -0.38
C SER B 253 -16.42 19.48 0.45
N VAL B 254 -16.13 18.31 1.01
CA VAL B 254 -14.96 18.17 1.86
C VAL B 254 -13.66 18.25 1.04
N ILE B 255 -13.67 17.73 -0.18
CA ILE B 255 -12.41 17.44 -0.87
C ILE B 255 -11.95 18.60 -1.75
N GLY B 256 -12.52 19.80 -1.57
CA GLY B 256 -12.06 20.95 -2.34
C GLY B 256 -10.57 21.15 -2.18
N SER B 257 -9.94 21.66 -3.24
CA SER B 257 -8.49 21.80 -3.29
C SER B 257 -8.10 22.41 -4.62
N TRP B 258 -6.93 23.07 -4.62
CA TRP B 258 -6.38 23.61 -5.85
C TRP B 258 -6.15 22.53 -6.89
N LEU B 259 -5.74 21.33 -6.47
CA LEU B 259 -5.56 20.23 -7.40
C LEU B 259 -6.88 19.84 -8.04
N LEU B 260 -7.94 19.75 -7.25
CA LEU B 260 -9.25 19.53 -7.86
C LEU B 260 -9.57 20.64 -8.86
N ASP B 261 -9.18 21.88 -8.56
CA ASP B 261 -9.48 22.98 -9.49
C ASP B 261 -8.77 22.77 -10.81
N LEU B 262 -7.50 22.40 -10.75
CA LEU B 262 -6.72 22.16 -11.97
C LEU B 262 -7.23 20.92 -12.68
N THR B 263 -7.57 19.88 -11.92
CA THR B 263 -8.18 18.71 -12.56
C THR B 263 -9.44 19.10 -13.30
N ALA B 264 -10.23 20.02 -12.71
CA ALA B 264 -11.47 20.46 -13.34
C ALA B 264 -11.17 21.14 -14.68
N ILE B 265 -10.14 22.01 -14.70
CA ILE B 265 -9.75 22.70 -15.92
C ILE B 265 -9.43 21.71 -17.02
N ALA B 266 -8.57 20.73 -16.70
CA ALA B 266 -8.06 19.79 -17.68
C ALA B 266 -9.17 18.93 -18.28
N LEU B 267 -10.13 18.49 -17.46
CA LEU B 267 -11.24 17.69 -17.97
C LEU B 267 -12.16 18.53 -18.86
N ARG B 268 -12.25 19.84 -18.59
CA ARG B 268 -13.01 20.73 -19.45
C ARG B 268 -12.32 20.87 -20.81
N GLU B 269 -10.98 20.96 -20.82
CA GLU B 269 -10.23 20.96 -22.08
C GLU B 269 -10.27 19.59 -22.77
N SER B 270 -10.14 18.51 -22.01
CA SER B 270 -10.04 17.15 -22.56
C SER B 270 -10.83 16.18 -21.69
N PRO B 271 -12.05 15.83 -22.06
CA PRO B 271 -12.89 14.99 -21.18
C PRO B 271 -12.41 13.58 -21.02
N ASP B 272 -11.45 13.12 -21.83
CA ASP B 272 -10.89 11.78 -21.68
C ASP B 272 -9.41 11.83 -21.34
N LEU B 273 -8.88 13.03 -21.11
CA LEU B 273 -7.44 13.26 -20.92
C LEU B 273 -6.63 12.50 -21.96
N ALA B 274 -7.11 12.54 -23.21
CA ALA B 274 -6.58 11.66 -24.24
C ALA B 274 -5.14 11.99 -24.58
N GLU B 275 -4.77 13.26 -24.44
CA GLU B 275 -3.45 13.80 -24.77
C GLU B 275 -2.34 13.27 -23.89
N PHE B 276 -2.68 12.70 -22.73
CA PHE B 276 -1.68 12.33 -21.74
C PHE B 276 -1.39 10.85 -21.81
N SER B 277 -0.09 10.53 -21.71
CA SER B 277 0.39 9.19 -21.97
C SER B 277 0.04 8.25 -20.82
N GLY B 278 -0.04 8.79 -19.61
CA GLY B 278 -0.07 7.92 -18.48
C GLY B 278 1.29 7.49 -17.99
N ARG B 279 2.36 7.99 -18.60
CA ARG B 279 3.71 7.67 -18.16
C ARG B 279 4.20 8.88 -17.32
N VAL B 280 4.27 8.72 -16.00
CA VAL B 280 4.36 9.83 -15.04
C VAL B 280 5.77 9.96 -14.45
N SER B 281 6.41 11.11 -14.65
CA SER B 281 7.74 11.28 -14.08
C SER B 281 7.65 11.56 -12.58
N ASP B 282 8.77 11.41 -11.90
CA ASP B 282 8.90 11.85 -10.52
C ASP B 282 10.25 12.53 -10.41
N SER B 283 10.29 13.68 -9.75
CA SER B 283 11.49 14.52 -9.79
C SER B 283 12.46 14.26 -8.64
N GLY B 284 12.05 13.49 -7.63
CA GLY B 284 12.93 13.05 -6.57
C GLY B 284 12.44 13.40 -5.18
N GLU B 285 11.72 14.51 -5.06
CA GLU B 285 11.30 14.92 -3.72
C GLU B 285 10.37 13.89 -3.11
N GLY B 286 9.51 13.27 -3.93
CA GLY B 286 8.67 12.18 -3.44
C GLY B 286 9.48 11.01 -2.91
N ARG B 287 10.48 10.58 -3.69
CA ARG B 287 11.36 9.51 -3.20
C ARG B 287 12.12 9.92 -1.93
N TRP B 288 12.70 11.12 -1.85
CA TRP B 288 13.40 11.53 -0.63
C TRP B 288 12.47 11.54 0.58
N THR B 289 11.20 11.92 0.37
CA THR B 289 10.23 11.88 1.45
C THR B 289 9.96 10.46 1.90
N ALA B 290 10.01 9.50 0.99
CA ALA B 290 9.74 8.12 1.36
C ALA B 290 10.92 7.53 2.13
N ILE B 291 12.13 7.91 1.74
CA ILE B 291 13.30 7.48 2.49
C ILE B 291 13.30 8.10 3.87
N ALA B 292 13.02 9.40 3.97
CA ALA B 292 12.95 10.00 5.28
C ALA B 292 11.95 9.28 6.17
N ALA B 293 10.76 8.98 5.62
CA ALA B 293 9.77 8.21 6.38
C ALA B 293 10.35 6.87 6.84
N ILE B 294 11.06 6.18 5.96
CA ILE B 294 11.55 4.84 6.33
C ILE B 294 12.62 4.93 7.41
N ASP B 295 13.55 5.89 7.29
CA ASP B 295 14.57 6.02 8.31
C ASP B 295 14.00 6.49 9.65
N GLU B 296 12.85 7.17 9.66
CA GLU B 296 12.23 7.64 10.90
C GLU B 296 11.28 6.63 11.52
N GLY B 297 11.12 5.47 10.90
CA GLY B 297 10.08 4.53 11.31
C GLY B 297 8.68 5.12 11.28
N VAL B 298 8.41 6.04 10.39
CA VAL B 298 7.07 6.59 10.29
C VAL B 298 6.41 5.85 9.17
N PRO B 299 5.26 5.12 9.46
CA PRO B 299 4.67 4.42 8.32
C PRO B 299 3.92 5.34 7.38
N ALA B 300 4.30 5.33 6.12
CA ALA B 300 3.70 6.16 5.11
C ALA B 300 3.30 5.39 3.89
N PRO B 301 2.30 4.48 4.11
CA PRO B 301 1.85 3.76 2.94
C PRO B 301 1.16 4.59 1.92
N VAL B 302 0.31 5.50 2.33
CA VAL B 302 -0.44 6.32 1.43
C VAL B 302 0.46 7.17 0.60
N LEU B 303 1.42 7.83 1.19
CA LEU B 303 2.33 8.58 0.31
C LEU B 303 3.18 7.64 -0.54
N THR B 304 3.70 6.55 0.03
CA THR B 304 4.71 5.78 -0.71
C THR B 304 4.09 4.98 -1.84
N THR B 305 2.96 4.33 -1.56
CA THR B 305 2.11 3.75 -2.59
C THR B 305 1.85 4.70 -3.76
N ALA B 306 1.66 5.99 -3.48
CA ALA B 306 1.44 6.94 -4.58
C ALA B 306 2.69 7.06 -5.48
N LEU B 307 3.87 7.14 -4.85
CA LEU B 307 5.14 7.12 -5.57
C LEU B 307 5.28 5.84 -6.37
N GLN B 308 5.01 4.71 -5.74
CA GLN B 308 5.14 3.43 -6.41
C GLN B 308 4.17 3.33 -7.59
N SER B 309 3.00 3.97 -7.50
CA SER B 309 2.13 4.01 -8.66
C SER B 309 2.81 4.72 -9.83
N ARG B 310 3.51 5.81 -9.55
CA ARG B 310 4.24 6.49 -10.61
C ARG B 310 5.34 5.62 -11.19
N PHE B 311 6.10 4.90 -10.37
CA PHE B 311 7.06 3.94 -10.93
C PHE B 311 6.38 2.97 -11.90
N ALA B 312 5.30 2.31 -11.45
CA ALA B 312 4.62 1.32 -12.27
C ALA B 312 4.16 1.89 -13.61
N SER B 313 3.73 3.16 -13.62
CA SER B 313 3.24 3.76 -14.85
C SER B 313 4.35 3.89 -15.88
N ARG B 314 5.58 3.77 -15.45
CA ARG B 314 6.74 3.79 -16.31
C ARG B 314 7.26 2.38 -16.58
N ASP B 315 6.50 1.36 -16.22
CA ASP B 315 6.82 -0.01 -16.60
C ASP B 315 8.04 -0.50 -15.86
N LEU B 316 8.28 0.07 -14.68
CA LEU B 316 9.40 -0.35 -13.86
C LEU B 316 9.09 -1.58 -13.03
N ASP B 317 7.83 -2.05 -13.06
CA ASP B 317 7.53 -3.34 -12.44
C ASP B 317 7.74 -4.49 -13.42
N ASP B 318 8.24 -4.20 -14.63
CA ASP B 318 8.18 -5.21 -15.69
C ASP B 318 8.91 -6.49 -15.31
N PHE B 319 10.12 -6.37 -14.76
CA PHE B 319 10.82 -7.62 -14.42
C PHE B 319 10.05 -8.43 -13.38
N ALA B 320 9.40 -7.75 -12.44
CA ALA B 320 8.64 -8.51 -11.44
C ALA B 320 7.44 -9.17 -12.08
N ASN B 321 6.76 -8.47 -13.00
CA ASN B 321 5.62 -9.09 -13.67
C ASN B 321 6.07 -10.32 -14.43
N LYS B 322 7.25 -10.24 -15.04
CA LYS B 322 7.82 -11.39 -15.70
C LYS B 322 8.02 -12.54 -14.72
N ALA B 323 8.53 -12.26 -13.52
CA ALA B 323 8.71 -13.33 -12.55
C ALA B 323 7.37 -13.95 -12.19
N LEU B 324 6.34 -13.12 -11.99
CA LEU B 324 4.99 -13.64 -11.70
C LEU B 324 4.52 -14.51 -12.85
N SER B 325 4.64 -14.02 -14.07
CA SER B 325 4.26 -14.80 -15.23
C SER B 325 4.99 -16.15 -15.24
N ALA B 326 6.29 -16.15 -14.96
CA ALA B 326 7.09 -17.35 -15.01
C ALA B 326 6.77 -18.32 -13.87
N MET B 327 6.34 -17.82 -12.72
CA MET B 327 5.89 -18.73 -11.66
C MET B 327 4.61 -19.47 -12.05
N ARG B 328 3.59 -18.75 -12.57
CA ARG B 328 2.33 -19.46 -12.81
C ARG B 328 2.47 -20.47 -13.93
N LYS B 329 3.38 -20.27 -14.89
CA LYS B 329 3.61 -21.30 -15.91
C LYS B 329 3.99 -22.63 -15.29
N GLN B 330 4.64 -22.61 -14.13
CA GLN B 330 5.14 -23.84 -13.52
C GLN B 330 4.02 -24.65 -12.89
N PHE B 331 3.14 -24.00 -12.14
CA PHE B 331 2.01 -24.74 -11.60
C PHE B 331 0.75 -24.46 -12.42
N MET C 1 -15.34 -46.53 -2.49
CA MET C 1 -16.79 -46.38 -2.62
C MET C 1 -17.22 -45.74 -3.94
N GLN C 2 -18.53 -45.66 -4.14
CA GLN C 2 -19.10 -45.30 -5.43
C GLN C 2 -19.39 -43.81 -5.51
N LEU C 3 -19.11 -43.22 -6.67
CA LEU C 3 -19.12 -41.77 -6.78
C LEU C 3 -19.53 -41.37 -8.19
N GLY C 4 -20.07 -40.16 -8.32
CA GLY C 4 -20.36 -39.57 -9.61
C GLY C 4 -19.45 -38.37 -9.81
N MET C 5 -19.02 -38.15 -11.06
CA MET C 5 -18.22 -36.99 -11.42
C MET C 5 -18.78 -36.33 -12.67
N ILE C 6 -19.22 -35.07 -12.54
CA ILE C 6 -19.79 -34.37 -13.67
C ILE C 6 -18.80 -33.38 -14.27
N GLY C 7 -18.57 -33.55 -15.57
CA GLY C 7 -17.66 -32.73 -16.33
C GLY C 7 -16.29 -33.39 -16.31
N LEU C 8 -15.51 -33.16 -17.35
CA LEU C 8 -14.17 -33.75 -17.42
C LEU C 8 -13.12 -32.80 -17.98
N GLY C 9 -12.74 -31.76 -17.23
CA GLY C 9 -11.73 -30.88 -17.77
C GLY C 9 -10.50 -31.49 -17.18
N ARG C 10 -9.34 -30.85 -17.27
CA ARG C 10 -8.16 -31.48 -16.72
C ARG C 10 -8.33 -31.73 -15.24
N MET C 11 -8.87 -30.78 -14.51
CA MET C 11 -9.07 -31.01 -13.08
C MET C 11 -10.05 -32.16 -12.86
N GLY C 12 -11.26 -32.03 -13.40
CA GLY C 12 -12.28 -33.04 -13.14
C GLY C 12 -11.85 -34.43 -13.58
N ALA C 13 -11.17 -34.51 -14.72
CA ALA C 13 -10.71 -35.81 -15.22
C ALA C 13 -9.64 -36.41 -14.32
N ASN C 14 -8.82 -35.59 -13.63
CA ASN C 14 -7.71 -36.11 -12.83
C ASN C 14 -8.15 -36.55 -11.44
N ILE C 15 -9.07 -35.80 -10.83
CA ILE C 15 -9.70 -36.27 -9.61
C ILE C 15 -10.30 -37.65 -9.84
N VAL C 16 -11.01 -37.81 -10.96
CA VAL C 16 -11.55 -39.11 -11.35
C VAL C 16 -10.45 -40.18 -11.29
N ARG C 17 -9.29 -39.89 -11.90
CA ARG C 17 -8.25 -40.91 -12.01
C ARG C 17 -7.48 -41.08 -10.72
N ARG C 18 -7.30 -40.03 -9.94
CA ARG C 18 -6.73 -40.24 -8.62
C ARG C 18 -7.66 -41.10 -7.76
N LEU C 19 -8.96 -41.02 -7.99
CA LEU C 19 -9.92 -41.76 -7.19
C LEU C 19 -10.04 -43.22 -7.61
N ALA C 20 -10.18 -43.48 -8.91
CA ALA C 20 -10.41 -44.87 -9.33
C ALA C 20 -9.19 -45.74 -9.05
N LYS C 21 -7.98 -45.15 -9.09
CA LYS C 21 -6.80 -45.90 -8.70
C LYS C 21 -6.72 -46.06 -7.19
N GLY C 22 -7.25 -45.11 -6.44
CA GLY C 22 -7.37 -45.31 -5.01
C GLY C 22 -8.41 -46.32 -4.59
N GLY C 23 -9.07 -47.00 -5.54
CA GLY C 23 -10.09 -47.99 -5.22
C GLY C 23 -11.47 -47.41 -4.96
N HIS C 24 -11.93 -46.59 -5.90
CA HIS C 24 -13.26 -45.98 -5.86
C HIS C 24 -13.87 -46.18 -7.23
N ASP C 25 -15.17 -46.46 -7.30
CA ASP C 25 -15.80 -46.66 -8.60
C ASP C 25 -16.45 -45.36 -9.07
N CYS C 26 -16.04 -44.91 -10.25
CA CYS C 26 -16.28 -43.58 -10.80
C CYS C 26 -17.21 -43.68 -12.00
N VAL C 27 -18.29 -42.90 -12.03
CA VAL C 27 -19.26 -42.79 -13.11
C VAL C 27 -19.22 -41.35 -13.64
N VAL C 28 -18.78 -41.08 -14.87
CA VAL C 28 -18.41 -39.74 -15.32
C VAL C 28 -19.44 -39.26 -16.33
N TYR C 29 -19.73 -37.96 -16.27
CA TYR C 29 -20.58 -37.27 -17.23
C TYR C 29 -19.87 -36.01 -17.69
N ASP C 30 -20.18 -35.59 -18.91
CA ASP C 30 -19.72 -34.31 -19.42
C ASP C 30 -20.69 -33.91 -20.51
N HIS C 31 -20.67 -32.59 -20.83
CA HIS C 31 -21.30 -31.98 -21.99
C HIS C 31 -20.81 -32.62 -23.28
N ASP C 32 -19.50 -32.83 -23.30
CA ASP C 32 -18.76 -33.33 -24.46
C ASP C 32 -18.62 -34.83 -24.37
N PRO C 33 -19.41 -35.60 -25.13
CA PRO C 33 -19.19 -37.05 -25.16
C PRO C 33 -17.79 -37.46 -25.62
N ASP C 34 -17.07 -36.61 -26.35
CA ASP C 34 -15.65 -36.84 -26.57
C ASP C 34 -14.93 -36.99 -25.23
N ALA C 35 -15.11 -35.99 -24.37
CA ALA C 35 -14.51 -36.03 -23.04
C ALA C 35 -15.01 -37.22 -22.21
N VAL C 36 -16.30 -37.55 -22.32
CA VAL C 36 -16.82 -38.74 -21.64
C VAL C 36 -16.14 -40.02 -22.10
N LYS C 37 -15.84 -40.10 -23.40
CA LYS C 37 -15.29 -41.33 -23.98
C LYS C 37 -13.86 -41.57 -23.51
N ALA C 38 -13.06 -40.51 -23.37
CA ALA C 38 -11.70 -40.67 -22.89
C ALA C 38 -11.71 -41.36 -21.54
N MET C 39 -12.80 -41.30 -20.77
CA MET C 39 -12.89 -41.97 -19.48
C MET C 39 -13.53 -43.36 -19.56
N ALA C 40 -13.82 -43.88 -20.75
CA ALA C 40 -14.43 -45.20 -20.82
C ALA C 40 -13.40 -46.31 -20.63
N GLY C 41 -12.21 -46.15 -21.22
CA GLY C 41 -11.19 -47.17 -21.10
C GLY C 41 -10.58 -47.27 -19.71
N GLU C 42 -10.61 -46.18 -18.98
CA GLU C 42 -9.99 -46.20 -17.67
C GLU C 42 -10.62 -47.19 -16.68
N ASP C 43 -9.73 -47.90 -15.98
CA ASP C 43 -10.13 -48.86 -14.96
C ASP C 43 -11.11 -48.22 -13.98
N ARG C 44 -12.13 -48.98 -13.60
CA ARG C 44 -13.15 -48.60 -12.62
C ARG C 44 -13.98 -47.39 -13.00
N THR C 45 -14.17 -47.09 -14.27
CA THR C 45 -14.88 -45.86 -14.66
C THR C 45 -15.91 -46.15 -15.75
N THR C 46 -16.90 -45.26 -15.85
CA THR C 46 -18.07 -45.48 -16.70
C THR C 46 -18.66 -44.14 -17.12
N GLY C 47 -19.05 -44.04 -18.40
CA GLY C 47 -19.62 -42.82 -18.93
C GLY C 47 -21.16 -42.85 -18.99
N VAL C 48 -21.73 -41.68 -19.24
CA VAL C 48 -23.16 -41.42 -19.16
C VAL C 48 -23.53 -40.46 -20.29
N ALA C 49 -24.82 -40.39 -20.63
CA ALA C 49 -25.32 -39.43 -21.59
C ALA C 49 -26.34 -38.45 -21.02
N SER C 50 -26.67 -38.54 -19.73
CA SER C 50 -27.65 -37.63 -19.14
C SER C 50 -27.62 -37.78 -17.62
N LEU C 51 -27.99 -36.70 -16.92
CA LEU C 51 -27.98 -36.73 -15.45
C LEU C 51 -28.95 -37.78 -14.90
N ARG C 52 -30.10 -37.98 -15.58
CA ARG C 52 -31.03 -39.04 -15.18
C ARG C 52 -30.35 -40.40 -15.15
N GLU C 53 -29.63 -40.73 -16.22
CA GLU C 53 -28.92 -42.00 -16.28
C GLU C 53 -27.75 -42.05 -15.28
N LEU C 54 -27.15 -40.90 -15.00
CA LEU C 54 -26.11 -40.83 -13.99
C LEU C 54 -26.58 -41.36 -12.64
N SER C 55 -27.70 -40.84 -12.13
CA SER C 55 -28.22 -41.28 -10.85
C SER C 55 -28.87 -42.66 -10.93
N GLN C 56 -29.24 -43.11 -12.13
CA GLN C 56 -29.74 -44.48 -12.28
C GLN C 56 -28.68 -45.48 -11.84
N ARG C 57 -27.44 -45.13 -12.13
CA ARG C 57 -26.28 -45.96 -11.85
C ARG C 57 -25.56 -45.74 -10.55
N LEU C 58 -26.07 -44.86 -9.71
CA LEU C 58 -25.45 -44.66 -8.42
C LEU C 58 -26.48 -45.05 -7.40
N SER C 59 -26.08 -45.91 -6.49
CA SER C 59 -27.02 -46.39 -5.51
C SER C 59 -27.20 -45.35 -4.48
N ALA C 60 -28.42 -44.88 -4.35
CA ALA C 60 -28.69 -43.87 -3.35
C ALA C 60 -28.46 -44.54 -2.01
N PRO C 61 -27.87 -43.83 -0.96
CA PRO C 61 -27.50 -42.43 -1.22
C PRO C 61 -26.29 -42.26 -2.15
N ARG C 62 -26.36 -41.28 -3.05
CA ARG C 62 -25.30 -41.03 -4.02
C ARG C 62 -24.47 -39.80 -3.70
N VAL C 63 -23.24 -39.73 -4.20
CA VAL C 63 -22.37 -38.58 -3.98
C VAL C 63 -21.86 -38.15 -5.36
N VAL C 64 -22.18 -36.93 -5.77
CA VAL C 64 -21.86 -36.44 -7.11
C VAL C 64 -20.91 -35.26 -6.96
N TRP C 65 -19.77 -35.36 -7.62
CA TRP C 65 -18.75 -34.32 -7.64
C TRP C 65 -18.95 -33.50 -8.91
N VAL C 66 -19.07 -32.19 -8.75
CA VAL C 66 -19.23 -31.26 -9.86
C VAL C 66 -17.94 -30.45 -9.97
N MET C 67 -17.30 -30.52 -11.14
CA MET C 67 -16.06 -29.78 -11.45
C MET C 67 -16.23 -29.10 -12.81
N VAL C 68 -16.82 -27.90 -12.81
CA VAL C 68 -17.25 -27.24 -14.03
C VAL C 68 -16.90 -25.75 -13.98
N PRO C 69 -16.97 -25.01 -15.09
CA PRO C 69 -16.63 -23.59 -15.03
C PRO C 69 -17.50 -22.90 -14.00
N ALA C 70 -16.86 -22.09 -13.15
CA ALA C 70 -17.57 -21.44 -12.06
C ALA C 70 -18.65 -20.52 -12.61
N GLY C 71 -19.59 -20.17 -11.74
CA GLY C 71 -20.64 -19.23 -12.10
C GLY C 71 -21.83 -19.92 -12.73
N ASN C 72 -22.31 -19.38 -13.86
CA ASN C 72 -23.62 -19.77 -14.40
C ASN C 72 -23.66 -21.23 -14.84
N ILE C 73 -22.52 -21.81 -15.21
CA ILE C 73 -22.49 -23.23 -15.57
C ILE C 73 -22.65 -24.10 -14.32
N THR C 74 -21.92 -23.76 -13.26
CA THR C 74 -22.06 -24.51 -12.00
C THR C 74 -23.49 -24.49 -11.50
N THR C 75 -24.09 -23.29 -11.40
CA THR C 75 -25.46 -23.14 -10.91
C THR C 75 -26.44 -24.00 -11.71
N ALA C 76 -26.25 -24.08 -13.04
CA ALA C 76 -27.18 -24.85 -13.86
C ALA C 76 -27.09 -26.33 -13.57
N VAL C 77 -25.88 -26.88 -13.47
CA VAL C 77 -25.69 -28.29 -13.14
C VAL C 77 -26.40 -28.60 -11.83
N ILE C 78 -26.16 -27.78 -10.82
CA ILE C 78 -26.73 -28.02 -9.51
C ILE C 78 -28.24 -27.94 -9.58
N GLU C 79 -28.76 -26.97 -10.33
CA GLU C 79 -30.21 -26.76 -10.38
C GLU C 79 -30.96 -27.99 -10.91
N GLU C 80 -30.39 -28.71 -11.90
CA GLU C 80 -31.10 -29.90 -12.32
C GLU C 80 -30.64 -31.15 -11.57
N LEU C 81 -29.49 -31.12 -10.91
CA LEU C 81 -29.20 -32.15 -9.93
C LEU C 81 -30.22 -32.16 -8.80
N ALA C 82 -30.92 -31.05 -8.59
CA ALA C 82 -32.08 -31.06 -7.70
C ALA C 82 -33.16 -32.03 -8.21
N ASN C 83 -33.25 -32.23 -9.53
CA ASN C 83 -34.25 -33.13 -10.10
C ASN C 83 -33.74 -34.55 -10.22
N THR C 84 -32.46 -34.71 -10.53
CA THR C 84 -31.88 -36.02 -10.80
C THR C 84 -31.65 -36.84 -9.54
N LEU C 85 -31.51 -36.19 -8.40
CA LEU C 85 -31.11 -36.77 -7.13
C LEU C 85 -32.29 -36.82 -6.16
N GLU C 86 -32.34 -37.85 -5.33
CA GLU C 86 -33.35 -37.96 -4.29
C GLU C 86 -32.83 -37.43 -2.96
N ALA C 87 -33.70 -37.44 -1.96
CA ALA C 87 -33.34 -36.94 -0.64
C ALA C 87 -32.15 -37.72 -0.07
N GLY C 88 -31.33 -37.00 0.72
CA GLY C 88 -30.19 -37.58 1.40
C GLY C 88 -28.94 -37.76 0.56
N ASP C 89 -29.03 -37.62 -0.77
CA ASP C 89 -27.82 -37.64 -1.57
C ASP C 89 -27.05 -36.32 -1.41
N ILE C 90 -25.78 -36.36 -1.79
CA ILE C 90 -24.86 -35.26 -1.53
C ILE C 90 -24.22 -34.82 -2.85
N VAL C 91 -23.99 -33.51 -2.96
CA VAL C 91 -23.36 -32.89 -4.12
C VAL C 91 -22.06 -32.25 -3.64
N ILE C 92 -20.91 -32.70 -4.14
CA ILE C 92 -19.65 -32.02 -3.88
C ILE C 92 -19.39 -31.03 -5.01
N ASP C 93 -19.22 -29.77 -4.65
CA ASP C 93 -18.79 -28.73 -5.60
C ASP C 93 -17.29 -28.49 -5.40
N GLY C 94 -16.49 -29.10 -6.27
CA GLY C 94 -15.06 -28.84 -6.27
C GLY C 94 -14.60 -27.67 -7.12
N GLY C 95 -15.51 -27.07 -7.88
CA GLY C 95 -15.15 -25.96 -8.75
C GLY C 95 -14.81 -24.70 -7.99
N ASN C 96 -14.33 -23.70 -8.75
CA ASN C 96 -13.84 -22.45 -8.18
C ASN C 96 -15.01 -21.49 -7.94
N THR C 97 -15.90 -21.86 -7.02
CA THR C 97 -17.15 -21.15 -6.85
C THR C 97 -17.05 -20.17 -5.69
N TYR C 98 -17.75 -19.04 -5.83
CA TYR C 98 -17.78 -17.99 -4.81
C TYR C 98 -18.58 -18.55 -3.64
N TYR C 99 -18.03 -18.41 -2.42
CA TYR C 99 -18.66 -18.97 -1.22
C TYR C 99 -20.08 -18.43 -1.00
N ARG C 100 -20.30 -17.15 -1.31
CA ARG C 100 -21.65 -16.60 -1.26
C ARG C 100 -22.58 -17.31 -2.24
N ASP C 101 -22.08 -17.71 -3.40
CA ASP C 101 -22.86 -18.53 -4.33
C ASP C 101 -23.19 -19.89 -3.72
N ASP C 102 -22.37 -20.39 -2.79
CA ASP C 102 -22.66 -21.69 -2.17
C ASP C 102 -23.87 -21.60 -1.25
N LEU C 103 -24.13 -20.39 -0.73
CA LEU C 103 -25.31 -20.18 0.10
C LEU C 103 -26.60 -20.42 -0.67
N ARG C 104 -26.72 -19.89 -1.89
CA ARG C 104 -27.95 -20.15 -2.62
C ARG C 104 -28.03 -21.59 -3.10
N HIS C 105 -26.90 -22.27 -3.29
CA HIS C 105 -26.96 -23.66 -3.75
C HIS C 105 -27.36 -24.58 -2.60
N GLU C 106 -26.92 -24.26 -1.37
CA GLU C 106 -27.31 -25.09 -0.23
C GLU C 106 -28.82 -25.06 -0.03
N LYS C 107 -29.41 -23.86 -0.05
CA LYS C 107 -30.84 -23.69 0.20
C LYS C 107 -31.63 -24.33 -0.94
N LEU C 108 -31.13 -24.20 -2.18
CA LEU C 108 -31.83 -24.77 -3.32
C LEU C 108 -31.78 -26.30 -3.32
N LEU C 109 -30.87 -26.89 -2.57
CA LEU C 109 -30.82 -28.34 -2.54
C LEU C 109 -31.41 -28.94 -1.30
N PHE C 110 -31.48 -28.17 -0.23
CA PHE C 110 -32.06 -28.67 0.98
C PHE C 110 -33.56 -28.75 0.82
N LYS C 111 -34.09 -27.90 -0.05
CA LYS C 111 -35.51 -27.87 -0.31
C LYS C 111 -35.88 -29.25 -0.76
N LYS C 112 -34.98 -29.89 -1.50
CA LYS C 112 -35.21 -31.22 -1.94
C LYS C 112 -34.44 -32.20 -1.09
N GLY C 113 -33.87 -31.74 0.01
CA GLY C 113 -33.14 -32.62 0.91
C GLY C 113 -31.74 -33.07 0.56
N ILE C 114 -31.14 -32.41 -0.40
CA ILE C 114 -29.79 -32.71 -0.87
C ILE C 114 -28.82 -31.89 -0.05
N HIS C 115 -27.80 -32.53 0.49
CA HIS C 115 -26.72 -31.80 1.13
C HIS C 115 -25.77 -31.27 0.06
N LEU C 116 -25.21 -30.07 0.29
CA LEU C 116 -24.22 -29.47 -0.61
C LEU C 116 -22.88 -29.41 0.14
N LEU C 117 -21.95 -30.24 -0.28
CA LEU C 117 -20.57 -30.13 0.21
C LEU C 117 -19.80 -29.21 -0.74
N ASP C 118 -19.34 -28.07 -0.22
CA ASP C 118 -18.50 -27.15 -0.98
C ASP C 118 -17.05 -27.50 -0.73
N CYS C 119 -16.30 -27.69 -1.81
CA CYS C 119 -14.94 -28.16 -1.70
C CYS C 119 -13.99 -27.28 -2.50
N GLY C 120 -13.16 -26.51 -1.80
CA GLY C 120 -12.08 -25.75 -2.41
C GLY C 120 -10.87 -26.62 -2.71
N THR C 121 -10.52 -26.76 -4.00
CA THR C 121 -9.46 -27.66 -4.47
C THR C 121 -8.26 -26.88 -4.97
N SER C 122 -7.08 -27.19 -4.45
CA SER C 122 -5.85 -26.49 -4.79
C SER C 122 -4.78 -27.46 -5.29
N GLY C 123 -3.74 -26.90 -5.89
CA GLY C 123 -2.54 -27.65 -6.24
C GLY C 123 -2.32 -27.81 -7.73
N GLY C 124 -3.36 -27.71 -8.54
CA GLY C 124 -3.18 -27.67 -9.98
C GLY C 124 -2.94 -29.03 -10.59
N VAL C 125 -1.92 -29.14 -11.46
CA VAL C 125 -1.71 -30.37 -12.20
C VAL C 125 -0.99 -31.48 -11.44
N TRP C 126 -0.05 -31.14 -10.56
CA TRP C 126 0.66 -32.20 -9.82
C TRP C 126 -0.27 -32.97 -8.90
N GLY C 127 -1.52 -32.53 -8.73
CA GLY C 127 -2.42 -33.18 -7.79
C GLY C 127 -2.79 -34.56 -8.30
N ARG C 128 -2.88 -34.74 -9.61
CA ARG C 128 -3.23 -36.07 -10.14
C ARG C 128 -2.28 -37.13 -9.61
N GLU C 129 -0.98 -36.80 -9.46
CA GLU C 129 0.01 -37.72 -8.90
C GLU C 129 0.38 -37.42 -7.45
N ARG C 130 0.28 -36.17 -6.99
CA ARG C 130 0.67 -35.84 -5.64
C ARG C 130 -0.48 -35.46 -4.73
N GLY C 131 -1.67 -35.26 -5.26
CA GLY C 131 -2.80 -34.99 -4.38
C GLY C 131 -3.13 -33.51 -4.32
N TYR C 132 -4.42 -33.22 -4.12
CA TYR C 132 -4.92 -31.86 -4.02
C TYR C 132 -5.17 -31.51 -2.56
N CYS C 133 -4.69 -30.34 -2.14
CA CYS C 133 -5.02 -29.91 -0.80
C CYS C 133 -6.48 -29.44 -0.78
N LEU C 134 -7.25 -30.05 0.10
CA LEU C 134 -8.71 -29.98 0.07
C LEU C 134 -9.23 -29.22 1.28
N MET C 135 -10.29 -28.44 1.08
CA MET C 135 -10.90 -27.63 2.13
C MET C 135 -12.40 -27.71 1.96
N ILE C 136 -13.12 -28.33 2.91
CA ILE C 136 -14.49 -28.74 2.67
C ILE C 136 -15.42 -28.10 3.68
N GLY C 137 -16.43 -27.37 3.18
CA GLY C 137 -17.47 -26.83 4.04
C GLY C 137 -18.82 -27.50 3.83
N GLY C 138 -19.69 -27.44 4.84
CA GLY C 138 -20.99 -28.08 4.74
C GLY C 138 -21.40 -28.84 5.97
N ASP C 139 -22.23 -29.88 5.80
CA ASP C 139 -22.75 -30.67 6.91
C ASP C 139 -21.73 -31.69 7.39
N GLY C 140 -21.66 -31.88 8.72
CA GLY C 140 -20.65 -32.76 9.30
C GLY C 140 -20.88 -34.25 9.11
N ASP C 141 -22.15 -34.68 9.09
CA ASP C 141 -22.45 -36.07 8.75
C ASP C 141 -22.28 -36.33 7.26
N ALA C 142 -22.82 -35.45 6.41
CA ALA C 142 -22.58 -35.54 4.98
C ALA C 142 -21.08 -35.60 4.68
N PHE C 143 -20.30 -34.75 5.34
CA PHE C 143 -18.84 -34.84 5.26
C PHE C 143 -18.34 -36.21 5.69
N ALA C 144 -18.78 -36.65 6.88
CA ALA C 144 -18.35 -37.95 7.37
C ALA C 144 -18.84 -38.98 6.36
N ARG C 145 -20.01 -38.72 5.75
CA ARG C 145 -20.59 -39.68 4.81
C ARG C 145 -19.74 -39.79 3.55
N ALA C 146 -19.18 -38.67 3.09
CA ALA C 146 -18.38 -38.63 1.86
C ALA C 146 -16.87 -38.50 2.08
N GLU C 147 -16.41 -38.50 3.33
CA GLU C 147 -14.99 -38.39 3.68
C GLU C 147 -14.06 -39.39 3.00
N PRO C 148 -14.47 -40.62 2.66
CA PRO C 148 -13.53 -41.51 1.96
C PRO C 148 -12.99 -40.94 0.66
N ILE C 149 -13.75 -40.07 0.00
CA ILE C 149 -13.30 -39.54 -1.28
C ILE C 149 -12.33 -38.38 -1.07
N PHE C 150 -12.67 -37.45 -0.18
CA PHE C 150 -11.73 -36.38 0.17
C PHE C 150 -10.40 -36.98 0.62
N ALA C 151 -10.45 -38.02 1.45
CA ALA C 151 -9.23 -38.66 1.94
C ALA C 151 -8.38 -39.17 0.79
N THR C 152 -9.02 -39.77 -0.21
CA THR C 152 -8.28 -40.38 -1.30
C THR C 152 -7.70 -39.33 -2.24
N VAL C 153 -8.38 -38.21 -2.44
CA VAL C 153 -7.89 -37.20 -3.38
C VAL C 153 -6.73 -36.42 -2.78
N ALA C 154 -6.72 -36.28 -1.44
CA ALA C 154 -5.69 -35.52 -0.74
C ALA C 154 -4.30 -36.13 -0.94
N PRO C 155 -3.25 -35.34 -0.72
CA PRO C 155 -1.90 -35.91 -0.84
C PRO C 155 -1.64 -37.04 0.16
N GLY C 156 -2.03 -36.82 1.42
CA GLY C 156 -1.71 -37.76 2.48
C GLY C 156 -0.52 -37.36 3.31
N VAL C 157 -0.59 -37.62 4.62
CA VAL C 157 0.45 -37.09 5.50
C VAL C 157 1.85 -37.52 5.11
N ALA C 158 2.07 -38.59 4.35
CA ALA C 158 3.40 -38.88 3.84
C ALA C 158 4.00 -37.67 3.12
N ALA C 159 3.15 -36.82 2.54
CA ALA C 159 3.63 -35.75 1.65
C ALA C 159 4.48 -34.72 2.38
N ALA C 160 4.27 -34.55 3.69
CA ALA C 160 5.04 -33.60 4.45
C ALA C 160 5.37 -34.23 5.80
N PRO C 161 6.59 -34.05 6.29
CA PRO C 161 6.93 -34.53 7.65
C PRO C 161 5.95 -33.93 8.65
N ARG C 162 5.59 -34.72 9.66
CA ARG C 162 4.58 -34.25 10.60
C ARG C 162 5.12 -33.09 11.43
N THR C 163 4.18 -32.38 12.06
CA THR C 163 4.50 -31.15 12.77
C THR C 163 5.06 -31.48 14.15
N PRO C 164 6.20 -30.88 14.55
CA PRO C 164 6.61 -30.96 15.96
C PRO C 164 5.56 -30.35 16.88
N GLY C 165 4.96 -31.18 17.73
CA GLY C 165 3.82 -30.79 18.54
C GLY C 165 2.58 -31.63 18.30
N ARG C 166 2.65 -32.48 17.29
CA ARG C 166 1.59 -33.41 16.94
C ARG C 166 2.21 -34.79 17.12
N ASP C 167 1.39 -35.75 17.53
CA ASP C 167 1.85 -37.12 17.74
C ASP C 167 0.65 -37.99 17.98
N GLY C 168 0.49 -39.05 17.20
CA GLY C 168 -0.63 -39.93 17.41
C GLY C 168 -1.39 -40.34 16.17
N GLU C 169 -2.65 -40.68 16.34
CA GLU C 169 -3.46 -41.08 15.22
C GLU C 169 -3.78 -39.81 14.44
N VAL C 170 -3.25 -39.77 13.23
CA VAL C 170 -3.37 -38.65 12.31
C VAL C 170 -4.70 -37.98 12.14
N ALA C 171 -4.69 -36.69 12.42
CA ALA C 171 -5.85 -35.82 12.29
C ALA C 171 -6.12 -35.60 10.81
N PRO C 172 -7.36 -35.22 10.44
CA PRO C 172 -7.64 -35.01 9.02
C PRO C 172 -6.77 -33.95 8.37
N SER C 173 -6.37 -32.90 9.10
CA SER C 173 -5.61 -31.79 8.49
C SER C 173 -4.26 -32.24 7.96
N GLU C 174 -3.61 -33.20 8.62
CA GLU C 174 -2.31 -33.66 8.13
C GLU C 174 -2.44 -34.57 6.92
N GLN C 175 -3.65 -34.97 6.56
CA GLN C 175 -3.86 -35.67 5.30
C GLN C 175 -3.79 -34.72 4.10
N GLY C 176 -4.05 -33.44 4.31
CA GLY C 176 -4.11 -32.52 3.23
C GLY C 176 -5.54 -32.19 2.93
N TYR C 177 -6.44 -32.57 3.81
CA TYR C 177 -7.85 -32.27 3.63
C TYR C 177 -8.38 -31.84 4.96
N LEU C 178 -9.48 -31.11 4.99
CA LEU C 178 -10.03 -30.70 6.26
C LEU C 178 -11.44 -30.22 6.18
N HIS C 179 -12.18 -30.34 7.27
CA HIS C 179 -13.55 -29.94 7.36
C HIS C 179 -13.51 -28.60 8.02
N CYS C 180 -13.66 -27.54 7.27
CA CYS C 180 -13.62 -26.18 7.75
C CYS C 180 -14.77 -25.68 8.58
N GLY C 181 -15.95 -26.13 8.27
CA GLY C 181 -17.13 -25.69 8.97
C GLY C 181 -18.38 -25.83 8.13
N PRO C 182 -19.37 -24.97 8.41
CA PRO C 182 -20.63 -24.97 7.63
C PRO C 182 -20.44 -24.61 6.17
N CYS C 183 -21.51 -24.68 5.37
CA CYS C 183 -21.36 -24.60 3.91
C CYS C 183 -20.77 -23.27 3.48
N GLY C 184 -19.74 -23.32 2.63
CA GLY C 184 -19.00 -22.15 2.21
C GLY C 184 -17.65 -22.04 2.86
N SER C 185 -17.43 -22.71 4.00
CA SER C 185 -16.15 -22.63 4.70
C SER C 185 -15.01 -23.08 3.81
N GLY C 186 -15.24 -24.09 2.97
CA GLY C 186 -14.14 -24.66 2.21
C GLY C 186 -13.70 -23.74 1.09
N HIS C 187 -14.64 -23.10 0.40
CA HIS C 187 -14.27 -22.10 -0.58
C HIS C 187 -13.78 -20.83 0.07
N PHE C 188 -14.28 -20.50 1.27
CA PHE C 188 -13.76 -19.33 1.97
C PHE C 188 -12.28 -19.52 2.27
N VAL C 189 -11.90 -20.59 2.97
CA VAL C 189 -10.47 -20.76 3.25
C VAL C 189 -9.68 -20.85 1.95
N LYS C 190 -10.23 -21.47 0.89
CA LYS C 190 -9.46 -21.65 -0.33
C LYS C 190 -9.25 -20.34 -1.07
N MET C 191 -10.20 -19.41 -0.99
CA MET C 191 -9.98 -18.09 -1.56
C MET C 191 -8.88 -17.36 -0.82
N VAL C 192 -8.79 -17.53 0.50
CA VAL C 192 -7.72 -16.83 1.21
C VAL C 192 -6.39 -17.52 0.93
N HIS C 193 -6.43 -18.82 0.67
CA HIS C 193 -5.22 -19.51 0.22
C HIS C 193 -4.59 -18.80 -0.97
N ASN C 194 -5.42 -18.40 -1.95
CA ASN C 194 -4.91 -17.73 -3.14
C ASN C 194 -4.40 -16.33 -2.83
N GLY C 195 -5.16 -15.57 -2.01
CA GLY C 195 -4.66 -14.28 -1.55
C GLY C 195 -3.25 -14.35 -1.00
N ILE C 196 -2.99 -15.35 -0.14
CA ILE C 196 -1.65 -15.53 0.40
C ILE C 196 -0.68 -15.85 -0.72
N GLU C 197 -1.12 -16.70 -1.65
CA GLU C 197 -0.31 -17.04 -2.81
C GLU C 197 0.08 -15.79 -3.57
N TYR C 198 -0.87 -14.88 -3.83
CA TYR C 198 -0.50 -13.63 -4.47
C TYR C 198 0.48 -12.84 -3.61
N GLY C 199 0.33 -12.88 -2.29
CA GLY C 199 1.22 -12.12 -1.44
C GLY C 199 2.66 -12.59 -1.56
N MET C 200 2.85 -13.91 -1.57
CA MET C 200 4.20 -14.46 -1.58
C MET C 200 4.88 -14.28 -2.94
N MET C 201 4.19 -14.58 -4.04
CA MET C 201 4.56 -14.28 -5.42
C MET C 201 5.17 -12.90 -5.54
N ALA C 202 4.33 -11.96 -5.10
CA ALA C 202 4.67 -10.55 -5.21
C ALA C 202 5.95 -10.23 -4.42
N SER C 203 6.02 -10.72 -3.19
CA SER C 203 7.20 -10.50 -2.35
C SER C 203 8.46 -10.98 -3.05
N LEU C 204 8.43 -12.21 -3.56
CA LEU C 204 9.57 -12.71 -4.34
C LEU C 204 9.84 -11.80 -5.52
N ALA C 205 8.78 -11.47 -6.27
CA ALA C 205 8.94 -10.75 -7.52
C ALA C 205 9.58 -9.39 -7.29
N GLU C 206 8.98 -8.58 -6.41
CA GLU C 206 9.58 -7.31 -6.00
C GLU C 206 11.02 -7.53 -5.55
N GLY C 207 11.24 -8.52 -4.67
CA GLY C 207 12.60 -8.81 -4.22
C GLY C 207 13.57 -8.97 -5.37
N LEU C 208 13.18 -9.74 -6.40
CA LEU C 208 14.08 -10.04 -7.51
C LEU C 208 14.31 -8.80 -8.37
N ASN C 209 13.26 -8.00 -8.59
CA ASN C 209 13.39 -6.73 -9.28
C ASN C 209 14.37 -5.79 -8.57
N ILE C 210 14.35 -5.77 -7.22
CA ILE C 210 15.29 -4.94 -6.48
C ILE C 210 16.72 -5.38 -6.78
N LEU C 211 16.96 -6.69 -6.87
CA LEU C 211 18.28 -7.18 -7.28
C LEU C 211 18.57 -6.81 -8.71
N ARG C 212 17.60 -7.00 -9.60
CA ARG C 212 17.80 -6.79 -11.02
C ARG C 212 18.33 -5.41 -11.35
N ASN C 213 17.96 -4.41 -10.56
CA ASN C 213 18.34 -3.02 -10.84
C ASN C 213 19.27 -2.42 -9.80
N ALA C 214 19.97 -3.26 -9.04
CA ALA C 214 21.10 -2.75 -8.26
C ALA C 214 22.17 -2.12 -9.13
N ASP C 215 22.20 -2.44 -10.42
CA ASP C 215 23.18 -1.86 -11.33
C ASP C 215 22.72 -0.48 -11.83
N VAL C 216 21.91 0.23 -11.06
CA VAL C 216 21.30 1.45 -11.57
C VAL C 216 22.25 2.64 -11.53
N GLY C 217 23.36 2.53 -10.81
CA GLY C 217 24.38 3.57 -10.86
C GLY C 217 25.30 3.58 -12.07
N THR C 218 25.52 2.41 -12.68
CA THR C 218 26.27 2.29 -13.93
C THR C 218 25.58 3.03 -15.06
N ARG C 219 24.29 2.75 -15.25
CA ARG C 219 23.50 3.29 -16.34
C ARG C 219 22.98 4.68 -15.95
N VAL C 220 23.38 5.70 -16.71
CA VAL C 220 22.79 7.03 -16.56
C VAL C 220 23.27 7.92 -17.70
N THR C 227 13.12 12.83 -14.79
CA THR C 227 13.94 11.81 -14.14
C THR C 227 14.57 12.38 -12.87
N ALA C 228 14.71 11.51 -11.80
CA ALA C 228 15.17 11.87 -10.46
C ALA C 228 16.66 11.59 -10.31
N PRO C 229 17.45 12.56 -9.86
CA PRO C 229 18.88 12.31 -9.66
C PRO C 229 19.07 11.26 -8.59
N LEU C 230 19.89 10.26 -8.89
CA LEU C 230 20.15 9.22 -7.94
C LEU C 230 21.37 9.62 -7.17
N PRO C 231 21.14 10.06 -5.88
CA PRO C 231 22.35 10.43 -5.15
C PRO C 231 23.07 9.17 -4.76
N ASN C 232 24.36 9.26 -4.45
CA ASN C 232 25.07 8.06 -4.05
C ASN C 232 25.03 6.96 -5.11
N PRO C 233 25.31 7.37 -6.39
CA PRO C 233 25.26 6.30 -7.40
C PRO C 233 26.19 5.15 -7.14
N GLU C 234 27.35 5.40 -6.57
CA GLU C 234 28.29 4.31 -6.35
C GLU C 234 27.72 3.19 -5.52
N CYS C 235 26.68 3.48 -4.76
CA CYS C 235 26.07 2.48 -3.90
C CYS C 235 25.23 1.48 -4.67
N TYR C 236 25.03 1.72 -5.94
CA TYR C 236 24.24 0.83 -6.75
C TYR C 236 25.04 0.49 -7.99
N GLN C 237 26.04 -0.36 -7.80
CA GLN C 237 26.90 -0.80 -8.88
C GLN C 237 27.05 -2.29 -9.01
N TYR C 238 26.05 -3.04 -8.61
CA TYR C 238 26.13 -4.49 -8.68
C TYR C 238 25.37 -5.14 -9.82
N ASP C 239 25.97 -6.16 -10.41
CA ASP C 239 25.37 -6.96 -11.45
C ASP C 239 25.23 -8.26 -10.71
N PHE C 240 24.01 -8.63 -10.39
CA PHE C 240 23.71 -9.81 -9.58
C PHE C 240 23.33 -11.01 -10.42
N ASP C 241 23.84 -12.17 -10.05
CA ASP C 241 23.46 -13.44 -10.67
C ASP C 241 22.13 -13.89 -10.07
N ILE C 242 21.02 -13.41 -10.63
CA ILE C 242 19.71 -13.65 -10.02
C ILE C 242 19.38 -15.14 -9.87
N PRO C 243 19.59 -15.99 -10.89
CA PRO C 243 19.23 -17.42 -10.72
C PRO C 243 20.02 -18.12 -9.62
N GLU C 244 21.29 -17.75 -9.44
CA GLU C 244 22.07 -18.35 -8.37
C GLU C 244 21.62 -17.82 -7.01
N VAL C 245 21.26 -16.55 -6.96
CA VAL C 245 20.75 -15.96 -5.71
C VAL C 245 19.46 -16.66 -5.29
N ALA C 246 18.54 -16.85 -6.24
CA ALA C 246 17.33 -17.61 -5.89
C ALA C 246 17.69 -19.03 -5.48
N GLU C 247 18.65 -19.65 -6.15
CA GLU C 247 19.05 -21.01 -5.77
C GLU C 247 19.54 -21.04 -4.33
N VAL C 248 20.59 -20.27 -4.00
CA VAL C 248 21.21 -20.26 -2.67
C VAL C 248 20.16 -20.13 -1.56
N TRP C 249 19.14 -19.30 -1.80
CA TRP C 249 18.10 -19.08 -0.80
C TRP C 249 17.30 -20.33 -0.49
N ARG C 250 17.45 -21.39 -1.30
CA ARG C 250 16.52 -22.52 -1.25
C ARG C 250 16.76 -23.42 -0.06
N ARG C 251 17.94 -23.36 0.55
CA ARG C 251 18.22 -24.08 1.79
C ARG C 251 19.09 -23.21 2.68
N GLY C 252 18.71 -23.12 3.95
CA GLY C 252 19.45 -22.33 4.89
C GLY C 252 18.87 -20.95 5.17
N SER C 253 17.88 -20.51 4.38
CA SER C 253 17.27 -19.20 4.58
C SER C 253 15.92 -19.35 5.28
N VAL C 254 15.23 -18.21 5.47
CA VAL C 254 13.85 -18.25 5.99
C VAL C 254 12.82 -18.27 4.87
N ILE C 255 13.23 -17.97 3.64
CA ILE C 255 12.24 -17.73 2.60
C ILE C 255 12.15 -18.96 1.71
N GLY C 256 12.38 -20.14 2.29
CA GLY C 256 12.19 -21.36 1.55
C GLY C 256 10.72 -21.67 1.34
N SER C 257 10.38 -22.11 0.14
CA SER C 257 8.99 -22.25 -0.26
C SER C 257 8.90 -23.00 -1.58
N TRP C 258 7.77 -23.69 -1.79
CA TRP C 258 7.51 -24.27 -3.10
C TRP C 258 7.54 -23.22 -4.20
N LEU C 259 7.16 -21.97 -3.92
CA LEU C 259 7.20 -20.97 -4.98
C LEU C 259 8.64 -20.58 -5.30
N LEU C 260 9.46 -20.37 -4.27
CA LEU C 260 10.86 -20.07 -4.53
C LEU C 260 11.53 -21.20 -5.29
N ASP C 261 11.09 -22.45 -5.04
CA ASP C 261 11.56 -23.59 -5.82
C ASP C 261 11.24 -23.42 -7.30
N LEU C 262 9.97 -23.15 -7.62
CA LEU C 262 9.60 -22.87 -9.00
C LEU C 262 10.32 -21.66 -9.53
N THR C 263 10.55 -20.66 -8.66
CA THR C 263 11.27 -19.47 -9.04
C THR C 263 12.66 -19.80 -9.51
N ALA C 264 13.34 -20.64 -8.72
CA ALA C 264 14.68 -21.09 -9.08
C ALA C 264 14.68 -21.87 -10.40
N ILE C 265 13.71 -22.75 -10.59
CA ILE C 265 13.57 -23.45 -11.87
C ILE C 265 13.42 -22.44 -13.01
N ALA C 266 12.48 -21.51 -12.87
CA ALA C 266 12.18 -20.60 -13.98
C ALA C 266 13.41 -19.78 -14.36
N LEU C 267 14.15 -19.29 -13.36
CA LEU C 267 15.33 -18.48 -13.59
C LEU C 267 16.51 -19.29 -14.13
N ARG C 268 16.48 -20.61 -13.94
CA ARG C 268 17.52 -21.47 -14.51
C ARG C 268 17.31 -21.65 -16.01
N GLU C 269 16.04 -21.81 -16.44
CA GLU C 269 15.73 -21.94 -17.87
C GLU C 269 15.95 -20.61 -18.59
N SER C 270 15.56 -19.51 -17.97
CA SER C 270 15.63 -18.20 -18.63
C SER C 270 16.11 -17.19 -17.60
N PRO C 271 17.40 -16.83 -17.62
CA PRO C 271 17.93 -15.95 -16.57
C PRO C 271 17.33 -14.54 -16.56
N ASP C 272 16.82 -14.04 -17.69
CA ASP C 272 16.24 -12.71 -17.76
C ASP C 272 14.72 -12.73 -17.95
N LEU C 273 14.09 -13.91 -17.89
CA LEU C 273 12.65 -14.04 -18.08
C LEU C 273 12.21 -13.32 -19.36
N ALA C 274 13.08 -13.36 -20.37
CA ALA C 274 12.93 -12.46 -21.52
C ALA C 274 11.64 -12.75 -22.27
N GLU C 275 11.33 -14.04 -22.45
CA GLU C 275 10.16 -14.48 -23.20
C GLU C 275 8.84 -14.27 -22.47
N PHE C 276 8.84 -13.90 -21.20
CA PHE C 276 7.61 -13.90 -20.41
C PHE C 276 6.82 -12.60 -20.52
N SER C 277 5.50 -12.75 -20.32
CA SER C 277 4.56 -11.65 -20.32
C SER C 277 4.68 -10.76 -19.08
N GLY C 278 4.56 -9.46 -19.29
CA GLY C 278 4.43 -8.52 -18.21
C GLY C 278 3.00 -8.25 -17.80
N ARG C 279 2.03 -8.82 -18.50
CA ARG C 279 0.65 -8.67 -18.08
C ARG C 279 0.20 -9.91 -17.30
N VAL C 280 -0.23 -9.67 -16.06
CA VAL C 280 -0.53 -10.72 -15.07
C VAL C 280 -2.02 -10.67 -14.76
N SER C 281 -2.73 -11.76 -15.06
CA SER C 281 -4.16 -11.80 -14.79
C SER C 281 -4.41 -12.23 -13.37
N ASP C 282 -5.64 -12.02 -12.88
CA ASP C 282 -5.98 -12.41 -11.52
C ASP C 282 -7.25 -13.23 -11.50
N SER C 283 -7.25 -14.26 -10.69
CA SER C 283 -8.33 -15.22 -10.56
C SER C 283 -9.68 -14.71 -10.19
N GLY C 284 -9.75 -14.00 -9.09
CA GLY C 284 -11.02 -13.51 -8.62
C GLY C 284 -11.15 -13.86 -7.18
N GLU C 285 -10.43 -14.86 -6.73
CA GLU C 285 -10.47 -15.22 -5.35
C GLU C 285 -9.60 -14.27 -4.60
N GLY C 286 -8.57 -13.78 -5.26
CA GLY C 286 -7.72 -12.82 -4.66
C GLY C 286 -8.53 -11.56 -4.46
N ARG C 287 -9.54 -11.38 -5.28
CA ARG C 287 -10.37 -10.23 -5.17
C ARG C 287 -11.37 -10.46 -4.07
N TRP C 288 -11.82 -11.70 -3.91
CA TRP C 288 -12.78 -12.05 -2.89
C TRP C 288 -12.18 -11.91 -1.53
N THR C 289 -10.96 -12.36 -1.41
CA THR C 289 -10.14 -12.17 -0.22
C THR C 289 -10.06 -10.71 0.20
N ALA C 290 -9.73 -9.81 -0.74
CA ALA C 290 -9.58 -8.41 -0.38
C ALA C 290 -10.91 -7.79 0.00
N ILE C 291 -12.00 -8.22 -0.68
CA ILE C 291 -13.32 -7.78 -0.27
C ILE C 291 -13.62 -8.29 1.13
N ALA C 292 -13.31 -9.56 1.39
CA ALA C 292 -13.58 -10.11 2.73
C ALA C 292 -12.86 -9.31 3.80
N ALA C 293 -11.62 -8.87 3.52
CA ALA C 293 -10.81 -8.20 4.54
C ALA C 293 -11.41 -6.85 4.90
N ILE C 294 -11.96 -6.17 3.91
CA ILE C 294 -12.55 -4.86 4.13
C ILE C 294 -13.87 -4.91 4.91
N ASP C 295 -14.72 -5.93 4.68
CA ASP C 295 -15.92 -6.06 5.50
C ASP C 295 -15.58 -6.37 6.96
N GLU C 296 -14.57 -7.20 7.15
CA GLU C 296 -14.10 -7.62 8.46
C GLU C 296 -13.34 -6.53 9.19
N GLY C 297 -12.96 -5.47 8.48
CA GLY C 297 -12.09 -4.46 9.06
C GLY C 297 -10.68 -4.92 9.29
N VAL C 298 -10.20 -5.89 8.52
CA VAL C 298 -8.85 -6.43 8.66
C VAL C 298 -7.91 -5.68 7.72
N PRO C 299 -6.87 -5.02 8.22
CA PRO C 299 -5.89 -4.38 7.32
C PRO C 299 -5.14 -5.44 6.54
N ALA C 300 -5.24 -5.39 5.23
CA ALA C 300 -4.48 -6.30 4.38
C ALA C 300 -3.83 -5.50 3.25
N PRO C 301 -2.96 -4.55 3.60
CA PRO C 301 -2.18 -3.86 2.54
C PRO C 301 -1.31 -4.78 1.74
N VAL C 302 -0.65 -5.77 2.36
CA VAL C 302 0.27 -6.60 1.60
C VAL C 302 -0.48 -7.45 0.58
N LEU C 303 -1.49 -8.18 1.03
CA LEU C 303 -2.27 -8.98 0.10
C LEU C 303 -2.87 -8.12 -0.98
N THR C 304 -3.44 -6.96 -0.61
CA THR C 304 -4.27 -6.21 -1.55
C THR C 304 -3.41 -5.44 -2.53
N THR C 305 -2.31 -4.93 -2.04
CA THR C 305 -1.38 -4.21 -2.87
C THR C 305 -0.72 -5.17 -3.85
N ALA C 306 -0.66 -6.46 -3.52
CA ALA C 306 -0.21 -7.45 -4.51
C ALA C 306 -1.25 -7.67 -5.57
N LEU C 307 -2.52 -7.76 -5.17
CA LEU C 307 -3.62 -7.80 -6.12
C LEU C 307 -3.64 -6.55 -7.00
N GLN C 308 -3.52 -5.37 -6.40
CA GLN C 308 -3.56 -4.15 -7.18
C GLN C 308 -2.38 -4.03 -8.17
N SER C 309 -1.21 -4.57 -7.81
CA SER C 309 -0.10 -4.53 -8.75
C SER C 309 -0.47 -5.28 -10.01
N ARG C 310 -1.19 -6.40 -9.86
CA ARG C 310 -1.68 -7.14 -11.00
C ARG C 310 -2.52 -6.27 -11.94
N PHE C 311 -3.53 -5.59 -11.38
CA PHE C 311 -4.30 -4.60 -12.15
C PHE C 311 -3.40 -3.67 -12.94
N ALA C 312 -2.40 -3.06 -12.28
CA ALA C 312 -1.61 -2.05 -13.00
C ALA C 312 -0.83 -2.66 -14.13
N SER C 313 -0.55 -3.95 -14.06
CA SER C 313 0.22 -4.59 -15.10
C SER C 313 -0.61 -4.85 -16.36
N ARG C 314 -1.92 -4.93 -16.22
CA ARG C 314 -2.84 -4.94 -17.34
C ARG C 314 -3.29 -3.54 -17.72
N ASP C 315 -2.58 -2.49 -17.30
CA ASP C 315 -2.82 -1.11 -17.72
C ASP C 315 -4.09 -0.53 -17.15
N LEU C 316 -4.77 -1.25 -16.27
CA LEU C 316 -5.99 -0.78 -15.63
C LEU C 316 -5.81 0.47 -14.77
N ASP C 317 -4.57 0.93 -14.58
CA ASP C 317 -4.28 2.16 -13.85
C ASP C 317 -4.28 3.40 -14.75
N ASP C 318 -4.82 3.30 -15.96
CA ASP C 318 -4.48 4.26 -17.02
C ASP C 318 -5.13 5.63 -16.82
N PHE C 319 -6.44 5.68 -16.59
CA PHE C 319 -7.06 7.00 -16.45
C PHE C 319 -6.48 7.72 -15.22
N ALA C 320 -6.27 6.99 -14.13
CA ALA C 320 -5.57 7.56 -12.98
C ALA C 320 -4.24 8.20 -13.41
N ASN C 321 -3.43 7.48 -14.22
CA ASN C 321 -2.17 8.03 -14.71
C ASN C 321 -2.38 9.27 -15.56
N LYS C 322 -3.35 9.22 -16.47
CA LYS C 322 -3.62 10.41 -17.26
C LYS C 322 -4.01 11.57 -16.36
N ALA C 323 -4.78 11.31 -15.29
CA ALA C 323 -5.15 12.41 -14.41
C ALA C 323 -3.93 12.95 -13.63
N LEU C 324 -3.00 12.09 -13.20
CA LEU C 324 -1.79 12.63 -12.61
C LEU C 324 -1.08 13.53 -13.59
N SER C 325 -0.90 13.07 -14.83
CA SER C 325 -0.14 13.87 -15.79
C SER C 325 -0.86 15.18 -16.10
N ALA C 326 -2.19 15.13 -16.18
CA ALA C 326 -2.97 16.34 -16.40
C ALA C 326 -2.75 17.37 -15.30
N MET C 327 -2.77 16.94 -14.03
CA MET C 327 -2.45 17.85 -12.93
C MET C 327 -1.03 18.39 -13.05
N ARG C 328 -0.08 17.51 -13.36
CA ARG C 328 1.31 17.93 -13.45
C ARG C 328 1.51 19.02 -14.49
N LYS C 329 0.80 18.95 -15.63
CA LYS C 329 1.00 19.99 -16.63
C LYS C 329 0.33 21.30 -16.20
N GLN C 330 -0.82 21.21 -15.52
CA GLN C 330 -1.49 22.39 -14.97
C GLN C 330 -0.59 23.17 -14.02
N PHE C 331 -0.06 22.52 -12.98
CA PHE C 331 0.62 23.25 -11.92
C PHE C 331 2.12 23.35 -12.09
N GLY C 332 2.71 22.58 -13.01
CA GLY C 332 4.15 22.62 -13.17
C GLY C 332 4.66 22.76 -14.59
N GLY C 333 3.77 22.63 -15.58
CA GLY C 333 4.21 22.58 -16.96
C GLY C 333 5.03 21.36 -17.26
N HIS C 334 4.84 20.29 -16.49
CA HIS C 334 5.61 19.06 -16.68
C HIS C 334 5.16 18.31 -17.93
N ALA C 335 6.12 17.95 -18.77
CA ALA C 335 5.86 17.05 -19.88
C ALA C 335 6.02 15.60 -19.44
N GLU C 336 5.43 14.71 -20.24
CA GLU C 336 5.71 13.27 -20.15
C GLU C 336 6.91 12.95 -21.04
N LYS C 337 7.82 12.13 -20.53
CA LYS C 337 8.99 11.76 -21.31
C LYS C 337 8.63 10.67 -22.33
N LEU D 3 41.22 -19.78 11.75
CA LEU D 3 40.38 -18.58 11.86
C LEU D 3 39.74 -18.49 13.23
N GLY D 4 39.37 -17.28 13.64
CA GLY D 4 38.72 -17.09 14.92
C GLY D 4 37.35 -16.44 14.77
N MET D 5 36.70 -16.22 15.91
CA MET D 5 35.38 -15.62 15.98
C MET D 5 35.38 -14.52 17.03
N ILE D 6 34.85 -13.36 16.67
CA ILE D 6 34.80 -12.27 17.64
C ILE D 6 33.34 -12.07 18.05
N GLY D 7 33.12 -12.20 19.34
CA GLY D 7 31.80 -12.08 19.92
C GLY D 7 31.17 -13.46 19.83
N LEU D 8 30.30 -13.79 20.77
CA LEU D 8 29.66 -15.10 20.77
C LEU D 8 28.16 -15.04 21.07
N GLY D 9 27.35 -14.55 20.14
CA GLY D 9 25.93 -14.51 20.45
C GLY D 9 25.24 -15.77 20.01
N ARG D 10 23.92 -15.74 19.91
CA ARG D 10 23.20 -16.92 19.48
C ARG D 10 23.74 -17.30 18.13
N MET D 11 24.06 -16.31 17.32
CA MET D 11 24.61 -16.62 16.01
C MET D 11 26.09 -16.94 16.10
N GLY D 12 26.91 -15.96 16.53
CA GLY D 12 28.35 -16.12 16.48
C GLY D 12 28.88 -17.40 17.10
N ALA D 13 28.16 -17.94 18.10
CA ALA D 13 28.62 -19.13 18.80
C ALA D 13 28.22 -20.40 18.05
N ASN D 14 26.93 -20.54 17.73
CA ASN D 14 26.49 -21.77 17.06
C ASN D 14 27.13 -21.93 15.69
N ILE D 15 27.72 -20.86 15.14
CA ILE D 15 28.62 -21.01 14.00
C ILE D 15 29.80 -21.89 14.38
N VAL D 16 30.53 -21.50 15.43
CA VAL D 16 31.75 -22.23 15.77
C VAL D 16 31.48 -23.57 16.45
N ARG D 17 30.29 -23.76 17.05
CA ARG D 17 29.89 -25.11 17.42
C ARG D 17 29.68 -25.97 16.17
N ARG D 18 29.12 -25.38 15.11
CA ARG D 18 28.95 -26.10 13.86
C ARG D 18 30.27 -26.21 13.09
N LEU D 19 31.11 -25.16 13.17
CA LEU D 19 32.40 -25.20 12.46
C LEU D 19 33.28 -26.32 12.98
N ALA D 20 33.41 -26.42 14.31
CA ALA D 20 34.33 -27.39 14.89
C ALA D 20 33.85 -28.82 14.66
N LYS D 21 32.56 -29.07 14.92
CA LYS D 21 32.01 -30.40 14.68
C LYS D 21 32.24 -30.81 13.23
N GLY D 22 32.26 -29.79 12.37
CA GLY D 22 32.57 -29.91 10.96
C GLY D 22 34.02 -30.31 10.78
N GLY D 23 34.90 -29.78 11.63
CA GLY D 23 36.32 -30.10 11.58
C GLY D 23 37.45 -29.07 11.57
N HIS D 24 37.18 -27.77 11.43
CA HIS D 24 38.28 -26.80 11.45
C HIS D 24 38.53 -26.31 12.88
N ASP D 25 39.62 -25.57 13.04
CA ASP D 25 39.77 -25.08 14.41
C ASP D 25 39.69 -23.57 14.42
N CYS D 26 38.90 -23.19 15.42
CA CYS D 26 38.59 -21.79 15.67
C CYS D 26 39.08 -21.33 17.04
N VAL D 27 39.59 -20.11 17.08
CA VAL D 27 40.02 -19.45 18.32
C VAL D 27 39.03 -18.32 18.64
N VAL D 28 38.54 -18.31 19.87
CA VAL D 28 37.34 -17.58 20.28
C VAL D 28 37.76 -16.29 21.00
N TYR D 29 36.89 -15.27 20.91
CA TYR D 29 37.12 -14.01 21.63
C TYR D 29 35.79 -13.37 22.02
N ASP D 30 35.87 -12.36 22.89
CA ASP D 30 34.73 -11.54 23.28
C ASP D 30 35.03 -10.32 24.15
N HIS D 31 34.15 -9.33 24.13
CA HIS D 31 34.29 -8.15 24.98
C HIS D 31 34.03 -8.61 26.38
N ASP D 32 33.03 -9.48 26.50
CA ASP D 32 32.65 -9.98 27.80
C ASP D 32 33.23 -11.36 28.07
N PRO D 33 34.22 -11.38 29.03
CA PRO D 33 34.73 -12.71 29.32
C PRO D 33 33.70 -13.47 30.10
N ASP D 34 32.71 -12.77 30.65
CA ASP D 34 31.64 -13.45 31.38
C ASP D 34 30.95 -14.40 30.41
N ALA D 35 31.15 -14.17 29.13
CA ALA D 35 30.59 -15.01 28.12
C ALA D 35 31.56 -16.15 28.13
N VAL D 36 31.97 -16.66 26.98
CA VAL D 36 32.88 -17.78 26.96
C VAL D 36 32.38 -19.00 27.72
N LYS D 37 31.08 -19.23 27.59
CA LYS D 37 30.51 -20.39 28.24
C LYS D 37 31.44 -21.45 27.66
N ALA D 38 31.76 -21.32 26.38
CA ALA D 38 32.78 -22.04 25.70
C ALA D 38 33.95 -21.28 26.37
N MET D 39 35.16 -21.83 26.37
CA MET D 39 35.42 -23.07 25.72
C MET D 39 35.50 -24.20 26.72
N ALA D 40 34.51 -25.09 26.70
CA ALA D 40 34.53 -26.24 27.58
C ALA D 40 35.75 -27.00 27.13
N GLY D 41 35.88 -27.11 25.81
CA GLY D 41 37.05 -27.70 25.25
C GLY D 41 37.85 -26.44 24.99
N GLU D 42 37.28 -25.51 24.20
CA GLU D 42 36.01 -25.69 23.51
C GLU D 42 36.41 -26.73 22.56
N ASP D 43 35.48 -27.56 22.09
CA ASP D 43 35.90 -28.61 21.18
C ASP D 43 36.61 -27.96 20.02
N ARG D 44 37.76 -28.48 19.68
CA ARG D 44 38.55 -27.90 18.63
C ARG D 44 38.54 -26.40 18.81
N THR D 45 38.18 -25.94 20.00
CA THR D 45 38.14 -24.49 20.22
C THR D 45 38.82 -24.00 21.49
N THR D 46 39.67 -23.02 21.33
CA THR D 46 40.34 -22.43 22.46
C THR D 46 40.16 -20.95 22.38
N GLY D 47 39.74 -20.36 23.47
CA GLY D 47 39.57 -18.92 23.54
C GLY D 47 40.80 -18.06 23.57
N VAL D 48 40.63 -16.84 24.05
CA VAL D 48 41.68 -15.85 24.20
C VAL D 48 41.11 -14.78 25.12
N ALA D 49 41.94 -13.92 25.66
CA ALA D 49 41.44 -12.86 26.53
C ALA D 49 41.64 -11.48 25.98
N SER D 50 42.18 -11.39 24.78
CA SER D 50 42.41 -10.09 24.18
C SER D 50 42.37 -10.16 22.68
N LEU D 51 42.05 -9.04 22.07
CA LEU D 51 42.06 -8.96 20.64
C LEU D 51 43.48 -9.19 20.22
N ARG D 52 44.39 -8.62 21.01
CA ARG D 52 45.81 -8.72 20.76
C ARG D 52 46.28 -10.14 20.83
N GLU D 53 45.80 -10.87 21.82
CA GLU D 53 46.24 -12.25 21.96
C GLU D 53 45.89 -13.08 20.76
N LEU D 54 44.67 -12.93 20.28
CA LEU D 54 44.21 -13.67 19.12
C LEU D 54 44.91 -13.28 17.84
N SER D 55 45.19 -12.00 17.69
CA SER D 55 45.80 -11.51 16.48
C SER D 55 47.11 -12.22 16.28
N GLN D 56 47.93 -12.35 17.32
CA GLN D 56 49.17 -13.08 17.13
C GLN D 56 48.84 -14.50 17.44
N ARG D 57 48.09 -15.10 16.52
CA ARG D 57 47.70 -16.47 16.68
C ARG D 57 47.27 -17.15 15.39
N LEU D 58 47.26 -18.46 15.41
CA LEU D 58 46.82 -19.29 14.30
C LEU D 58 47.38 -19.01 12.93
N SER D 59 48.66 -18.72 12.89
CA SER D 59 49.37 -18.49 11.64
C SER D 59 49.20 -17.11 11.09
N ALA D 60 49.91 -16.80 10.01
CA ALA D 60 49.83 -15.51 9.36
C ALA D 60 48.80 -15.49 8.24
N PRO D 61 48.26 -16.72 7.90
CA PRO D 61 47.22 -16.63 6.87
C PRO D 61 46.02 -16.21 7.68
N ARG D 62 45.97 -14.93 7.98
CA ARG D 62 44.93 -14.36 8.82
C ARG D 62 43.53 -14.26 8.21
N VAL D 63 42.59 -14.85 8.91
CA VAL D 63 41.17 -14.88 8.58
C VAL D 63 40.40 -14.87 9.88
N VAL D 64 39.61 -13.84 10.13
CA VAL D 64 38.83 -13.79 11.37
C VAL D 64 37.39 -13.42 11.07
N TRP D 65 36.44 -13.95 11.83
CA TRP D 65 35.06 -13.74 11.48
C TRP D 65 34.36 -12.99 12.60
N VAL D 66 33.79 -11.84 12.28
CA VAL D 66 33.11 -10.97 13.25
C VAL D 66 31.60 -11.14 13.14
N MET D 67 30.94 -11.47 14.26
CA MET D 67 29.48 -11.38 14.32
C MET D 67 29.08 -10.76 15.66
N VAL D 68 29.42 -9.48 15.80
CA VAL D 68 29.00 -8.63 16.91
C VAL D 68 27.97 -7.62 16.38
N PRO D 69 26.97 -7.25 17.18
CA PRO D 69 25.92 -6.32 16.71
C PRO D 69 26.42 -5.15 15.88
N ALA D 70 25.68 -4.85 14.80
CA ALA D 70 26.09 -3.84 13.85
C ALA D 70 26.08 -2.46 14.49
N GLY D 71 26.45 -1.45 13.71
CA GLY D 71 26.57 -0.13 14.26
C GLY D 71 28.02 0.30 14.43
N ASN D 72 28.28 1.16 15.41
CA ASN D 72 29.65 1.65 15.63
C ASN D 72 30.50 0.65 16.39
N ILE D 73 29.87 -0.31 17.07
CA ILE D 73 30.62 -1.36 17.75
C ILE D 73 31.32 -2.24 16.74
N THR D 74 30.67 -2.49 15.61
CA THR D 74 31.33 -3.14 14.50
C THR D 74 32.56 -2.30 14.09
N THR D 75 32.34 -1.08 13.58
CA THR D 75 33.42 -0.27 13.00
C THR D 75 34.67 -0.20 13.90
N ALA D 76 34.47 -0.05 15.22
CA ALA D 76 35.62 -0.02 16.13
C ALA D 76 36.42 -1.31 16.05
N VAL D 77 35.74 -2.45 15.97
CA VAL D 77 36.43 -3.75 15.82
C VAL D 77 37.30 -3.75 14.58
N ILE D 78 36.80 -3.24 13.45
CA ILE D 78 37.55 -3.33 12.20
C ILE D 78 38.76 -2.39 12.21
N GLU D 79 38.58 -1.16 12.72
CA GLU D 79 39.74 -0.29 12.91
C GLU D 79 40.78 -0.83 13.88
N GLU D 80 40.34 -1.42 14.99
CA GLU D 80 41.25 -2.18 15.83
C GLU D 80 41.82 -3.35 15.04
N LEU D 81 40.95 -4.18 14.46
CA LEU D 81 41.48 -5.34 13.75
C LEU D 81 42.40 -4.92 12.59
N ALA D 82 42.42 -3.65 12.18
CA ALA D 82 43.34 -3.22 11.14
C ALA D 82 44.77 -3.18 11.63
N ASN D 83 45.00 -2.55 12.79
CA ASN D 83 46.33 -2.49 13.40
C ASN D 83 46.82 -3.84 13.90
N THR D 84 45.92 -4.75 14.28
CA THR D 84 46.24 -6.00 14.95
C THR D 84 46.38 -7.22 14.03
N LEU D 85 45.76 -7.18 12.85
CA LEU D 85 46.07 -8.17 11.83
C LEU D 85 47.24 -7.67 11.01
N GLU D 86 48.04 -8.59 10.49
CA GLU D 86 49.03 -8.17 9.52
C GLU D 86 48.46 -8.39 8.11
N ALA D 87 49.15 -7.84 7.10
CA ALA D 87 48.65 -7.88 5.74
C ALA D 87 48.56 -9.32 5.22
N GLY D 88 47.69 -9.51 4.22
CA GLY D 88 47.29 -10.82 3.74
C GLY D 88 46.20 -11.49 4.55
N ASP D 89 45.81 -10.95 5.70
CA ASP D 89 44.77 -11.67 6.42
C ASP D 89 43.47 -10.98 6.17
N ILE D 90 42.43 -11.76 5.94
CA ILE D 90 41.16 -11.12 5.61
C ILE D 90 40.13 -11.49 6.68
N VAL D 91 39.34 -10.44 6.92
CA VAL D 91 38.33 -10.48 7.97
C VAL D 91 36.95 -10.69 7.33
N ILE D 92 36.22 -11.67 7.84
CA ILE D 92 34.86 -11.94 7.40
C ILE D 92 33.91 -11.21 8.34
N ASP D 93 32.93 -10.50 7.79
CA ASP D 93 31.91 -9.84 8.59
C ASP D 93 30.53 -10.44 8.31
N GLY D 94 29.99 -11.08 9.32
CA GLY D 94 28.72 -11.76 9.26
C GLY D 94 27.65 -11.05 10.01
N GLY D 95 27.93 -9.82 10.39
CA GLY D 95 26.97 -9.04 11.11
C GLY D 95 25.98 -8.40 10.17
N ASN D 96 24.90 -7.88 10.73
CA ASN D 96 23.89 -7.21 9.94
C ASN D 96 24.36 -5.81 9.72
N THR D 97 25.35 -5.69 8.85
CA THR D 97 25.95 -4.42 8.55
C THR D 97 25.39 -3.83 7.27
N TYR D 98 25.12 -2.53 7.26
CA TYR D 98 24.59 -1.89 6.08
C TYR D 98 25.66 -2.08 5.04
N TYR D 99 25.29 -2.59 3.90
CA TYR D 99 26.28 -2.90 2.88
C TYR D 99 27.17 -1.71 2.55
N ARG D 100 26.72 -0.49 2.83
CA ARG D 100 27.57 0.67 2.64
C ARG D 100 28.64 0.76 3.73
N ASP D 101 28.34 0.33 4.96
CA ASP D 101 29.36 0.30 6.00
C ASP D 101 30.55 -0.53 5.59
N ASP D 102 30.33 -1.56 4.77
CA ASP D 102 31.42 -2.42 4.32
C ASP D 102 32.39 -1.68 3.42
N LEU D 103 31.89 -0.72 2.64
CA LEU D 103 32.85 -0.12 1.72
C LEU D 103 33.95 0.69 2.39
N ARG D 104 33.68 1.49 3.43
CA ARG D 104 34.76 2.11 4.19
C ARG D 104 35.64 1.05 4.84
N HIS D 105 35.05 -0.01 5.39
CA HIS D 105 35.82 -1.01 6.11
C HIS D 105 36.79 -1.69 5.14
N GLU D 106 36.30 -2.18 3.99
CA GLU D 106 37.19 -2.86 3.06
C GLU D 106 38.26 -1.93 2.51
N LYS D 107 37.97 -0.62 2.44
CA LYS D 107 39.00 0.36 2.13
C LYS D 107 39.97 0.51 3.29
N LEU D 108 39.44 0.72 4.49
CA LEU D 108 40.20 0.77 5.74
C LEU D 108 41.22 -0.35 5.87
N LEU D 109 40.85 -1.54 5.39
CA LEU D 109 41.64 -2.74 5.63
C LEU D 109 42.71 -2.96 4.56
N PHE D 110 42.42 -2.70 3.28
CA PHE D 110 43.48 -2.86 2.29
C PHE D 110 44.51 -1.72 2.34
N LYS D 111 44.23 -0.64 3.08
CA LYS D 111 45.27 0.31 3.44
C LYS D 111 46.43 -0.40 4.12
N LYS D 112 46.13 -1.29 5.07
CA LYS D 112 47.16 -2.08 5.75
C LYS D 112 47.23 -3.51 5.24
N GLY D 113 46.69 -3.77 4.05
CA GLY D 113 46.78 -5.08 3.42
C GLY D 113 45.86 -6.18 3.92
N ILE D 114 44.95 -5.86 4.84
CA ILE D 114 43.90 -6.76 5.30
C ILE D 114 42.75 -6.73 4.29
N HIS D 115 42.12 -7.87 4.06
CA HIS D 115 40.92 -7.95 3.25
C HIS D 115 39.66 -8.09 4.08
N LEU D 116 38.53 -7.80 3.46
CA LEU D 116 37.25 -8.03 4.10
C LEU D 116 36.37 -8.85 3.16
N LEU D 117 35.50 -9.66 3.76
CA LEU D 117 34.45 -10.35 3.04
C LEU D 117 33.13 -10.12 3.76
N ASP D 118 32.20 -9.42 3.10
CA ASP D 118 30.86 -9.29 3.66
C ASP D 118 30.17 -10.64 3.66
N CYS D 119 29.45 -10.94 4.73
CA CYS D 119 28.72 -12.19 4.83
C CYS D 119 27.29 -11.93 5.27
N GLY D 120 26.34 -12.42 4.48
CA GLY D 120 24.95 -12.38 4.86
C GLY D 120 24.53 -13.71 5.46
N THR D 121 24.34 -13.73 6.76
CA THR D 121 24.20 -14.95 7.52
C THR D 121 22.77 -15.11 7.97
N SER D 122 22.13 -16.18 7.53
CA SER D 122 20.74 -16.42 7.85
C SER D 122 20.50 -17.80 8.34
N GLY D 123 19.37 -18.01 8.98
CA GLY D 123 18.98 -19.31 9.51
C GLY D 123 18.70 -19.31 10.99
N GLY D 124 19.29 -18.41 11.73
CA GLY D 124 19.02 -18.29 13.15
C GLY D 124 19.14 -19.42 14.14
N VAL D 125 18.13 -19.58 14.98
CA VAL D 125 18.19 -20.60 16.02
C VAL D 125 18.02 -22.01 15.49
N TRP D 126 17.83 -22.17 14.18
CA TRP D 126 17.88 -23.47 13.55
C TRP D 126 19.20 -23.72 12.83
N GLY D 127 20.06 -22.69 12.75
CA GLY D 127 21.24 -22.79 11.92
C GLY D 127 22.18 -23.90 12.32
N ARG D 128 22.30 -24.19 13.62
CA ARG D 128 23.25 -25.21 14.07
C ARG D 128 23.06 -26.53 13.34
N GLU D 129 21.89 -27.14 13.49
CA GLU D 129 21.58 -28.42 12.87
C GLU D 129 21.10 -28.30 11.43
N ARG D 130 20.71 -27.10 11.00
CA ARG D 130 20.13 -26.91 9.68
C ARG D 130 21.07 -26.15 8.75
N GLY D 131 22.10 -25.50 9.27
CA GLY D 131 23.01 -24.73 8.44
C GLY D 131 22.53 -23.29 8.21
N TYR D 132 23.48 -22.43 7.90
CA TYR D 132 23.20 -21.00 7.75
C TYR D 132 23.45 -20.60 6.31
N CYS D 133 22.42 -20.13 5.64
CA CYS D 133 22.61 -19.64 4.27
C CYS D 133 23.50 -18.41 4.30
N LEU D 134 24.56 -18.42 3.50
CA LEU D 134 25.50 -17.31 3.48
C LEU D 134 25.61 -16.71 2.09
N MET D 135 25.63 -15.38 2.06
CA MET D 135 25.86 -14.60 0.86
C MET D 135 27.09 -13.76 1.12
N ILE D 136 28.13 -13.92 0.30
CA ILE D 136 29.45 -13.39 0.63
C ILE D 136 29.91 -12.46 -0.48
N GLY D 137 30.39 -11.27 -0.10
CA GLY D 137 30.93 -10.31 -1.05
C GLY D 137 32.40 -10.01 -0.78
N GLY D 138 33.19 -9.89 -1.84
CA GLY D 138 34.58 -9.47 -1.69
C GLY D 138 35.46 -9.97 -2.82
N ASP D 139 36.75 -10.17 -2.50
CA ASP D 139 37.76 -10.57 -3.47
C ASP D 139 37.58 -12.04 -3.86
N GLY D 140 37.90 -12.34 -5.12
CA GLY D 140 37.69 -13.69 -5.65
C GLY D 140 38.65 -14.73 -5.12
N ASP D 141 39.87 -14.32 -4.74
CA ASP D 141 40.85 -15.23 -4.14
C ASP D 141 40.72 -15.30 -2.63
N ALA D 142 40.53 -14.15 -1.97
CA ALA D 142 40.22 -14.14 -0.55
C ALA D 142 39.01 -15.01 -0.25
N PHE D 143 37.97 -14.92 -1.08
CA PHE D 143 36.84 -15.82 -0.93
C PHE D 143 37.26 -17.27 -1.08
N ALA D 144 38.06 -17.57 -2.12
CA ALA D 144 38.42 -18.96 -2.42
C ALA D 144 39.19 -19.59 -1.27
N ARG D 145 40.05 -18.82 -0.60
CA ARG D 145 40.79 -19.35 0.54
C ARG D 145 39.87 -19.65 1.72
N ALA D 146 38.79 -18.89 1.84
CA ALA D 146 37.87 -19.07 2.96
C ALA D 146 36.73 -20.03 2.65
N GLU D 147 36.51 -20.34 1.36
CA GLU D 147 35.42 -21.22 0.96
C GLU D 147 35.38 -22.51 1.79
N PRO D 148 36.48 -23.09 2.30
CA PRO D 148 36.33 -24.19 3.27
C PRO D 148 35.43 -23.86 4.44
N ILE D 149 35.59 -22.66 5.01
CA ILE D 149 34.75 -22.26 6.14
C ILE D 149 33.28 -22.28 5.75
N PHE D 150 32.97 -21.75 4.57
CA PHE D 150 31.58 -21.49 4.22
C PHE D 150 30.80 -22.79 4.00
N ALA D 151 31.43 -23.83 3.42
CA ALA D 151 30.66 -25.03 3.09
C ALA D 151 30.31 -25.84 4.33
N THR D 152 31.15 -25.80 5.36
CA THR D 152 30.77 -26.45 6.61
C THR D 152 29.80 -25.60 7.38
N VAL D 153 29.81 -24.28 7.16
CA VAL D 153 28.84 -23.37 7.79
C VAL D 153 27.47 -23.49 7.14
N ALA D 154 27.42 -23.66 5.82
CA ALA D 154 26.18 -23.73 5.07
C ALA D 154 25.49 -25.07 5.34
N PRO D 155 24.23 -25.24 4.89
CA PRO D 155 23.50 -26.48 5.21
C PRO D 155 23.93 -27.70 4.41
N GLY D 156 24.54 -27.52 3.25
CA GLY D 156 24.87 -28.66 2.41
C GLY D 156 23.76 -29.02 1.44
N VAL D 157 24.15 -29.41 0.22
CA VAL D 157 23.18 -29.66 -0.85
C VAL D 157 22.11 -30.65 -0.43
N ALA D 158 22.47 -31.59 0.45
CA ALA D 158 21.51 -32.59 0.91
C ALA D 158 20.26 -31.99 1.55
N ALA D 159 20.31 -30.73 2.00
CA ALA D 159 19.20 -30.15 2.73
C ALA D 159 17.91 -30.09 1.90
N ALA D 160 17.99 -30.11 0.58
CA ALA D 160 16.82 -30.02 -0.28
C ALA D 160 17.12 -30.67 -1.61
N PRO D 161 16.11 -31.23 -2.28
CA PRO D 161 16.34 -31.83 -3.60
C PRO D 161 16.95 -30.82 -4.57
N ARG D 162 17.83 -31.33 -5.42
CA ARG D 162 18.44 -30.54 -6.47
C ARG D 162 17.37 -29.90 -7.35
N THR D 163 17.70 -28.74 -7.92
CA THR D 163 16.73 -28.03 -8.74
C THR D 163 16.50 -28.80 -10.04
N PRO D 164 15.26 -29.22 -10.35
CA PRO D 164 14.99 -29.92 -11.61
C PRO D 164 15.50 -29.18 -12.83
N GLY D 165 16.40 -29.79 -13.59
CA GLY D 165 17.03 -29.14 -14.71
C GLY D 165 18.45 -28.72 -14.43
N ARG D 166 18.89 -28.87 -13.19
CA ARG D 166 20.29 -28.70 -12.82
C ARG D 166 20.96 -30.06 -12.92
N ASP D 167 21.61 -30.30 -14.03
CA ASP D 167 22.36 -31.52 -14.22
C ASP D 167 23.85 -31.21 -14.23
N GLY D 168 24.63 -32.20 -13.86
CA GLY D 168 26.06 -32.02 -13.74
C GLY D 168 26.49 -31.95 -12.29
N GLU D 169 27.53 -31.18 -12.03
CA GLU D 169 28.17 -31.14 -10.73
C GLU D 169 27.55 -30.07 -9.83
N VAL D 170 27.78 -30.23 -8.52
CA VAL D 170 27.25 -29.33 -7.50
C VAL D 170 27.89 -27.95 -7.65
N ALA D 171 27.04 -26.91 -7.68
CA ALA D 171 27.54 -25.55 -7.58
C ALA D 171 27.38 -25.05 -6.15
N PRO D 172 28.21 -24.08 -5.71
CA PRO D 172 28.07 -23.55 -4.34
C PRO D 172 26.68 -23.09 -3.94
N SER D 173 25.91 -22.48 -4.86
CA SER D 173 24.55 -22.08 -4.48
C SER D 173 23.72 -23.25 -4.00
N GLU D 174 23.89 -24.42 -4.60
CA GLU D 174 23.10 -25.55 -4.13
C GLU D 174 23.54 -25.95 -2.75
N GLN D 175 24.74 -25.52 -2.41
CA GLN D 175 25.37 -25.79 -1.16
C GLN D 175 24.66 -25.01 -0.10
N GLY D 176 24.55 -23.73 -0.35
CA GLY D 176 23.92 -22.85 0.58
C GLY D 176 24.78 -21.66 0.74
N TYR D 177 25.68 -21.41 -0.20
CA TYR D 177 26.54 -20.27 -0.08
C TYR D 177 26.92 -19.79 -1.44
N LEU D 178 27.27 -18.53 -1.54
CA LEU D 178 27.69 -17.97 -2.82
C LEU D 178 28.37 -16.60 -2.67
N HIS D 179 29.46 -16.49 -3.42
CA HIS D 179 30.20 -15.23 -3.58
C HIS D 179 29.37 -14.30 -4.44
N CYS D 180 28.63 -13.38 -3.81
CA CYS D 180 27.64 -12.62 -4.57
C CYS D 180 28.25 -11.59 -5.50
N GLY D 181 29.52 -11.26 -5.33
CA GLY D 181 30.13 -10.24 -6.13
C GLY D 181 31.05 -9.42 -5.27
N PRO D 182 31.36 -8.21 -5.70
CA PRO D 182 32.36 -7.41 -4.99
C PRO D 182 31.93 -6.97 -3.61
N CYS D 183 32.61 -5.94 -3.12
CA CYS D 183 32.42 -5.46 -1.75
C CYS D 183 31.02 -4.93 -1.54
N GLY D 184 30.43 -5.29 -0.40
CA GLY D 184 29.07 -4.90 -0.06
C GLY D 184 27.99 -5.81 -0.62
N SER D 185 28.28 -6.56 -1.68
CA SER D 185 27.26 -7.33 -2.36
C SER D 185 26.70 -8.45 -1.48
N GLY D 186 27.54 -9.01 -0.63
CA GLY D 186 27.08 -10.09 0.23
C GLY D 186 25.97 -9.60 1.14
N HIS D 187 26.18 -8.45 1.78
CA HIS D 187 25.16 -7.90 2.68
C HIS D 187 23.94 -7.41 1.92
N PHE D 188 24.14 -6.91 0.70
CA PHE D 188 23.03 -6.44 -0.11
C PHE D 188 22.00 -7.55 -0.35
N VAL D 189 22.45 -8.78 -0.55
CA VAL D 189 21.51 -9.85 -0.89
C VAL D 189 20.72 -10.30 0.33
N LYS D 190 21.37 -10.39 1.49
CA LYS D 190 20.70 -10.76 2.74
C LYS D 190 19.68 -9.70 3.15
N MET D 191 20.00 -8.43 2.87
CA MET D 191 19.06 -7.33 3.03
C MET D 191 17.76 -7.61 2.27
N VAL D 192 17.86 -7.86 0.96
CA VAL D 192 16.69 -8.15 0.14
C VAL D 192 16.02 -9.44 0.59
N HIS D 193 16.81 -10.46 0.94
CA HIS D 193 16.20 -11.65 1.53
C HIS D 193 15.32 -11.25 2.71
N ASN D 194 15.81 -10.36 3.55
CA ASN D 194 15.01 -9.96 4.70
C ASN D 194 13.77 -9.20 4.26
N GLY D 195 13.89 -8.36 3.21
CA GLY D 195 12.71 -7.73 2.62
C GLY D 195 11.65 -8.76 2.23
N ILE D 196 12.06 -9.76 1.43
CA ILE D 196 11.12 -10.77 0.94
C ILE D 196 10.49 -11.52 2.11
N GLU D 197 11.30 -11.85 3.12
CA GLU D 197 10.79 -12.50 4.32
C GLU D 197 9.66 -11.69 4.96
N TYR D 198 9.89 -10.40 5.25
CA TYR D 198 8.81 -9.59 5.82
C TYR D 198 7.53 -9.76 5.03
N GLY D 199 7.66 -9.70 3.69
CA GLY D 199 6.48 -9.80 2.84
C GLY D 199 5.83 -11.16 2.87
N MET D 200 6.64 -12.22 2.83
CA MET D 200 6.10 -13.56 2.95
C MET D 200 5.35 -13.77 4.28
N MET D 201 5.92 -13.30 5.40
CA MET D 201 5.08 -13.61 6.56
C MET D 201 3.92 -12.63 6.68
N ALA D 202 4.01 -11.34 6.34
CA ALA D 202 2.84 -10.47 6.34
C ALA D 202 1.71 -11.08 5.54
N SER D 203 2.06 -11.71 4.40
CA SER D 203 1.04 -12.31 3.56
C SER D 203 0.27 -13.37 4.34
N LEU D 204 1.00 -14.38 4.81
CA LEU D 204 0.37 -15.39 5.64
C LEU D 204 -0.35 -14.73 6.83
N ALA D 205 0.35 -13.83 7.54
CA ALA D 205 -0.24 -13.20 8.72
C ALA D 205 -1.57 -12.54 8.37
N GLU D 206 -1.61 -11.82 7.25
CA GLU D 206 -2.83 -11.11 6.88
C GLU D 206 -3.95 -12.10 6.61
N GLY D 207 -3.66 -13.14 5.83
CA GLY D 207 -4.66 -14.16 5.56
C GLY D 207 -5.20 -14.79 6.82
N LEU D 208 -4.31 -15.14 7.75
CA LEU D 208 -4.78 -15.70 9.02
C LEU D 208 -5.68 -14.70 9.73
N ASN D 209 -5.31 -13.42 9.72
CA ASN D 209 -6.17 -12.42 10.35
C ASN D 209 -7.54 -12.41 9.69
N ILE D 210 -7.56 -12.38 8.34
CA ILE D 210 -8.82 -12.47 7.60
C ILE D 210 -9.67 -13.60 8.12
N LEU D 211 -9.10 -14.82 8.16
CA LEU D 211 -9.83 -15.99 8.65
C LEU D 211 -10.30 -15.78 10.09
N ARG D 212 -9.37 -15.38 10.98
CA ARG D 212 -9.66 -15.12 12.39
C ARG D 212 -10.92 -14.30 12.59
N ASN D 213 -11.20 -13.40 11.65
CA ASN D 213 -12.32 -12.48 11.78
C ASN D 213 -13.42 -12.74 10.75
N ALA D 214 -13.44 -13.95 10.19
CA ALA D 214 -14.52 -14.29 9.28
C ALA D 214 -15.85 -14.40 9.97
N ASP D 215 -15.89 -14.24 11.30
CA ASP D 215 -17.13 -14.30 12.07
C ASP D 215 -17.60 -12.92 12.53
N VAL D 216 -17.35 -11.87 11.75
CA VAL D 216 -17.84 -10.54 12.15
C VAL D 216 -19.35 -10.45 12.06
N GLY D 217 -20.00 -11.33 11.30
CA GLY D 217 -21.45 -11.34 11.27
C GLY D 217 -22.08 -11.89 12.53
N THR D 218 -21.34 -12.69 13.30
CA THR D 218 -21.78 -13.08 14.63
C THR D 218 -21.49 -12.03 15.72
N ARG D 219 -20.26 -11.53 15.80
CA ARG D 219 -19.87 -10.50 16.78
C ARG D 219 -20.47 -9.16 16.34
N VAL D 220 -21.64 -8.83 16.89
CA VAL D 220 -22.40 -7.67 16.42
C VAL D 220 -23.47 -7.40 17.49
N THR D 227 -16.34 2.50 12.55
CA THR D 227 -16.83 1.21 12.05
C THR D 227 -18.10 1.36 11.22
N ALA D 228 -18.14 0.62 10.11
CA ALA D 228 -19.28 0.62 9.19
C ALA D 228 -20.38 -0.33 9.65
N PRO D 229 -21.64 -0.14 9.16
CA PRO D 229 -22.69 -1.13 9.40
C PRO D 229 -22.58 -2.25 8.38
N LEU D 230 -22.28 -3.45 8.84
CA LEU D 230 -21.90 -4.54 7.95
C LEU D 230 -23.08 -5.02 7.12
N PRO D 231 -23.03 -4.92 5.80
CA PRO D 231 -24.01 -5.61 4.96
C PRO D 231 -23.67 -7.09 4.84
N ASN D 232 -24.71 -7.89 4.64
CA ASN D 232 -24.59 -9.33 4.53
C ASN D 232 -23.87 -9.96 5.73
N PRO D 233 -24.39 -9.79 6.95
CA PRO D 233 -23.77 -10.48 8.10
C PRO D 233 -23.83 -12.01 8.02
N GLU D 234 -24.76 -12.57 7.24
CA GLU D 234 -24.83 -14.01 7.03
C GLU D 234 -23.59 -14.54 6.30
N CYS D 235 -23.01 -13.68 5.49
CA CYS D 235 -21.84 -14.03 4.74
C CYS D 235 -20.61 -14.09 5.61
N TYR D 236 -20.69 -13.64 6.84
CA TYR D 236 -19.53 -13.69 7.71
C TYR D 236 -19.81 -14.31 9.07
N GLN D 237 -20.09 -15.60 9.10
CA GLN D 237 -20.35 -16.26 10.36
C GLN D 237 -19.60 -17.56 10.40
N TYR D 238 -18.29 -17.47 10.37
CA TYR D 238 -17.48 -18.66 10.40
C TYR D 238 -16.43 -18.64 11.46
N ASP D 239 -16.38 -19.68 12.26
CA ASP D 239 -15.31 -19.84 13.25
C ASP D 239 -14.35 -20.90 12.70
N PHE D 240 -13.13 -20.48 12.36
CA PHE D 240 -12.16 -21.36 11.73
C PHE D 240 -11.15 -21.90 12.72
N ASP D 241 -10.85 -23.19 12.61
CA ASP D 241 -9.77 -23.80 13.38
C ASP D 241 -8.43 -23.40 12.76
N ILE D 242 -7.97 -22.19 13.12
CA ILE D 242 -6.76 -21.59 12.55
C ILE D 242 -5.55 -22.52 12.64
N PRO D 243 -5.34 -23.27 13.73
CA PRO D 243 -4.18 -24.20 13.75
C PRO D 243 -4.28 -25.38 12.77
N GLU D 244 -5.49 -25.76 12.33
CA GLU D 244 -5.68 -26.84 11.37
C GLU D 244 -5.62 -26.35 9.92
N VAL D 245 -6.32 -25.23 9.63
CA VAL D 245 -6.14 -24.53 8.36
C VAL D 245 -4.65 -24.34 8.09
N ALA D 246 -3.90 -23.84 9.07
CA ALA D 246 -2.46 -23.76 8.92
C ALA D 246 -1.88 -25.09 8.46
N GLU D 247 -2.19 -26.16 9.22
CA GLU D 247 -1.61 -27.47 8.94
C GLU D 247 -1.96 -27.96 7.55
N VAL D 248 -3.25 -27.91 7.19
CA VAL D 248 -3.69 -28.55 5.95
C VAL D 248 -3.03 -27.91 4.75
N TRP D 249 -2.67 -26.64 4.87
CA TRP D 249 -1.99 -25.99 3.75
C TRP D 249 -0.58 -26.54 3.54
N ARG D 250 -0.01 -27.26 4.51
CA ARG D 250 1.39 -27.70 4.43
C ARG D 250 1.60 -28.78 3.39
N ARG D 251 0.52 -29.41 2.93
CA ARG D 251 0.57 -30.49 1.96
C ARG D 251 -0.36 -30.17 0.79
N GLY D 252 0.15 -30.28 -0.43
CA GLY D 252 -0.72 -30.29 -1.58
C GLY D 252 -1.11 -28.95 -2.17
N SER D 253 -0.66 -27.85 -1.58
CA SER D 253 -1.06 -26.51 -2.01
C SER D 253 0.15 -25.68 -2.42
N VAL D 254 -0.09 -24.40 -2.72
CA VAL D 254 0.95 -23.54 -3.27
C VAL D 254 1.73 -22.77 -2.21
N ILE D 255 1.13 -22.47 -1.06
CA ILE D 255 1.81 -21.60 -0.11
C ILE D 255 2.70 -22.42 0.83
N GLY D 256 2.99 -23.66 0.46
CA GLY D 256 3.95 -24.45 1.22
C GLY D 256 5.25 -23.68 1.36
N SER D 257 5.83 -23.72 2.56
CA SER D 257 6.95 -22.85 2.88
C SER D 257 7.39 -23.17 4.29
N TRP D 258 8.65 -22.84 4.61
CA TRP D 258 9.12 -23.04 5.98
C TRP D 258 8.39 -22.10 6.95
N LEU D 259 8.06 -20.88 6.51
CA LEU D 259 7.38 -19.98 7.42
C LEU D 259 6.01 -20.53 7.81
N LEU D 260 5.38 -21.31 6.94
CA LEU D 260 4.10 -21.90 7.30
C LEU D 260 4.27 -22.99 8.35
N ASP D 261 5.24 -23.90 8.14
CA ASP D 261 5.48 -24.96 9.12
C ASP D 261 5.73 -24.38 10.52
N LEU D 262 6.54 -23.31 10.59
CA LEU D 262 6.75 -22.68 11.90
C LEU D 262 5.48 -22.01 12.39
N THR D 263 4.66 -21.48 11.48
CA THR D 263 3.38 -20.92 11.89
C THR D 263 2.43 -22.03 12.33
N ALA D 264 2.53 -23.21 11.71
CA ALA D 264 1.71 -24.34 12.13
C ALA D 264 2.16 -24.88 13.48
N ILE D 265 3.47 -24.83 13.77
CA ILE D 265 3.99 -25.19 15.08
C ILE D 265 3.41 -24.26 16.14
N ALA D 266 3.69 -22.95 15.99
CA ALA D 266 3.31 -21.99 17.01
C ALA D 266 1.82 -22.07 17.33
N LEU D 267 1.00 -22.29 16.31
CA LEU D 267 -0.44 -22.38 16.54
C LEU D 267 -0.83 -23.67 17.23
N ARG D 268 -0.03 -24.73 17.07
CA ARG D 268 -0.29 -25.98 17.79
C ARG D 268 0.06 -25.85 19.27
N GLU D 269 1.20 -25.20 19.57
CA GLU D 269 1.53 -24.83 20.95
C GLU D 269 0.48 -23.86 21.51
N SER D 270 0.30 -22.71 20.84
CA SER D 270 -0.52 -21.57 21.28
C SER D 270 -1.62 -21.26 20.27
N PRO D 271 -2.80 -21.77 20.49
CA PRO D 271 -3.89 -21.57 19.57
C PRO D 271 -4.26 -20.13 19.33
N ASP D 272 -4.15 -19.25 20.31
CA ASP D 272 -4.49 -17.88 20.08
C ASP D 272 -3.30 -16.95 20.10
N LEU D 273 -2.12 -17.52 20.14
CA LEU D 273 -0.91 -16.73 20.14
C LEU D 273 -0.87 -15.65 21.21
N ALA D 274 -1.35 -15.96 22.40
CA ALA D 274 -1.37 -15.00 23.48
C ALA D 274 -0.05 -14.51 24.01
N GLU D 275 0.95 -15.34 24.00
CA GLU D 275 2.23 -14.96 24.61
C GLU D 275 2.97 -13.88 23.81
N PHE D 276 2.49 -13.52 22.61
CA PHE D 276 3.05 -12.42 21.83
C PHE D 276 2.14 -11.20 21.93
N SER D 277 2.75 -10.04 22.09
CA SER D 277 2.06 -8.78 22.38
C SER D 277 1.54 -8.09 21.12
N GLY D 278 2.33 -8.08 20.06
CA GLY D 278 1.90 -7.44 18.85
C GLY D 278 2.93 -6.44 18.41
N ARG D 279 3.93 -6.19 19.26
CA ARG D 279 4.91 -5.15 19.01
C ARG D 279 6.07 -5.79 18.23
N VAL D 280 6.17 -5.49 16.93
CA VAL D 280 7.10 -6.17 16.03
C VAL D 280 8.24 -5.23 15.68
N SER D 281 9.45 -5.58 16.10
CA SER D 281 10.57 -4.74 15.78
C SER D 281 11.05 -5.04 14.37
N ASP D 282 12.01 -4.23 13.90
CA ASP D 282 12.59 -4.40 12.58
C ASP D 282 14.07 -4.06 12.66
N SER D 283 14.93 -5.04 12.34
CA SER D 283 16.35 -4.93 12.60
C SER D 283 17.01 -3.87 11.74
N GLY D 284 16.37 -3.46 10.66
CA GLY D 284 16.86 -2.41 9.79
C GLY D 284 17.07 -2.84 8.36
N GLU D 285 17.28 -4.12 8.10
CA GLU D 285 17.61 -4.48 6.72
C GLU D 285 16.36 -4.47 5.85
N GLY D 286 15.17 -4.68 6.43
CA GLY D 286 13.95 -4.36 5.72
C GLY D 286 13.89 -2.91 5.28
N ARG D 287 14.36 -2.00 6.12
CA ARG D 287 14.33 -0.60 5.75
C ARG D 287 15.23 -0.32 4.56
N TRP D 288 16.46 -0.86 4.58
CA TRP D 288 17.38 -0.62 3.49
C TRP D 288 16.89 -1.25 2.19
N THR D 289 16.24 -2.41 2.26
CA THR D 289 15.63 -2.97 1.05
C THR D 289 14.66 -1.98 0.43
N ALA D 290 13.76 -1.42 1.25
CA ALA D 290 12.79 -0.46 0.76
C ALA D 290 13.48 0.79 0.22
N ILE D 291 14.52 1.28 0.92
CA ILE D 291 15.23 2.45 0.42
C ILE D 291 15.94 2.12 -0.89
N ALA D 292 16.40 0.89 -1.08
CA ALA D 292 17.06 0.55 -2.33
C ALA D 292 16.06 0.49 -3.47
N ALA D 293 14.86 -0.04 -3.20
CA ALA D 293 13.80 0.02 -4.20
C ALA D 293 13.53 1.47 -4.62
N ILE D 294 13.43 2.37 -3.65
CA ILE D 294 13.13 3.76 -3.97
C ILE D 294 14.30 4.43 -4.69
N ASP D 295 15.54 4.06 -4.38
CA ASP D 295 16.59 4.68 -5.18
C ASP D 295 16.60 4.12 -6.60
N GLU D 296 16.20 2.86 -6.78
CA GLU D 296 16.26 2.23 -8.10
C GLU D 296 14.99 2.40 -8.91
N GLY D 297 13.98 3.03 -8.36
CA GLY D 297 12.75 3.20 -9.10
C GLY D 297 12.00 1.91 -9.23
N VAL D 298 12.27 0.98 -8.34
CA VAL D 298 11.57 -0.29 -8.38
C VAL D 298 10.42 -0.15 -7.47
N PRO D 299 9.18 -0.48 -8.00
CA PRO D 299 8.07 -0.32 -7.08
C PRO D 299 7.99 -1.52 -6.20
N ALA D 300 7.97 -1.31 -4.90
CA ALA D 300 7.87 -2.41 -3.99
C ALA D 300 6.85 -2.16 -2.93
N PRO D 301 5.56 -2.08 -3.41
CA PRO D 301 4.55 -1.88 -2.39
C PRO D 301 4.34 -3.05 -1.50
N VAL D 302 4.35 -4.27 -1.98
CA VAL D 302 4.12 -5.40 -1.11
C VAL D 302 5.17 -5.49 -0.04
N LEU D 303 6.42 -5.33 -0.37
CA LEU D 303 7.41 -5.37 0.71
C LEU D 303 7.42 -4.10 1.56
N THR D 304 7.23 -2.95 0.95
CA THR D 304 7.30 -1.71 1.73
C THR D 304 6.10 -1.53 2.62
N THR D 305 4.96 -2.10 2.26
CA THR D 305 3.81 -2.02 3.15
C THR D 305 3.84 -3.07 4.25
N ALA D 306 4.47 -4.22 3.99
CA ALA D 306 4.72 -5.17 5.07
C ALA D 306 5.57 -4.54 6.17
N LEU D 307 6.63 -3.84 5.76
CA LEU D 307 7.44 -3.14 6.77
C LEU D 307 6.65 -2.03 7.44
N GLN D 308 5.81 -1.30 6.69
CA GLN D 308 5.06 -0.24 7.35
C GLN D 308 4.05 -0.82 8.35
N SER D 309 3.57 -2.05 8.13
CA SER D 309 2.69 -2.68 9.12
C SER D 309 3.41 -2.92 10.44
N ARG D 310 4.67 -3.38 10.39
CA ARG D 310 5.51 -3.42 11.57
C ARG D 310 5.58 -2.05 12.25
N PHE D 311 5.93 -1.01 11.51
CA PHE D 311 6.00 0.35 12.07
C PHE D 311 4.72 0.66 12.84
N ALA D 312 3.58 0.48 12.20
CA ALA D 312 2.32 0.82 12.85
C ALA D 312 2.11 -0.04 14.09
N SER D 313 2.70 -1.25 14.13
CA SER D 313 2.45 -2.15 15.26
C SER D 313 3.17 -1.69 16.51
N ARG D 314 4.15 -0.80 16.36
CA ARG D 314 4.89 -0.16 17.42
C ARG D 314 4.31 1.21 17.74
N ASP D 315 3.11 1.50 17.24
CA ASP D 315 2.40 2.75 17.47
C ASP D 315 3.09 3.95 16.85
N LEU D 316 3.88 3.75 15.79
CA LEU D 316 4.54 4.88 15.15
C LEU D 316 3.64 5.61 14.16
N ASP D 317 2.45 5.10 13.88
CA ASP D 317 1.39 5.86 13.23
C ASP D 317 0.79 6.94 14.14
N ASP D 318 1.25 7.02 15.38
CA ASP D 318 0.51 7.75 16.41
C ASP D 318 0.16 9.18 16.00
N PHE D 319 1.13 9.98 15.55
CA PHE D 319 0.83 11.39 15.34
C PHE D 319 -0.12 11.56 14.17
N ALA D 320 0.02 10.72 13.13
CA ALA D 320 -0.90 10.76 12.00
C ALA D 320 -2.33 10.46 12.44
N ASN D 321 -2.49 9.52 13.38
CA ASN D 321 -3.82 9.21 13.90
C ASN D 321 -4.39 10.39 14.69
N LYS D 322 -3.62 10.93 15.65
CA LYS D 322 -4.03 12.17 16.30
C LYS D 322 -4.40 13.23 15.26
N ALA D 323 -3.70 13.24 14.13
CA ALA D 323 -4.00 14.24 13.12
C ALA D 323 -5.37 13.98 12.47
N LEU D 324 -5.63 12.73 12.08
CA LEU D 324 -6.93 12.41 11.50
C LEU D 324 -8.05 12.68 12.48
N SER D 325 -7.83 12.39 13.75
CA SER D 325 -8.84 12.63 14.75
C SER D 325 -9.09 14.13 14.91
N ALA D 326 -8.02 14.94 14.87
CA ALA D 326 -8.20 16.37 14.98
C ALA D 326 -8.92 16.95 13.76
N MET D 327 -8.73 16.36 12.57
CA MET D 327 -9.43 16.86 11.38
C MET D 327 -10.92 16.56 11.44
N ARG D 328 -11.28 15.32 11.79
CA ARG D 328 -12.69 14.95 11.86
C ARG D 328 -13.45 15.85 12.81
N LYS D 329 -12.86 16.19 13.96
CA LYS D 329 -13.55 17.05 14.92
C LYS D 329 -13.91 18.38 14.27
N GLN D 330 -13.13 18.83 13.29
CA GLN D 330 -13.40 20.11 12.65
C GLN D 330 -14.64 20.06 11.76
N PHE D 331 -15.09 18.88 11.32
CA PHE D 331 -16.33 18.81 10.54
C PHE D 331 -17.52 19.17 11.42
#